data_6A7K
# 
_entry.id   6A7K 
# 
_audit_conform.dict_name       mmcif_pdbx.dic 
_audit_conform.dict_version    5.380 
_audit_conform.dict_location   http://mmcif.pdb.org/dictionaries/ascii/mmcif_pdbx.dic 
# 
loop_
_database_2.database_id 
_database_2.database_code 
_database_2.pdbx_database_accession 
_database_2.pdbx_DOI 
PDB   6A7K         pdb_00006a7k 10.2210/pdb6a7k/pdb 
WWPDB D_1300008174 ?            ?                   
# 
_pdbx_database_status.status_code                     REL 
_pdbx_database_status.status_code_sf                  REL 
_pdbx_database_status.status_code_mr                  ? 
_pdbx_database_status.entry_id                        6A7K 
_pdbx_database_status.recvd_initial_deposition_date   2018-07-03 
_pdbx_database_status.SG_entry                        N 
_pdbx_database_status.deposit_site                    PDBJ 
_pdbx_database_status.process_site                    PDBJ 
_pdbx_database_status.status_code_cs                  ? 
_pdbx_database_status.methods_development_category    ? 
_pdbx_database_status.pdb_format_compatible           Y 
_pdbx_database_status.status_code_nmr_data            ? 
# 
loop_
_audit_author.name 
_audit_author.pdbx_ordinal 
_audit_author.identifier_ORCID 
'Umeno, K.'  1 ? 
'Misumi, Y.' 2 ? 
'Tanaka, H.' 3 ? 
'Kurisu, G.' 4 ? 
# 
_citation.abstract                  ? 
_citation.abstract_id_CAS           ? 
_citation.book_id_ISBN              ? 
_citation.book_publisher            ? 
_citation.book_publisher_city       ? 
_citation.book_title                ? 
_citation.coordinate_linkage        ? 
_citation.country                   US 
_citation.database_id_Medline       ? 
_citation.details                   ? 
_citation.id                        primary 
_citation.journal_abbrev            Science 
_citation.journal_id_ASTM           SCIEAS 
_citation.journal_id_CSD            0038 
_citation.journal_id_ISSN           1095-9203 
_citation.journal_full              ? 
_citation.journal_issue             ? 
_citation.journal_volume            363 
_citation.language                  ? 
_citation.page_first                257 
_citation.page_last                 260 
_citation.title                     
'Structural adaptations of photosynthetic complex I enable ferredoxin-dependent electron transfer.' 
_citation.year                      2019 
_citation.database_id_CSD           ? 
_citation.pdbx_database_id_DOI      10.1126/science.aau3613 
_citation.pdbx_database_id_PubMed   30573545 
_citation.unpublished_flag          ? 
# 
loop_
_citation_author.citation_id 
_citation_author.name 
_citation_author.ordinal 
_citation_author.identifier_ORCID 
primary 'Schuller, J.M.' 1  0000-0002-9121-1764 
primary 'Birrell, J.A.'  2  ?                   
primary 'Tanaka, H.'     3  0000-0003-2035-954X 
primary 'Konuma, T.'     4  0000-0002-4412-2849 
primary 'Wulfhorst, H.'  5  ?                   
primary 'Cox, N.'        6  0000-0002-7815-6115 
primary 'Schuller, S.K.' 7  0000-0002-1800-8014 
primary 'Thiemann, J.'   8  0000-0003-0286-2862 
primary 'Lubitz, W.'     9  0000-0001-7059-5327 
primary 'Setif, P.'      10 0000-0002-6101-4006 
primary 'Ikegami, T.'    11 0000-0002-1429-1844 
primary 'Engel, B.D.'    12 ?                   
primary 'Kurisu, G.'     13 0000-0002-5354-0807 
primary 'Nowaczyk, M.M.' 14 0000-0002-9269-0672 
# 
_cell.angle_alpha                  90.00 
_cell.angle_alpha_esd              ? 
_cell.angle_beta                   90.00 
_cell.angle_beta_esd               ? 
_cell.angle_gamma                  120.00 
_cell.angle_gamma_esd              ? 
_cell.entry_id                     6A7K 
_cell.details                      ? 
_cell.formula_units_Z              ? 
_cell.length_a                     58.850 
_cell.length_a_esd                 ? 
_cell.length_b                     58.850 
_cell.length_b_esd                 ? 
_cell.length_c                     225.150 
_cell.length_c_esd                 ? 
_cell.volume                       ? 
_cell.volume_esd                   ? 
_cell.Z_PDB                        24 
_cell.reciprocal_angle_alpha       ? 
_cell.reciprocal_angle_beta        ? 
_cell.reciprocal_angle_gamma       ? 
_cell.reciprocal_angle_alpha_esd   ? 
_cell.reciprocal_angle_beta_esd    ? 
_cell.reciprocal_angle_gamma_esd   ? 
_cell.reciprocal_length_a          ? 
_cell.reciprocal_length_b          ? 
_cell.reciprocal_length_c          ? 
_cell.reciprocal_length_a_esd      ? 
_cell.reciprocal_length_b_esd      ? 
_cell.reciprocal_length_c_esd      ? 
_cell.pdbx_unique_axis             ? 
# 
_symmetry.entry_id                         6A7K 
_symmetry.cell_setting                     ? 
_symmetry.Int_Tables_number                179 
_symmetry.space_group_name_Hall            ? 
_symmetry.space_group_name_H-M             'P 65 2 2' 
_symmetry.pdbx_full_space_group_name_H-M   ? 
# 
loop_
_entity.id 
_entity.type 
_entity.src_method 
_entity.pdbx_description 
_entity.formula_weight 
_entity.pdbx_number_of_molecules 
_entity.pdbx_ec 
_entity.pdbx_mutation 
_entity.pdbx_fragment 
_entity.details 
1 polymer     man 'Tlr0636 protein' 8223.556 2   ? ? ? ? 
2 non-polymer syn 'ACETIC ACID'     60.052   2   ? ? ? ? 
3 water       nat water             18.015   106 ? ? ? ? 
# 
_entity_name_com.entity_id   1 
_entity_name_com.name        NdhS 
# 
_entity_poly.entity_id                      1 
_entity_poly.type                           'polypeptide(L)' 
_entity_poly.nstd_linkage                   no 
_entity_poly.nstd_monomer                   no 
_entity_poly.pdbx_seq_one_letter_code       MATDLIMTILPGMTVKVTNPNDTYYQFQGIVQRITDGKVAVLFEGGNWDKLVTFQASELEPVVVTPKEKAKAKK 
_entity_poly.pdbx_seq_one_letter_code_can   MATDLIMTILPGMTVKVTNPNDTYYQFQGIVQRITDGKVAVLFEGGNWDKLVTFQASELEPVVVTPKEKAKAKK 
_entity_poly.pdbx_strand_id                 A,B 
_entity_poly.pdbx_target_identifier         ? 
# 
loop_
_entity_poly_seq.entity_id 
_entity_poly_seq.num 
_entity_poly_seq.mon_id 
_entity_poly_seq.hetero 
1 1  MET n 
1 2  ALA n 
1 3  THR n 
1 4  ASP n 
1 5  LEU n 
1 6  ILE n 
1 7  MET n 
1 8  THR n 
1 9  ILE n 
1 10 LEU n 
1 11 PRO n 
1 12 GLY n 
1 13 MET n 
1 14 THR n 
1 15 VAL n 
1 16 LYS n 
1 17 VAL n 
1 18 THR n 
1 19 ASN n 
1 20 PRO n 
1 21 ASN n 
1 22 ASP n 
1 23 THR n 
1 24 TYR n 
1 25 TYR n 
1 26 GLN n 
1 27 PHE n 
1 28 GLN n 
1 29 GLY n 
1 30 ILE n 
1 31 VAL n 
1 32 GLN n 
1 33 ARG n 
1 34 ILE n 
1 35 THR n 
1 36 ASP n 
1 37 GLY n 
1 38 LYS n 
1 39 VAL n 
1 40 ALA n 
1 41 VAL n 
1 42 LEU n 
1 43 PHE n 
1 44 GLU n 
1 45 GLY n 
1 46 GLY n 
1 47 ASN n 
1 48 TRP n 
1 49 ASP n 
1 50 LYS n 
1 51 LEU n 
1 52 VAL n 
1 53 THR n 
1 54 PHE n 
1 55 GLN n 
1 56 ALA n 
1 57 SER n 
1 58 GLU n 
1 59 LEU n 
1 60 GLU n 
1 61 PRO n 
1 62 VAL n 
1 63 VAL n 
1 64 VAL n 
1 65 THR n 
1 66 PRO n 
1 67 LYS n 
1 68 GLU n 
1 69 LYS n 
1 70 ALA n 
1 71 LYS n 
1 72 ALA n 
1 73 LYS n 
1 74 LYS n 
# 
_entity_src_gen.entity_id                          1 
_entity_src_gen.pdbx_src_id                        1 
_entity_src_gen.pdbx_alt_source_flag               sample 
_entity_src_gen.pdbx_seq_type                      'Biological sequence' 
_entity_src_gen.pdbx_beg_seq_num                   1 
_entity_src_gen.pdbx_end_seq_num                   74 
_entity_src_gen.gene_src_common_name               ? 
_entity_src_gen.gene_src_genus                     ? 
_entity_src_gen.pdbx_gene_src_gene                 tlr0636 
_entity_src_gen.gene_src_species                   ? 
_entity_src_gen.gene_src_strain                    BP-1 
_entity_src_gen.gene_src_tissue                    ? 
_entity_src_gen.gene_src_tissue_fraction           ? 
_entity_src_gen.gene_src_details                   ? 
_entity_src_gen.pdbx_gene_src_fragment             ? 
_entity_src_gen.pdbx_gene_src_scientific_name      'Thermosynechococcus elongatus (strain BP-1)' 
_entity_src_gen.pdbx_gene_src_ncbi_taxonomy_id     197221 
_entity_src_gen.pdbx_gene_src_variant              ? 
_entity_src_gen.pdbx_gene_src_cell_line            ? 
_entity_src_gen.pdbx_gene_src_atcc                 ? 
_entity_src_gen.pdbx_gene_src_organ                ? 
_entity_src_gen.pdbx_gene_src_organelle            ? 
_entity_src_gen.pdbx_gene_src_cell                 ? 
_entity_src_gen.pdbx_gene_src_cellular_location    ? 
_entity_src_gen.host_org_common_name               ? 
_entity_src_gen.pdbx_host_org_scientific_name      'Escherichia coli' 
_entity_src_gen.pdbx_host_org_ncbi_taxonomy_id     562 
_entity_src_gen.host_org_genus                     ? 
_entity_src_gen.pdbx_host_org_gene                 ? 
_entity_src_gen.pdbx_host_org_organ                ? 
_entity_src_gen.host_org_species                   ? 
_entity_src_gen.pdbx_host_org_tissue               ? 
_entity_src_gen.pdbx_host_org_tissue_fraction      ? 
_entity_src_gen.pdbx_host_org_strain               ? 
_entity_src_gen.pdbx_host_org_variant              ? 
_entity_src_gen.pdbx_host_org_cell_line            ? 
_entity_src_gen.pdbx_host_org_atcc                 ? 
_entity_src_gen.pdbx_host_org_culture_collection   ? 
_entity_src_gen.pdbx_host_org_cell                 ? 
_entity_src_gen.pdbx_host_org_organelle            ? 
_entity_src_gen.pdbx_host_org_cellular_location    ? 
_entity_src_gen.pdbx_host_org_vector_type          ? 
_entity_src_gen.pdbx_host_org_vector               ? 
_entity_src_gen.host_org_details                   ? 
_entity_src_gen.expression_system_id               ? 
_entity_src_gen.plasmid_name                       ? 
_entity_src_gen.plasmid_details                    ? 
_entity_src_gen.pdbx_description                   ? 
# 
_struct_ref.id                         1 
_struct_ref.db_name                    UNP 
_struct_ref.db_code                    Q8DL61_THEEB 
_struct_ref.pdbx_db_accession          Q8DL61 
_struct_ref.pdbx_db_isoform            ? 
_struct_ref.entity_id                  1 
_struct_ref.pdbx_seq_one_letter_code   MATDLIMTILPGMTVKVTNPNDTYYQFQGIVQRITDGKVAVLFEGGNWDKLVTFQASELEPVVVTPKEKAKAKK 
_struct_ref.pdbx_align_begin           37 
# 
loop_
_struct_ref_seq.align_id 
_struct_ref_seq.ref_id 
_struct_ref_seq.pdbx_PDB_id_code 
_struct_ref_seq.pdbx_strand_id 
_struct_ref_seq.seq_align_beg 
_struct_ref_seq.pdbx_seq_align_beg_ins_code 
_struct_ref_seq.seq_align_end 
_struct_ref_seq.pdbx_seq_align_end_ins_code 
_struct_ref_seq.pdbx_db_accession 
_struct_ref_seq.db_align_beg 
_struct_ref_seq.pdbx_db_align_beg_ins_code 
_struct_ref_seq.db_align_end 
_struct_ref_seq.pdbx_db_align_end_ins_code 
_struct_ref_seq.pdbx_auth_seq_align_beg 
_struct_ref_seq.pdbx_auth_seq_align_end 
1 1 6A7K A 1 ? 74 ? Q8DL61 37 ? 110 ? 1 74 
2 1 6A7K B 1 ? 74 ? Q8DL61 37 ? 110 ? 1 74 
# 
loop_
_chem_comp.id 
_chem_comp.type 
_chem_comp.mon_nstd_flag 
_chem_comp.name 
_chem_comp.pdbx_synonyms 
_chem_comp.formula 
_chem_comp.formula_weight 
ACY non-polymer         . 'ACETIC ACID'   ? 'C2 H4 O2'       60.052  
ALA 'L-peptide linking' y ALANINE         ? 'C3 H7 N O2'     89.093  
ARG 'L-peptide linking' y ARGININE        ? 'C6 H15 N4 O2 1' 175.209 
ASN 'L-peptide linking' y ASPARAGINE      ? 'C4 H8 N2 O3'    132.118 
ASP 'L-peptide linking' y 'ASPARTIC ACID' ? 'C4 H7 N O4'     133.103 
GLN 'L-peptide linking' y GLUTAMINE       ? 'C5 H10 N2 O3'   146.144 
GLU 'L-peptide linking' y 'GLUTAMIC ACID' ? 'C5 H9 N O4'     147.129 
GLY 'peptide linking'   y GLYCINE         ? 'C2 H5 N O2'     75.067  
HOH non-polymer         . WATER           ? 'H2 O'           18.015  
ILE 'L-peptide linking' y ISOLEUCINE      ? 'C6 H13 N O2'    131.173 
LEU 'L-peptide linking' y LEUCINE         ? 'C6 H13 N O2'    131.173 
LYS 'L-peptide linking' y LYSINE          ? 'C6 H15 N2 O2 1' 147.195 
MET 'L-peptide linking' y METHIONINE      ? 'C5 H11 N O2 S'  149.211 
PHE 'L-peptide linking' y PHENYLALANINE   ? 'C9 H11 N O2'    165.189 
PRO 'L-peptide linking' y PROLINE         ? 'C5 H9 N O2'     115.130 
SER 'L-peptide linking' y SERINE          ? 'C3 H7 N O3'     105.093 
THR 'L-peptide linking' y THREONINE       ? 'C4 H9 N O3'     119.119 
TRP 'L-peptide linking' y TRYPTOPHAN      ? 'C11 H12 N2 O2'  204.225 
TYR 'L-peptide linking' y TYROSINE        ? 'C9 H11 N O3'    181.189 
VAL 'L-peptide linking' y VALINE          ? 'C5 H11 N O2'    117.146 
# 
_exptl.absorpt_coefficient_mu     ? 
_exptl.absorpt_correction_T_max   ? 
_exptl.absorpt_correction_T_min   ? 
_exptl.absorpt_correction_type    ? 
_exptl.absorpt_process_details    ? 
_exptl.entry_id                   6A7K 
_exptl.crystals_number            1 
_exptl.details                    ? 
_exptl.method                     'X-RAY DIFFRACTION' 
_exptl.method_details             ? 
# 
_exptl_crystal.colour                      ? 
_exptl_crystal.density_diffrn              ? 
_exptl_crystal.density_Matthews            3.4 
_exptl_crystal.density_method              ? 
_exptl_crystal.density_percent_sol         64.2 
_exptl_crystal.description                 ? 
_exptl_crystal.F_000                       ? 
_exptl_crystal.id                          1 
_exptl_crystal.preparation                 ? 
_exptl_crystal.size_max                    ? 
_exptl_crystal.size_mid                    ? 
_exptl_crystal.size_min                    ? 
_exptl_crystal.size_rad                    ? 
_exptl_crystal.colour_lustre               ? 
_exptl_crystal.colour_modifier             ? 
_exptl_crystal.colour_primary              ? 
_exptl_crystal.density_meas                ? 
_exptl_crystal.density_meas_esd            ? 
_exptl_crystal.density_meas_gt             ? 
_exptl_crystal.density_meas_lt             ? 
_exptl_crystal.density_meas_temp           ? 
_exptl_crystal.density_meas_temp_esd       ? 
_exptl_crystal.density_meas_temp_gt        ? 
_exptl_crystal.density_meas_temp_lt        ? 
_exptl_crystal.pdbx_crystal_image_url      ? 
_exptl_crystal.pdbx_crystal_image_format   ? 
_exptl_crystal.pdbx_mosaicity              ? 
_exptl_crystal.pdbx_mosaicity_esd          ? 
# 
_exptl_crystal_grow.apparatus       ? 
_exptl_crystal_grow.atmosphere      ? 
_exptl_crystal_grow.crystal_id      1 
_exptl_crystal_grow.details         ? 
_exptl_crystal_grow.method          'VAPOR DIFFUSION, HANGING DROP' 
_exptl_crystal_grow.method_ref      ? 
_exptl_crystal_grow.pH              ? 
_exptl_crystal_grow.pressure        ? 
_exptl_crystal_grow.pressure_esd    ? 
_exptl_crystal_grow.seeding         ? 
_exptl_crystal_grow.seeding_ref     ? 
_exptl_crystal_grow.temp            293 
_exptl_crystal_grow.temp_details    ? 
_exptl_crystal_grow.temp_esd        ? 
_exptl_crystal_grow.time            ? 
_exptl_crystal_grow.pdbx_details    
'100mM Sodium acetate trihydrate (pH 4.6), 100mM CdCl2, 38 % (v/v) polyethylene glycol (PEG) 400' 
_exptl_crystal_grow.pdbx_pH_range   ? 
# 
_diffrn.ambient_environment    ? 
_diffrn.ambient_temp           100 
_diffrn.ambient_temp_details   ? 
_diffrn.ambient_temp_esd       ? 
_diffrn.crystal_id             1 
_diffrn.crystal_support        ? 
_diffrn.crystal_treatment      ? 
_diffrn.details                ? 
_diffrn.id                     1 
_diffrn.ambient_pressure       ? 
_diffrn.ambient_pressure_esd   ? 
_diffrn.ambient_pressure_gt    ? 
_diffrn.ambient_pressure_lt    ? 
_diffrn.ambient_temp_gt        ? 
_diffrn.ambient_temp_lt        ? 
# 
_diffrn_detector.details                      ? 
_diffrn_detector.detector                     CCD 
_diffrn_detector.diffrn_id                    1 
_diffrn_detector.type                         'RAYONIX MX300HE' 
_diffrn_detector.area_resol_mean              ? 
_diffrn_detector.dtime                        ? 
_diffrn_detector.pdbx_frames_total            ? 
_diffrn_detector.pdbx_collection_time_total   ? 
_diffrn_detector.pdbx_collection_date         2017-11-14 
# 
_diffrn_radiation.collimation                      ? 
_diffrn_radiation.diffrn_id                        1 
_diffrn_radiation.filter_edge                      ? 
_diffrn_radiation.inhomogeneity                    ? 
_diffrn_radiation.monochromator                    ? 
_diffrn_radiation.polarisn_norm                    ? 
_diffrn_radiation.polarisn_ratio                   ? 
_diffrn_radiation.probe                            ? 
_diffrn_radiation.type                             ? 
_diffrn_radiation.xray_symbol                      ? 
_diffrn_radiation.wavelength_id                    1 
_diffrn_radiation.pdbx_monochromatic_or_laue_m_l   M 
_diffrn_radiation.pdbx_wavelength_list             ? 
_diffrn_radiation.pdbx_wavelength                  ? 
_diffrn_radiation.pdbx_diffrn_protocol             'SINGLE WAVELENGTH' 
_diffrn_radiation.pdbx_analyzer                    ? 
_diffrn_radiation.pdbx_scattering_type             x-ray 
# 
_diffrn_radiation_wavelength.id           1 
_diffrn_radiation_wavelength.wavelength   0.9 
_diffrn_radiation_wavelength.wt           1.0 
# 
_diffrn_source.current                     ? 
_diffrn_source.details                     ? 
_diffrn_source.diffrn_id                   1 
_diffrn_source.power                       ? 
_diffrn_source.size                        ? 
_diffrn_source.source                      SYNCHROTRON 
_diffrn_source.target                      ? 
_diffrn_source.type                        'SPRING-8 BEAMLINE BL44XU' 
_diffrn_source.voltage                     ? 
_diffrn_source.take-off_angle              ? 
_diffrn_source.pdbx_wavelength_list        0.9 
_diffrn_source.pdbx_wavelength             ? 
_diffrn_source.pdbx_synchrotron_beamline   BL44XU 
_diffrn_source.pdbx_synchrotron_site       SPring-8 
# 
_reflns.B_iso_Wilson_estimate            ? 
_reflns.entry_id                         6A7K 
_reflns.data_reduction_details           ? 
_reflns.data_reduction_method            ? 
_reflns.d_resolution_high                1.90 
_reflns.d_resolution_low                 49.71 
_reflns.details                          ? 
_reflns.limit_h_max                      ? 
_reflns.limit_h_min                      ? 
_reflns.limit_k_max                      ? 
_reflns.limit_k_min                      ? 
_reflns.limit_l_max                      ? 
_reflns.limit_l_min                      ? 
_reflns.number_all                       ? 
_reflns.number_obs                       19195 
_reflns.observed_criterion               ? 
_reflns.observed_criterion_F_max         ? 
_reflns.observed_criterion_F_min         ? 
_reflns.observed_criterion_I_max         ? 
_reflns.observed_criterion_I_min         ? 
_reflns.observed_criterion_sigma_F       ? 
_reflns.observed_criterion_sigma_I       ? 
_reflns.percent_possible_obs             100 
_reflns.R_free_details                   ? 
_reflns.Rmerge_F_all                     ? 
_reflns.Rmerge_F_obs                     ? 
_reflns.Friedel_coverage                 ? 
_reflns.number_gt                        ? 
_reflns.threshold_expression             ? 
_reflns.pdbx_redundancy                  11.6 
_reflns.pdbx_Rmerge_I_obs                0.058 
_reflns.pdbx_Rmerge_I_all                ? 
_reflns.pdbx_Rsym_value                  ? 
_reflns.pdbx_netI_over_av_sigmaI         ? 
_reflns.pdbx_netI_over_sigmaI            29.0 
_reflns.pdbx_res_netI_over_av_sigmaI_2   ? 
_reflns.pdbx_res_netI_over_sigmaI_2      ? 
_reflns.pdbx_chi_squared                 ? 
_reflns.pdbx_scaling_rejects             ? 
_reflns.pdbx_d_res_high_opt              ? 
_reflns.pdbx_d_res_low_opt               ? 
_reflns.pdbx_d_res_opt_method            ? 
_reflns.phase_calculation_details        ? 
_reflns.pdbx_Rrim_I_all                  ? 
_reflns.pdbx_Rpim_I_all                  ? 
_reflns.pdbx_d_opt                       ? 
_reflns.pdbx_number_measured_all         ? 
_reflns.pdbx_diffrn_id                   1 
_reflns.pdbx_ordinal                     1 
_reflns.pdbx_CC_half                     1 
_reflns.pdbx_R_split                     ? 
# 
_reflns_shell.d_res_high                  1.90 
_reflns_shell.d_res_low                   1.94 
_reflns_shell.meanI_over_sigI_all         ? 
_reflns_shell.meanI_over_sigI_obs         8.25 
_reflns_shell.number_measured_all         ? 
_reflns_shell.number_measured_obs         ? 
_reflns_shell.number_possible             ? 
_reflns_shell.number_unique_all           ? 
_reflns_shell.number_unique_obs           2520 
_reflns_shell.percent_possible_all        100 
_reflns_shell.percent_possible_obs        ? 
_reflns_shell.Rmerge_F_all                ? 
_reflns_shell.Rmerge_F_obs                ? 
_reflns_shell.Rmerge_I_all                ? 
_reflns_shell.Rmerge_I_obs                0.399 
_reflns_shell.meanI_over_sigI_gt          ? 
_reflns_shell.meanI_over_uI_all           ? 
_reflns_shell.meanI_over_uI_gt            ? 
_reflns_shell.number_measured_gt          ? 
_reflns_shell.number_unique_gt            ? 
_reflns_shell.percent_possible_gt         ? 
_reflns_shell.Rmerge_F_gt                 ? 
_reflns_shell.Rmerge_I_gt                 ? 
_reflns_shell.pdbx_redundancy             11.6 
_reflns_shell.pdbx_Rsym_value             ? 
_reflns_shell.pdbx_chi_squared            ? 
_reflns_shell.pdbx_netI_over_sigmaI_all   ? 
_reflns_shell.pdbx_netI_over_sigmaI_obs   ? 
_reflns_shell.pdbx_Rrim_I_all             ? 
_reflns_shell.pdbx_Rpim_I_all             ? 
_reflns_shell.pdbx_rejects                ? 
_reflns_shell.pdbx_ordinal                1 
_reflns_shell.pdbx_diffrn_id              1 
_reflns_shell.pdbx_CC_half                0.985 
_reflns_shell.pdbx_R_split                ? 
# 
_refine.aniso_B[1][1]                            8.77 
_refine.aniso_B[1][2]                            0.00 
_refine.aniso_B[1][3]                            0.00 
_refine.aniso_B[2][2]                            8.77 
_refine.aniso_B[2][3]                            0.00 
_refine.aniso_B[3][3]                            -17.55 
_refine.B_iso_max                                ? 
_refine.B_iso_mean                               28.596 
_refine.B_iso_min                                ? 
_refine.correlation_coeff_Fo_to_Fc               0.933 
_refine.correlation_coeff_Fo_to_Fc_free          0.931 
_refine.details                                  'HYDROGENS HAVE BEEN ADDED IN THE RIDING POSITIONS' 
_refine.diff_density_max                         ? 
_refine.diff_density_max_esd                     ? 
_refine.diff_density_min                         ? 
_refine.diff_density_min_esd                     ? 
_refine.diff_density_rms                         ? 
_refine.diff_density_rms_esd                     ? 
_refine.entry_id                                 6A7K 
_refine.pdbx_refine_id                           'X-RAY DIFFRACTION' 
_refine.ls_abs_structure_details                 ? 
_refine.ls_abs_structure_Flack                   ? 
_refine.ls_abs_structure_Flack_esd               ? 
_refine.ls_abs_structure_Rogers                  ? 
_refine.ls_abs_structure_Rogers_esd              ? 
_refine.ls_d_res_high                            1.90 
_refine.ls_d_res_low                             49.71 
_refine.ls_extinction_coef                       ? 
_refine.ls_extinction_coef_esd                   ? 
_refine.ls_extinction_expression                 ? 
_refine.ls_extinction_method                     ? 
_refine.ls_goodness_of_fit_all                   ? 
_refine.ls_goodness_of_fit_all_esd               ? 
_refine.ls_goodness_of_fit_obs                   ? 
_refine.ls_goodness_of_fit_obs_esd               ? 
_refine.ls_hydrogen_treatment                    ? 
_refine.ls_matrix_type                           ? 
_refine.ls_number_constraints                    ? 
_refine.ls_number_parameters                     ? 
_refine.ls_number_reflns_all                     ? 
_refine.ls_number_reflns_obs                     18235 
_refine.ls_number_reflns_R_free                  960 
_refine.ls_number_reflns_R_work                  ? 
_refine.ls_number_restraints                     ? 
_refine.ls_percent_reflns_obs                    99.95 
_refine.ls_percent_reflns_R_free                 5.0 
_refine.ls_R_factor_all                          ? 
_refine.ls_R_factor_obs                          0.21957 
_refine.ls_R_factor_R_free                       0.23783 
_refine.ls_R_factor_R_free_error                 ? 
_refine.ls_R_factor_R_free_error_details         ? 
_refine.ls_R_factor_R_work                       0.21858 
_refine.ls_R_Fsqd_factor_obs                     ? 
_refine.ls_R_I_factor_obs                        ? 
_refine.ls_redundancy_reflns_all                 ? 
_refine.ls_redundancy_reflns_obs                 ? 
_refine.ls_restrained_S_all                      ? 
_refine.ls_restrained_S_obs                      ? 
_refine.ls_shift_over_esd_max                    ? 
_refine.ls_shift_over_esd_mean                   ? 
_refine.ls_structure_factor_coef                 ? 
_refine.ls_weighting_details                     ? 
_refine.ls_weighting_scheme                      ? 
_refine.ls_wR_factor_all                         ? 
_refine.ls_wR_factor_obs                         ? 
_refine.ls_wR_factor_R_free                      ? 
_refine.ls_wR_factor_R_work                      ? 
_refine.occupancy_max                            ? 
_refine.occupancy_min                            ? 
_refine.solvent_model_details                    ? 
_refine.solvent_model_param_bsol                 ? 
_refine.solvent_model_param_ksol                 ? 
_refine.ls_R_factor_gt                           ? 
_refine.ls_goodness_of_fit_gt                    ? 
_refine.ls_goodness_of_fit_ref                   ? 
_refine.ls_shift_over_su_max                     ? 
_refine.ls_shift_over_su_max_lt                  ? 
_refine.ls_shift_over_su_mean                    ? 
_refine.ls_shift_over_su_mean_lt                 ? 
_refine.pdbx_ls_sigma_I                          ? 
_refine.pdbx_ls_sigma_F                          ? 
_refine.pdbx_ls_sigma_Fsqd                       ? 
_refine.pdbx_data_cutoff_high_absF               ? 
_refine.pdbx_data_cutoff_high_rms_absF           ? 
_refine.pdbx_data_cutoff_low_absF                ? 
_refine.pdbx_isotropic_thermal_model             ? 
_refine.pdbx_ls_cross_valid_method               THROUGHOUT 
_refine.pdbx_method_to_determine_struct          'MOLECULAR REPLACEMENT' 
_refine.pdbx_starting_model                      3C4S 
_refine.pdbx_stereochemistry_target_values       ? 
_refine.pdbx_R_Free_selection_details            RANDOM 
_refine.pdbx_stereochem_target_val_spec_case     ? 
_refine.pdbx_overall_ESU_R                       0.025 
_refine.pdbx_overall_ESU_R_Free                  0.024 
_refine.pdbx_solvent_vdw_probe_radii             1.20 
_refine.pdbx_solvent_ion_probe_radii             0.80 
_refine.pdbx_solvent_shrinkage_radii             0.80 
_refine.pdbx_real_space_R                        ? 
_refine.pdbx_density_correlation                 ? 
_refine.pdbx_pd_number_of_powder_patterns        ? 
_refine.pdbx_pd_number_of_points                 ? 
_refine.pdbx_pd_meas_number_of_points            ? 
_refine.pdbx_pd_proc_ls_prof_R_factor            ? 
_refine.pdbx_pd_proc_ls_prof_wR_factor           ? 
_refine.pdbx_pd_Marquardt_correlation_coeff      ? 
_refine.pdbx_pd_Fsqrd_R_factor                   ? 
_refine.pdbx_pd_ls_matrix_band_width             ? 
_refine.pdbx_overall_phase_error                 ? 
_refine.pdbx_overall_SU_R_free_Cruickshank_DPI   ? 
_refine.pdbx_overall_SU_R_free_Blow_DPI          ? 
_refine.pdbx_overall_SU_R_Blow_DPI               ? 
_refine.pdbx_TLS_residual_ADP_flag               ? 
_refine.pdbx_diffrn_id                           1 
_refine.overall_SU_B                             1.858 
_refine.overall_SU_ML                            0.057 
_refine.overall_SU_R_Cruickshank_DPI             ? 
_refine.overall_SU_R_free                        ? 
_refine.overall_FOM_free_R_set                   ? 
_refine.overall_FOM_work_R_set                   ? 
_refine.pdbx_average_fsc_overall                 ? 
_refine.pdbx_average_fsc_work                    ? 
_refine.pdbx_average_fsc_free                    ? 
# 
_refine_hist.pdbx_refine_id                   'X-RAY DIFFRACTION' 
_refine_hist.cycle_id                         1 
_refine_hist.pdbx_number_atoms_protein        948 
_refine_hist.pdbx_number_atoms_nucleic_acid   0 
_refine_hist.pdbx_number_atoms_ligand         8 
_refine_hist.number_atoms_solvent             106 
_refine_hist.number_atoms_total               1062 
_refine_hist.d_res_high                       1.90 
_refine_hist.d_res_low                        49.71 
# 
loop_
_refine_ls_restr.pdbx_refine_id 
_refine_ls_restr.criterion 
_refine_ls_restr.dev_ideal 
_refine_ls_restr.dev_ideal_target 
_refine_ls_restr.number 
_refine_ls_restr.rejects 
_refine_ls_restr.type 
_refine_ls_restr.weight 
_refine_ls_restr.pdbx_restraint_function 
'X-RAY DIFFRACTION' ? 0.026  0.020  981  ? r_bond_refined_d             ? ? 
'X-RAY DIFFRACTION' ? 0.002  0.020  923  ? r_bond_other_d               ? ? 
'X-RAY DIFFRACTION' ? 2.109  1.965  1335 ? r_angle_refined_deg          ? ? 
'X-RAY DIFFRACTION' ? 1.078  3.000  2144 ? r_angle_other_deg            ? ? 
'X-RAY DIFFRACTION' ? 7.381  5.000  121  ? r_dihedral_angle_1_deg       ? ? 
'X-RAY DIFFRACTION' ? 47.192 26.190 42   ? r_dihedral_angle_2_deg       ? ? 
'X-RAY DIFFRACTION' ? 13.190 15.000 166  ? r_dihedral_angle_3_deg       ? ? 
'X-RAY DIFFRACTION' ? 5.359  15.000 2    ? r_dihedral_angle_4_deg       ? ? 
'X-RAY DIFFRACTION' ? 0.168  0.200  158  ? r_chiral_restr               ? ? 
'X-RAY DIFFRACTION' ? 0.011  0.021  1077 ? r_gen_planes_refined         ? ? 
'X-RAY DIFFRACTION' ? 0.001  0.020  181  ? r_gen_planes_other           ? ? 
'X-RAY DIFFRACTION' ? ?      ?      ?    ? r_nbd_refined                ? ? 
'X-RAY DIFFRACTION' ? ?      ?      ?    ? r_nbd_other                  ? ? 
'X-RAY DIFFRACTION' ? ?      ?      ?    ? r_nbtor_refined              ? ? 
'X-RAY DIFFRACTION' ? ?      ?      ?    ? r_nbtor_other                ? ? 
'X-RAY DIFFRACTION' ? ?      ?      ?    ? r_xyhbond_nbd_refined        ? ? 
'X-RAY DIFFRACTION' ? ?      ?      ?    ? r_xyhbond_nbd_other          ? ? 
'X-RAY DIFFRACTION' ? ?      ?      ?    ? r_metal_ion_refined          ? ? 
'X-RAY DIFFRACTION' ? ?      ?      ?    ? r_metal_ion_other            ? ? 
'X-RAY DIFFRACTION' ? ?      ?      ?    ? r_symmetry_vdw_refined       ? ? 
'X-RAY DIFFRACTION' ? ?      ?      ?    ? r_symmetry_vdw_other         ? ? 
'X-RAY DIFFRACTION' ? ?      ?      ?    ? r_symmetry_hbond_refined     ? ? 
'X-RAY DIFFRACTION' ? ?      ?      ?    ? r_symmetry_hbond_other       ? ? 
'X-RAY DIFFRACTION' ? ?      ?      ?    ? r_symmetry_metal_ion_refined ? ? 
'X-RAY DIFFRACTION' ? ?      ?      ?    ? r_symmetry_metal_ion_other   ? ? 
'X-RAY DIFFRACTION' ? 3.206  2.484  489  ? r_mcbond_it                  ? ? 
'X-RAY DIFFRACTION' ? 3.053  2.473  486  ? r_mcbond_other               ? ? 
'X-RAY DIFFRACTION' ? 4.415  3.679  607  ? r_mcangle_it                 ? ? 
'X-RAY DIFFRACTION' ? 4.428  3.683  608  ? r_mcangle_other              ? ? 
'X-RAY DIFFRACTION' ? 4.930  2.966  492  ? r_scbond_it                  ? ? 
'X-RAY DIFFRACTION' ? 4.925  2.970  493  ? r_scbond_other               ? ? 
'X-RAY DIFFRACTION' ? ?      ?      ?    ? r_scangle_it                 ? ? 
'X-RAY DIFFRACTION' ? 6.929  4.288  729  ? r_scangle_other              ? ? 
'X-RAY DIFFRACTION' ? 9.987  32.217 1003 ? r_long_range_B_refined       ? ? 
'X-RAY DIFFRACTION' ? 9.984  32.259 1004 ? r_long_range_B_other         ? ? 
'X-RAY DIFFRACTION' ? ?      ?      ?    ? r_rigid_bond_restr           ? ? 
'X-RAY DIFFRACTION' ? ?      ?      ?    ? r_sphericity_free            ? ? 
'X-RAY DIFFRACTION' ? ?      ?      ?    ? r_sphericity_bonded          ? ? 
# 
loop_
_refine_ls_restr_ncs.pdbx_refine_id 
_refine_ls_restr_ncs.dom_id 
_refine_ls_restr_ncs.pdbx_ens_id 
_refine_ls_restr_ncs.pdbx_ordinal 
_refine_ls_restr_ncs.ncs_model_details 
_refine_ls_restr_ncs.rms_dev_position 
_refine_ls_restr_ncs.weight_position 
_refine_ls_restr_ncs.rms_dev_B_iso 
_refine_ls_restr_ncs.weight_B_iso 
_refine_ls_restr_ncs.pdbx_auth_asym_id 
_refine_ls_restr_ncs.pdbx_number 
_refine_ls_restr_ncs.pdbx_type 
_refine_ls_restr_ncs.pdbx_asym_id 
_refine_ls_restr_ncs.pdbx_rms 
_refine_ls_restr_ncs.pdbx_weight 
'X-RAY DIFFRACTION' 1 1 1 ? 0.15 0.05 ? ? A 2968 'interatomic distance' ? ? ? 
'X-RAY DIFFRACTION' 2 1 2 ? 0.15 0.05 ? ? B 2968 'interatomic distance' ? ? ? 
# 
_refine_ls_shell.pdbx_refine_id                   'X-RAY DIFFRACTION' 
_refine_ls_shell.d_res_high                       1.900 
_refine_ls_shell.d_res_low                        1.949 
_refine_ls_shell.number_reflns_all                ? 
_refine_ls_shell.number_reflns_obs                ? 
_refine_ls_shell.number_reflns_R_free             68 
_refine_ls_shell.number_reflns_R_work             1289 
_refine_ls_shell.percent_reflns_obs               100.00 
_refine_ls_shell.percent_reflns_R_free            ? 
_refine_ls_shell.R_factor_all                     ? 
_refine_ls_shell.R_factor_obs                     ? 
_refine_ls_shell.R_factor_R_free                  0.213 
_refine_ls_shell.R_factor_R_free_error            ? 
_refine_ls_shell.R_factor_R_work                  0.190 
_refine_ls_shell.redundancy_reflns_all            ? 
_refine_ls_shell.redundancy_reflns_obs            ? 
_refine_ls_shell.wR_factor_all                    ? 
_refine_ls_shell.wR_factor_obs                    ? 
_refine_ls_shell.wR_factor_R_free                 ? 
_refine_ls_shell.wR_factor_R_work                 ? 
_refine_ls_shell.pdbx_total_number_of_bins_used   20 
_refine_ls_shell.pdbx_phase_error                 ? 
_refine_ls_shell.pdbx_fsc_work                    ? 
_refine_ls_shell.pdbx_fsc_free                    ? 
# 
loop_
_struct_ncs_dom.id 
_struct_ncs_dom.details 
_struct_ncs_dom.pdbx_ens_id 
1 A 1 
2 B 1 
# 
loop_
_struct_ncs_dom_lim.pdbx_ens_id 
_struct_ncs_dom_lim.dom_id 
_struct_ncs_dom_lim.pdbx_component_id 
_struct_ncs_dom_lim.beg_label_asym_id 
_struct_ncs_dom_lim.beg_label_comp_id 
_struct_ncs_dom_lim.beg_label_seq_id 
_struct_ncs_dom_lim.beg_label_alt_id 
_struct_ncs_dom_lim.end_label_asym_id 
_struct_ncs_dom_lim.end_label_comp_id 
_struct_ncs_dom_lim.end_label_seq_id 
_struct_ncs_dom_lim.end_label_alt_id 
_struct_ncs_dom_lim.beg_auth_asym_id 
_struct_ncs_dom_lim.beg_auth_comp_id 
_struct_ncs_dom_lim.beg_auth_seq_id 
_struct_ncs_dom_lim.end_auth_asym_id 
_struct_ncs_dom_lim.end_auth_comp_id 
_struct_ncs_dom_lim.end_auth_seq_id 
_struct_ncs_dom_lim.pdbx_refine_code 
_struct_ncs_dom_lim.selection_details 
1 1 0 A ASP 4 . A PRO 61 . A ASP 4 A PRO 61 0 ? 
1 2 0 B ASP 4 . B PRO 61 . B ASP 4 B PRO 61 0 ? 
# 
_struct_ncs_ens.id        1 
_struct_ncs_ens.details   ? 
# 
_struct.entry_id                     6A7K 
_struct.title                        'X-ray structure of NdhS from T. elongatus' 
_struct.pdbx_model_details           ? 
_struct.pdbx_formula_weight          ? 
_struct.pdbx_formula_weight_method   ? 
_struct.pdbx_model_type_details      ? 
_struct.pdbx_CASP_flag               N 
# 
_struct_keywords.entry_id        6A7K 
_struct_keywords.text            
'NADH dehydrogenase-like complex, NDH-1, cyclic electron flow (CEF), Ferredoxin, ELECTRON TRANSPORT' 
_struct_keywords.pdbx_keywords   'ELECTRON TRANSPORT' 
# 
loop_
_struct_asym.id 
_struct_asym.pdbx_blank_PDB_chainid_flag 
_struct_asym.pdbx_modified 
_struct_asym.entity_id 
_struct_asym.details 
A N N 1 ? 
B N N 1 ? 
C N N 2 ? 
D N N 2 ? 
E N N 3 ? 
F N N 3 ? 
# 
loop_
_struct_conf.conf_type_id 
_struct_conf.id 
_struct_conf.pdbx_PDB_helix_id 
_struct_conf.beg_label_comp_id 
_struct_conf.beg_label_asym_id 
_struct_conf.beg_label_seq_id 
_struct_conf.pdbx_beg_PDB_ins_code 
_struct_conf.end_label_comp_id 
_struct_conf.end_label_asym_id 
_struct_conf.end_label_seq_id 
_struct_conf.pdbx_end_PDB_ins_code 
_struct_conf.beg_auth_comp_id 
_struct_conf.beg_auth_asym_id 
_struct_conf.beg_auth_seq_id 
_struct_conf.end_auth_comp_id 
_struct_conf.end_auth_asym_id 
_struct_conf.end_auth_seq_id 
_struct_conf.pdbx_PDB_helix_class 
_struct_conf.details 
_struct_conf.pdbx_PDB_helix_length 
HELX_P HELX_P1 AA1 GLN A 55 ? SER A 57 ? GLN A 55 SER A 57 5 ? 3 
HELX_P HELX_P2 AA2 GLN B 55 ? SER B 57 ? GLN B 55 SER B 57 5 ? 3 
# 
_struct_conf_type.id          HELX_P 
_struct_conf_type.criteria    ? 
_struct_conf_type.reference   ? 
# 
loop_
_struct_sheet.id 
_struct_sheet.type 
_struct_sheet.number_strands 
_struct_sheet.details 
AA1 ? 6 ? 
AA2 ? 5 ? 
# 
loop_
_struct_sheet_order.sheet_id 
_struct_sheet_order.range_id_1 
_struct_sheet_order.range_id_2 
_struct_sheet_order.offset 
_struct_sheet_order.sense 
AA1 1 2 ? anti-parallel 
AA1 2 3 ? anti-parallel 
AA1 3 4 ? anti-parallel 
AA1 4 5 ? anti-parallel 
AA1 5 6 ? anti-parallel 
AA2 1 2 ? anti-parallel 
AA2 2 3 ? anti-parallel 
AA2 3 4 ? anti-parallel 
AA2 4 5 ? anti-parallel 
# 
loop_
_struct_sheet_range.sheet_id 
_struct_sheet_range.id 
_struct_sheet_range.beg_label_comp_id 
_struct_sheet_range.beg_label_asym_id 
_struct_sheet_range.beg_label_seq_id 
_struct_sheet_range.pdbx_beg_PDB_ins_code 
_struct_sheet_range.end_label_comp_id 
_struct_sheet_range.end_label_asym_id 
_struct_sheet_range.end_label_seq_id 
_struct_sheet_range.pdbx_end_PDB_ins_code 
_struct_sheet_range.beg_auth_comp_id 
_struct_sheet_range.beg_auth_asym_id 
_struct_sheet_range.beg_auth_seq_id 
_struct_sheet_range.end_auth_comp_id 
_struct_sheet_range.end_auth_asym_id 
_struct_sheet_range.end_auth_seq_id 
AA1 1 LEU A 59 ? PRO A 61 ? LEU A 59 PRO A 61 
AA1 2 THR A 14 ? VAL A 17 ? THR A 14 VAL A 17 
AA1 3 GLN A 28 ? THR A 35 ? GLN A 28 THR A 35 
AA1 4 LYS A 38 ? GLY A 45 ? LYS A 38 GLY A 45 
AA1 5 TRP A 48 ? PHE A 54 ? TRP A 48 PHE A 54 
AA1 6 ILE B 6  ? ILE B 9  ? ILE B 6  ILE B 9  
AA2 1 TRP B 48 ? PHE B 54 ? TRP B 48 PHE B 54 
AA2 2 LYS B 38 ? GLY B 45 ? LYS B 38 GLY B 45 
AA2 3 GLN B 28 ? THR B 35 ? GLN B 28 THR B 35 
AA2 4 THR B 14 ? VAL B 17 ? THR B 14 VAL B 17 
AA2 5 LEU B 59 ? PRO B 61 ? LEU B 59 PRO B 61 
# 
loop_
_pdbx_struct_sheet_hbond.sheet_id 
_pdbx_struct_sheet_hbond.range_id_1 
_pdbx_struct_sheet_hbond.range_id_2 
_pdbx_struct_sheet_hbond.range_1_label_atom_id 
_pdbx_struct_sheet_hbond.range_1_label_comp_id 
_pdbx_struct_sheet_hbond.range_1_label_asym_id 
_pdbx_struct_sheet_hbond.range_1_label_seq_id 
_pdbx_struct_sheet_hbond.range_1_PDB_ins_code 
_pdbx_struct_sheet_hbond.range_1_auth_atom_id 
_pdbx_struct_sheet_hbond.range_1_auth_comp_id 
_pdbx_struct_sheet_hbond.range_1_auth_asym_id 
_pdbx_struct_sheet_hbond.range_1_auth_seq_id 
_pdbx_struct_sheet_hbond.range_2_label_atom_id 
_pdbx_struct_sheet_hbond.range_2_label_comp_id 
_pdbx_struct_sheet_hbond.range_2_label_asym_id 
_pdbx_struct_sheet_hbond.range_2_label_seq_id 
_pdbx_struct_sheet_hbond.range_2_PDB_ins_code 
_pdbx_struct_sheet_hbond.range_2_auth_atom_id 
_pdbx_struct_sheet_hbond.range_2_auth_comp_id 
_pdbx_struct_sheet_hbond.range_2_auth_asym_id 
_pdbx_struct_sheet_hbond.range_2_auth_seq_id 
AA1 1 2 O GLU A 60 ? O GLU A 60 N LYS A 16 ? N LYS A 16 
AA1 2 3 N VAL A 15 ? N VAL A 15 O GLY A 29 ? O GLY A 29 
AA1 3 4 N GLN A 32 ? N GLN A 32 O ALA A 40 ? O ALA A 40 
AA1 4 5 N VAL A 41 ? N VAL A 41 O VAL A 52 ? O VAL A 52 
AA1 5 6 N ASP A 49 ? N ASP A 49 O ILE B 9  ? O ILE B 9  
AA2 1 2 O LYS B 50 ? O LYS B 50 N PHE B 43 ? N PHE B 43 
AA2 2 3 O ALA B 40 ? O ALA B 40 N GLN B 32 ? N GLN B 32 
AA2 3 4 O GLY B 29 ? O GLY B 29 N VAL B 15 ? N VAL B 15 
AA2 4 5 N LYS B 16 ? N LYS B 16 O GLU B 60 ? O GLU B 60 
# 
loop_
_struct_site.id 
_struct_site.pdbx_evidence_code 
_struct_site.pdbx_auth_asym_id 
_struct_site.pdbx_auth_comp_id 
_struct_site.pdbx_auth_seq_id 
_struct_site.pdbx_auth_ins_code 
_struct_site.pdbx_num_residues 
_struct_site.details 
AC1 Software A ACY 101 ? 2 'binding site for residue ACY A 101' 
AC2 Software B ACY 101 ? 2 'binding site for residue ACY B 101' 
# 
loop_
_struct_site_gen.id 
_struct_site_gen.site_id 
_struct_site_gen.pdbx_num_res 
_struct_site_gen.label_comp_id 
_struct_site_gen.label_asym_id 
_struct_site_gen.label_seq_id 
_struct_site_gen.pdbx_auth_ins_code 
_struct_site_gen.auth_comp_id 
_struct_site_gen.auth_asym_id 
_struct_site_gen.auth_seq_id 
_struct_site_gen.label_atom_id 
_struct_site_gen.label_alt_id 
_struct_site_gen.symmetry 
_struct_site_gen.details 
1 AC1 2 LYS A 16 ? LYS A 16 . ? 1_555 ? 
2 AC1 2 GLU A 60 ? GLU A 60 . ? 1_555 ? 
3 AC2 2 THR B 35 ? THR B 35 . ? 1_555 ? 
4 AC2 2 ASP B 36 ? ASP B 36 . ? 1_555 ? 
# 
_atom_sites.entry_id                    6A7K 
_atom_sites.fract_transf_matrix[1][1]   0.00973048 
_atom_sites.fract_transf_matrix[1][2]   0.00340896 
_atom_sites.fract_transf_matrix[1][3]   0.01669372 
_atom_sites.fract_transf_matrix[2][1]   0.01512988 
_atom_sites.fract_transf_matrix[2][2]   -0.01142832 
_atom_sites.fract_transf_matrix[2][3]   0.00504616 
_atom_sites.fract_transf_matrix[3][1]   0.00277041 
_atom_sites.fract_transf_matrix[3][2]   0.00271032 
_atom_sites.fract_transf_matrix[3][3]   -0.00216829 
_atom_sites.fract_transf_vector[1]      0.289592 
_atom_sites.fract_transf_vector[2]      0.221193 
_atom_sites.fract_transf_vector[3]      0.094788 
# 
loop_
_atom_type.symbol 
C 
N 
O 
S 
# 
loop_
_atom_site.group_PDB 
_atom_site.id 
_atom_site.type_symbol 
_atom_site.label_atom_id 
_atom_site.label_alt_id 
_atom_site.label_comp_id 
_atom_site.label_asym_id 
_atom_site.label_entity_id 
_atom_site.label_seq_id 
_atom_site.pdbx_PDB_ins_code 
_atom_site.Cartn_x 
_atom_site.Cartn_y 
_atom_site.Cartn_z 
_atom_site.occupancy 
_atom_site.B_iso_or_equiv 
_atom_site.pdbx_formal_charge 
_atom_site.auth_seq_id 
_atom_site.auth_comp_id 
_atom_site.auth_asym_id 
_atom_site.auth_atom_id 
_atom_site.pdbx_PDB_model_num 
ATOM   1    N N   . MET A 1 1  ? -25.618 -21.760 16.382  1.00 58.83 ? 1   MET A N   1 
ATOM   2    C CA  . MET A 1 1  ? -24.132 -21.636 16.337  1.00 51.16 ? 1   MET A CA  1 
ATOM   3    C C   . MET A 1 1  ? -23.420 -22.768 15.556  1.00 39.52 ? 1   MET A C   1 
ATOM   4    O O   . MET A 1 1  ? -22.174 -22.919 15.635  1.00 36.89 ? 1   MET A O   1 
ATOM   5    C CB  . MET A 1 1  ? -23.575 -21.355 17.731  1.00 47.68 ? 1   MET A CB  1 
ATOM   6    C CG  . MET A 1 1  ? -22.472 -22.224 18.234  1.00 47.38 ? 1   MET A CG  1 
ATOM   7    S SD  . MET A 1 1  ? -21.067 -21.795 17.350  1.00 14.67 ? 1   MET A SD  1 
ATOM   8    C CE  . MET A 1 1  ? -19.863 -22.850 17.798  1.00 34.69 ? 1   MET A CE  1 
ATOM   9    N N   . ALA A 1 2  ? -24.193 -23.412 14.698  1.00 31.89 ? 2   ALA A N   1 
ATOM   10   C CA  . ALA A 1 2  ? -23.663 -24.193 13.547  1.00 28.58 ? 2   ALA A CA  1 
ATOM   11   C C   . ALA A 1 2  ? -22.782 -23.269 12.695  1.00 26.90 ? 2   ALA A C   1 
ATOM   12   O O   . ALA A 1 2  ? -21.676 -23.673 12.307  1.00 26.04 ? 2   ALA A O   1 
ATOM   13   C CB  . ALA A 1 2  ? -24.826 -24.703 12.708  1.00 30.92 ? 2   ALA A CB  1 
ATOM   14   N N   . THR A 1 3  ? -23.275 -22.029 12.401  1.00 24.64 ? 3   THR A N   1 
ATOM   15   C CA  . THR A 1 3  ? -22.509 -20.994 11.618  1.00 23.65 ? 3   THR A CA  1 
ATOM   16   C C   . THR A 1 3  ? -21.942 -19.899 12.512  1.00 26.10 ? 3   THR A C   1 
ATOM   17   O O   . THR A 1 3  ? -22.726 -19.251 13.284  1.00 25.14 ? 3   THR A O   1 
ATOM   18   C CB  . THR A 1 3  ? -23.436 -20.377 10.536  1.00 24.37 ? 3   THR A CB  1 
ATOM   19   O OG1 . THR A 1 3  ? -23.906 -21.417 9.675   1.00 23.90 ? 3   THR A OG1 1 
ATOM   20   C CG2 . THR A 1 3  ? -22.725 -19.315 9.660   1.00 24.04 ? 3   THR A CG2 1 
ATOM   21   N N   . ASP A 1 4  ? -20.606 -19.678 12.497  1.00 22.52 ? 4   ASP A N   1 
ATOM   22   C CA  . ASP A 1 4  ? -19.969 -18.671 13.344  1.00 22.80 ? 4   ASP A CA  1 
ATOM   23   C C   . ASP A 1 4  ? -19.095 -17.711 12.524  1.00 22.52 ? 4   ASP A C   1 
ATOM   24   O O   . ASP A 1 4  ? -18.149 -18.178 11.847  1.00 23.01 ? 4   ASP A O   1 
ATOM   25   C CB  . ASP A 1 4  ? -19.088 -19.259 14.415  1.00 23.93 ? 4   ASP A CB  1 
ATOM   26   C CG  . ASP A 1 4  ? -19.869 -20.107 15.446  1.00 31.36 ? 4   ASP A CG  1 
ATOM   27   O OD1 . ASP A 1 4  ? -20.797 -19.567 16.060  1.00 33.10 ? 4   ASP A OD1 1 
ATOM   28   O OD2 . ASP A 1 4  ? -19.515 -21.267 15.607  1.00 34.65 ? 4   ASP A OD2 1 
ATOM   29   N N   . LEU A 1 5  ? -19.333 -16.379 12.590  1.00 22.71 ? 5   LEU A N   1 
ATOM   30   C CA  . LEU A 1 5  ? -18.378 -15.396 12.008  1.00 20.32 ? 5   LEU A CA  1 
ATOM   31   C C   . LEU A 1 5  ? -17.099 -15.353 12.906  1.00 21.47 ? 5   LEU A C   1 
ATOM   32   O O   . LEU A 1 5  ? -17.221 -15.133 14.133  1.00 26.02 ? 5   LEU A O   1 
ATOM   33   C CB  . LEU A 1 5  ? -19.025 -14.002 11.889  1.00 21.13 ? 5   LEU A CB  1 
ATOM   34   C CG  . LEU A 1 5  ? -18.157 -12.850 11.333  1.00 22.19 ? 5   LEU A CG  1 
ATOM   35   C CD1 . LEU A 1 5  ? -17.660 -13.016 9.975   1.00 21.46 ? 5   LEU A CD1 1 
ATOM   36   C CD2 . LEU A 1 5  ? -18.975 -11.578 11.461  1.00 24.86 ? 5   LEU A CD2 1 
ATOM   37   N N   . ILE A 1 6  ? -15.946 -15.581 12.317  1.00 20.65 ? 6   ILE A N   1 
ATOM   38   C CA  . ILE A 1 6  ? -14.704 -15.562 13.053  1.00 21.97 ? 6   ILE A CA  1 
ATOM   39   C C   . ILE A 1 6  ? -14.048 -14.161 12.981  1.00 23.64 ? 6   ILE A C   1 
ATOM   40   O O   . ILE A 1 6  ? -13.502 -13.692 14.001  1.00 24.09 ? 6   ILE A O   1 
ATOM   41   C CB  . ILE A 1 6  ? -13.718 -16.659 12.531  1.00 25.73 ? 6   ILE A CB  1 
ATOM   42   C CG1 . ILE A 1 6  ? -14.323 -18.044 12.491  1.00 27.73 ? 6   ILE A CG1 1 
ATOM   43   C CG2 . ILE A 1 6  ? -12.431 -16.700 13.346  1.00 30.93 ? 6   ILE A CG2 1 
ATOM   44   C CD1 . ILE A 1 6  ? -14.904 -18.446 13.833  1.00 29.61 ? 6   ILE A CD1 1 
ATOM   45   N N   . MET A 1 7  ? -13.928 -13.583 11.793  1.00 21.41 ? 7   MET A N   1 
ATOM   46   C CA  . MET A 1 7  ? -13.315 -12.253 11.673  1.00 20.32 ? 7   MET A CA  1 
ATOM   47   C C   . MET A 1 7  ? -13.747 -11.619 10.373  1.00 19.90 ? 7   MET A C   1 
ATOM   48   O O   . MET A 1 7  ? -13.970 -12.269 9.340   1.00 19.74 ? 7   MET A O   1 
ATOM   49   C CB  . MET A 1 7  ? -11.745 -12.218 11.628  1.00 25.59 ? 7   MET A CB  1 
ATOM   50   C CG  . MET A 1 7  ? -11.045 -13.037 10.647  1.00 29.06 ? 7   MET A CG  1 
ATOM   51   S SD  . MET A 1 7  ? -9.176  -12.772 10.828  1.00 28.67 ? 7   MET A SD  1 
ATOM   52   C CE  . MET A 1 7  ? -8.765  -13.627 9.392   1.00 30.10 ? 7   MET A CE  1 
ATOM   53   N N   . THR A 1 8  ? -13.801 -10.285 10.426  1.00 19.17 ? 8   THR A N   1 
ATOM   54   C CA  . THR A 1 8  ? -13.975 -9.458  9.201   1.00 18.95 ? 8   THR A CA  1 
ATOM   55   C C   . THR A 1 8  ? -12.735 -8.526  9.071   1.00 19.10 ? 8   THR A C   1 
ATOM   56   O O   . THR A 1 8  ? -12.293 -7.913  10.070  1.00 23.33 ? 8   THR A O   1 
ATOM   57   C CB  . THR A 1 8  ? -15.265 -8.566  9.360   1.00 23.42 ? 8   THR A CB  1 
ATOM   58   O OG1 . THR A 1 8  ? -16.423 -9.426  9.570   1.00 24.88 ? 8   THR A OG1 1 
ATOM   59   C CG2 . THR A 1 8  ? -15.490 -7.724  8.110   1.00 24.66 ? 8   THR A CG2 1 
ATOM   60   N N   . ILE A 1 9  ? -12.176 -8.420  7.874   1.00 17.04 ? 9   ILE A N   1 
ATOM   61   C CA  . ILE A 1 9  ? -11.019 -7.560  7.575   1.00 19.53 ? 9   ILE A CA  1 
ATOM   62   C C   . ILE A 1 9  ? -11.515 -6.463  6.553   1.00 20.73 ? 9   ILE A C   1 
ATOM   63   O O   . ILE A 1 9  ? -12.001 -6.822  5.458   1.00 20.84 ? 9   ILE A O   1 
ATOM   64   C CB  . ILE A 1 9  ? -9.885  -8.338  6.978   1.00 24.29 ? 9   ILE A CB  1 
ATOM   65   C CG1 . ILE A 1 9  ? -9.416  -9.405  7.977   1.00 25.47 ? 9   ILE A CG1 1 
ATOM   66   C CG2 . ILE A 1 9  ? -8.708  -7.407  6.665   1.00 26.80 ? 9   ILE A CG2 1 
ATOM   67   C CD1 . ILE A 1 9  ? -8.276  -10.307 7.449   1.00 28.11 ? 9   ILE A CD1 1 
ATOM   68   N N   . LEU A 1 10 ? -11.309 -5.198  6.934   1.00 19.57 ? 10  LEU A N   1 
ATOM   69   C CA  . LEU A 1 10 ? -11.721 -3.999  6.158   1.00 21.11 ? 10  LEU A CA  1 
ATOM   70   C C   . LEU A 1 10 ? -10.558 -2.993  6.053   1.00 23.01 ? 10  LEU A C   1 
ATOM   71   O O   . LEU A 1 10 ? -9.807  -2.839  7.055   1.00 20.45 ? 10  LEU A O   1 
ATOM   72   C CB  . LEU A 1 10 ? -12.844 -3.278  6.967   1.00 23.95 ? 10  LEU A CB  1 
ATOM   73   C CG  . LEU A 1 10 ? -14.138 -4.029  7.263   1.00 27.05 ? 10  LEU A CG  1 
ATOM   74   C CD1 . LEU A 1 10 ? -15.189 -3.184  8.031   1.00 27.73 ? 10  LEU A CD1 1 
ATOM   75   C CD2 . LEU A 1 10 ? -14.735 -4.515  5.970   1.00 29.70 ? 10  LEU A CD2 1 
ATOM   76   N N   . PRO A 1 11 ? -10.452 -2.262  4.901   1.00 23.13 ? 11  PRO A N   1 
ATOM   77   C CA  . PRO A 1 11 ? -9.530  -1.109  4.831   1.00 24.95 ? 11  PRO A CA  1 
ATOM   78   C C   . PRO A 1 11 ? -9.656  -0.171  5.996   1.00 24.48 ? 11  PRO A C   1 
ATOM   79   O O   . PRO A 1 11 ? -10.774 0.169   6.480   1.00 24.43 ? 11  PRO A O   1 
ATOM   80   C CB  . PRO A 1 11 ? -9.884  -0.445  3.481   1.00 27.88 ? 11  PRO A CB  1 
ATOM   81   C CG  . PRO A 1 11 ? -10.479 -1.551  2.667   1.00 28.95 ? 11  PRO A CG  1 
ATOM   82   C CD  . PRO A 1 11 ? -11.335 -2.267  3.712   1.00 28.11 ? 11  PRO A CD  1 
ATOM   83   N N   . GLY A 1 12 ? -8.505  0.274   6.500   1.00 18.96 ? 12  GLY A N   1 
ATOM   84   C CA  . GLY A 1 12 ? -8.430  1.123   7.699   1.00 22.14 ? 12  GLY A CA  1 
ATOM   85   C C   . GLY A 1 12 ? -8.237  0.436   9.056   1.00 23.04 ? 12  GLY A C   1 
ATOM   86   O O   . GLY A 1 12 ? -7.879  1.099   10.079  1.00 22.55 ? 12  GLY A O   1 
ATOM   87   N N   . MET A 1 13 ? -8.474  -0.875  9.112   1.00 21.97 ? 13  MET A N   1 
ATOM   88   C CA  . MET A 1 13 ? -8.259  -1.610  10.341  1.00 20.97 ? 13  MET A CA  1 
ATOM   89   C C   . MET A 1 13 ? -6.768  -1.785  10.614  1.00 20.92 ? 13  MET A C   1 
ATOM   90   O O   . MET A 1 13 ? -5.997  -2.026  9.674   1.00 21.67 ? 13  MET A O   1 
ATOM   91   C CB  . MET A 1 13 ? -8.862  -3.023  10.264  1.00 22.54 ? 13  MET A CB  1 
ATOM   92   C CG  . MET A 1 13 ? -10.364 -3.061  10.418  1.00 25.23 ? 13  MET A CG  1 
ATOM   93   S SD  . MET A 1 13 ? -10.935 -4.780  10.429  1.00 26.76 ? 13  MET A SD  1 
ATOM   94   C CE  . MET A 1 13 ? -12.664 -4.457  10.801  1.00 28.91 ? 13  MET A CE  1 
ATOM   95   N N   . THR A 1 14 ? -6.408  -1.802  11.904  1.00 23.45 ? 14  THR A N   1 
ATOM   96   C CA  . THR A 1 14 ? -5.037  -2.262  12.331  1.00 23.58 ? 14  THR A CA  1 
ATOM   97   C C   . THR A 1 14 ? -5.041  -3.788  12.392  1.00 21.49 ? 14  THR A C   1 
ATOM   98   O O   . THR A 1 14 ? -5.982  -4.360  12.977  1.00 24.36 ? 14  THR A O   1 
ATOM   99   C CB  . THR A 1 14 ? -4.634  -1.617  13.673  1.00 28.30 ? 14  THR A CB  1 
ATOM   100  O OG1 . THR A 1 14 ? -4.611  -0.182  13.516  1.00 28.87 ? 14  THR A OG1 1 
ATOM   101  C CG2 . THR A 1 14 ? -3.229  -2.092  14.162  1.00 33.01 ? 14  THR A CG2 1 
ATOM   102  N N   . VAL A 1 15 ? -4.055  -4.446  11.785  1.00 22.39 ? 15  VAL A N   1 
ATOM   103  C CA  . VAL A 1 15 ? -3.935  -5.923  11.782  1.00 22.12 ? 15  VAL A CA  1 
ATOM   104  C C   . VAL A 1 15 ? -2.536  -6.366  12.316  1.00 22.79 ? 15  VAL A C   1 
ATOM   105  O O   . VAL A 1 15 ? -1.506  -5.665  12.077  1.00 22.45 ? 15  VAL A O   1 
ATOM   106  C CB  . VAL A 1 15 ? -4.151  -6.564  10.401  1.00 20.90 ? 15  VAL A CB  1 
ATOM   107  C CG1 . VAL A 1 15 ? -5.642  -6.432  10.012  1.00 24.57 ? 15  VAL A CG1 1 
ATOM   108  C CG2 . VAL A 1 15 ? -3.259  -5.988  9.303   1.00 23.44 ? 15  VAL A CG2 1 
ATOM   109  N N   . LYS A 1 16 ? -2.498  -7.559  12.907  1.00 22.05 ? 16  LYS A N   1 
ATOM   110  C CA  . LYS A 1 16 ? -1.206  -8.242  13.248  1.00 23.56 ? 16  LYS A CA  1 
ATOM   111  C C   . LYS A 1 16 ? -0.964  -9.480  12.407  1.00 21.74 ? 16  LYS A C   1 
ATOM   112  O O   . LYS A 1 16 ? -1.939  -10.214 12.051  1.00 23.63 ? 16  LYS A O   1 
ATOM   113  C CB  . LYS A 1 16 ? -1.265  -8.611  14.724  1.00 30.04 ? 16  LYS A CB  1 
ATOM   114  C CG  . LYS A 1 16 ? 0.022   -9.138  15.291  1.00 34.05 ? 16  LYS A CG  1 
ATOM   115  C CD  . LYS A 1 16 ? -0.074  -9.292  16.852  1.00 41.80 ? 16  LYS A CD  1 
ATOM   116  C CE  . LYS A 1 16 ? -0.801  -10.533 17.278  1.00 42.18 ? 16  LYS A CE  1 
ATOM   117  N NZ  . LYS A 1 16 ? -0.442  -10.907 18.715  1.00 44.75 ? 16  LYS A NZ  1 
ATOM   118  N N   . VAL A 1 17 ? 0.288   -9.778  12.028  1.00 19.23 ? 17  VAL A N   1 
ATOM   119  C CA  . VAL A 1 17 ? 0.646   -10.958 11.308  1.00 21.02 ? 17  VAL A CA  1 
ATOM   120  C C   . VAL A 1 17 ? 0.680   -12.155 12.282  1.00 25.77 ? 17  VAL A C   1 
ATOM   121  O O   . VAL A 1 17 ? 1.437   -12.113 13.284  1.00 24.86 ? 17  VAL A O   1 
ATOM   122  C CB  . VAL A 1 17 ? 1.955   -10.794 10.521  1.00 23.54 ? 17  VAL A CB  1 
ATOM   123  C CG1 . VAL A 1 17 ? 2.354   -12.037 9.755   1.00 24.45 ? 17  VAL A CG1 1 
ATOM   124  C CG2 . VAL A 1 17 ? 1.835   -9.632  9.542   1.00 24.94 ? 17  VAL A CG2 1 
ATOM   125  N N   . THR A 1 18 ? -0.141  -13.183 12.038  1.00 24.81 ? 18  THR A N   1 
ATOM   126  C CA  . THR A 1 18 ? -0.300  -14.283 12.979  1.00 25.91 ? 18  THR A CA  1 
ATOM   127  C C   . THR A 1 18 ? 0.293   -15.602 12.481  1.00 27.31 ? 18  THR A C   1 
ATOM   128  O O   . THR A 1 18 ? 0.187   -16.596 13.205  1.00 31.37 ? 18  THR A O   1 
ATOM   129  C CB  . THR A 1 18 ? -1.823  -14.522 13.353  1.00 30.12 ? 18  THR A CB  1 
ATOM   130  O OG1 . THR A 1 18 ? -2.490  -14.857 12.167  1.00 30.94 ? 18  THR A OG1 1 
ATOM   131  C CG2 . THR A 1 18 ? -2.404  -13.347 14.031  1.00 34.50 ? 18  THR A CG2 1 
ATOM   132  N N   . ASN A 1 19 ? 0.870   -15.674 11.299  1.00 27.04 ? 19  ASN A N   1 
ATOM   133  C CA  . ASN A 1 19 ? 1.476   -16.862 10.725  1.00 31.10 ? 19  ASN A CA  1 
ATOM   134  C C   . ASN A 1 19 ? 2.976   -16.962 11.251  1.00 32.27 ? 19  ASN A C   1 
ATOM   135  O O   . ASN A 1 19 ? 3.827   -16.136 10.879  1.00 26.52 ? 19  ASN A O   1 
ATOM   136  C CB  . ASN A 1 19 ? 1.524   -16.741 9.209   1.00 30.05 ? 19  ASN A CB  1 
ATOM   137  C CG  . ASN A 1 19 ? 2.155   -17.954 8.499   1.00 32.59 ? 19  ASN A CG  1 
ATOM   138  O OD1 . ASN A 1 19 ? 2.615   -18.894 9.151   1.00 37.81 ? 19  ASN A OD1 1 
ATOM   139  N ND2 . ASN A 1 19 ? 2.280   -17.878 7.165   1.00 34.50 ? 19  ASN A ND2 1 
ATOM   140  N N   . PRO A 1 20 ? 3.279   -17.985 12.078  1.00 33.01 ? 20  PRO A N   1 
ATOM   141  C CA  . PRO A 1 20 ? 4.668   -18.041 12.648  1.00 33.40 ? 20  PRO A CA  1 
ATOM   142  C C   . PRO A 1 20 ? 5.746   -18.414 11.644  1.00 36.40 ? 20  PRO A C   1 
ATOM   143  O O   . PRO A 1 20 ? 6.954   -18.239 11.953  1.00 37.81 ? 20  PRO A O   1 
ATOM   144  C CB  . PRO A 1 20 ? 4.575   -19.069 13.804  1.00 36.60 ? 20  PRO A CB  1 
ATOM   145  C CG  . PRO A 1 20 ? 3.192   -19.596 13.803  1.00 38.65 ? 20  PRO A CG  1 
ATOM   146  C CD  . PRO A 1 20 ? 2.386   -19.029 12.637  1.00 33.70 ? 20  PRO A CD  1 
ATOM   147  N N   . ASN A 1 21 ? 5.379   -18.890 10.447  1.00 31.65 ? 21  ASN A N   1 
ATOM   148  C CA  . ASN A 1 21 ? 6.315   -19.041 9.372   1.00 32.56 ? 21  ASN A CA  1 
ATOM   149  C C   . ASN A 1 21 ? 6.646   -17.780 8.563   1.00 33.66 ? 21  ASN A C   1 
ATOM   150  O O   . ASN A 1 21 ? 7.483   -17.816 7.692   1.00 39.46 ? 21  ASN A O   1 
ATOM   151  C CB  . ASN A 1 21 ? 5.877   -20.149 8.394   1.00 42.99 ? 21  ASN A CB  1 
ATOM   152  C CG  . ASN A 1 21 ? 5.602   -21.488 9.065   1.00 47.89 ? 21  ASN A CG  1 
ATOM   153  O OD1 . ASN A 1 21 ? 4.630   -22.148 8.709   1.00 59.82 ? 21  ASN A OD1 1 
ATOM   154  N ND2 . ASN A 1 21 ? 6.431   -21.894 10.018  1.00 52.54 ? 21  ASN A ND2 1 
ATOM   155  N N   . ASP A 1 22 ? 5.964   -16.662 8.794   1.00 32.38 ? 22  ASP A N   1 
ATOM   156  C CA  . ASP A 1 22 ? 6.189   -15.455 7.991   1.00 31.85 ? 22  ASP A CA  1 
ATOM   157  C C   . ASP A 1 22 ? 7.247   -14.588 8.751   1.00 28.75 ? 22  ASP A C   1 
ATOM   158  O O   . ASP A 1 22 ? 7.197   -14.460 10.001  1.00 27.85 ? 22  ASP A O   1 
ATOM   159  C CB  . ASP A 1 22 ? 4.853   -14.660 7.870   1.00 31.51 ? 22  ASP A CB  1 
ATOM   160  C CG  . ASP A 1 22 ? 4.955   -13.509 6.865   1.00 40.42 ? 22  ASP A CG  1 
ATOM   161  O OD1 . ASP A 1 22 ? 5.622   -12.492 7.167   1.00 35.35 ? 22  ASP A OD1 1 
ATOM   162  O OD2 . ASP A 1 22 ? 4.300   -13.562 5.793   1.00 38.19 ? 22  ASP A OD2 1 
ATOM   163  N N   . THR A 1 23 ? 8.168   -13.969 8.017   1.00 34.28 ? 23  THR A N   1 
ATOM   164  C CA  . THR A 1 23 ? 9.162   -13.090 8.669   1.00 36.55 ? 23  THR A CA  1 
ATOM   165  C C   . THR A 1 23 ? 8.609   -11.896 9.418   1.00 35.57 ? 23  THR A C   1 
ATOM   166  O O   . THR A 1 23 ? 9.325   -11.342 10.276  1.00 28.80 ? 23  THR A O   1 
ATOM   167  C CB  . THR A 1 23 ? 10.275  -12.573 7.687   1.00 42.61 ? 23  THR A CB  1 
ATOM   168  O OG1 . THR A 1 23 ? 9.740   -11.693 6.706   1.00 47.41 ? 23  THR A OG1 1 
ATOM   169  C CG2 . THR A 1 23 ? 10.978  -13.744 7.035   1.00 47.17 ? 23  THR A CG2 1 
ATOM   170  N N   . TYR A 1 24 ? 7.353   -11.482 9.145   1.00 26.63 ? 24  TYR A N   1 
ATOM   171  C CA  . TYR A 1 24 ? 6.725   -10.363 9.845   1.00 23.55 ? 24  TYR A CA  1 
ATOM   172  C C   . TYR A 1 24 ? 5.826   -10.751 11.001  1.00 19.99 ? 24  TYR A C   1 
ATOM   173  O O   . TYR A 1 24 ? 5.092   -9.906  11.541  1.00 22.47 ? 24  TYR A O   1 
ATOM   174  C CB  . TYR A 1 24 ? 5.900   -9.540  8.821   1.00 23.84 ? 24  TYR A CB  1 
ATOM   175  C CG  . TYR A 1 24 ? 6.669   -8.703  7.860   1.00 26.68 ? 24  TYR A CG  1 
ATOM   176  C CD1 . TYR A 1 24 ? 7.970   -8.995  7.461   1.00 29.18 ? 24  TYR A CD1 1 
ATOM   177  C CD2 . TYR A 1 24 ? 6.090   -7.531  7.371   1.00 33.37 ? 24  TYR A CD2 1 
ATOM   178  C CE1 . TYR A 1 24 ? 8.631   -8.178  6.568   1.00 33.27 ? 24  TYR A CE1 1 
ATOM   179  C CE2 . TYR A 1 24 ? 6.785   -6.692  6.529   1.00 34.97 ? 24  TYR A CE2 1 
ATOM   180  C CZ  . TYR A 1 24 ? 8.045   -7.040  6.120   1.00 29.83 ? 24  TYR A CZ  1 
ATOM   181  O OH  . TYR A 1 24 ? 8.668   -6.250  5.166   1.00 32.65 ? 24  TYR A OH  1 
ATOM   182  N N   . TYR A 1 25 ? 5.891   -12.005 11.418  1.00 25.03 ? 25  TYR A N   1 
ATOM   183  C CA  . TYR A 1 25 ? 5.129   -12.471 12.607  1.00 27.04 ? 25  TYR A CA  1 
ATOM   184  C C   . TYR A 1 25 ? 5.160   -11.518 13.808  1.00 27.92 ? 25  TYR A C   1 
ATOM   185  O O   . TYR A 1 25 ? 6.285   -11.078 14.263  1.00 25.79 ? 25  TYR A O   1 
ATOM   186  C CB  . TYR A 1 25 ? 5.712   -13.869 13.023  1.00 28.00 ? 25  TYR A CB  1 
ATOM   187  C CG  . TYR A 1 25 ? 5.039   -14.611 14.114  1.00 29.73 ? 25  TYR A CG  1 
ATOM   188  C CD1 . TYR A 1 25 ? 3.676   -14.906 14.063  1.00 28.67 ? 25  TYR A CD1 1 
ATOM   189  C CD2 . TYR A 1 25 ? 5.798   -15.212 15.182  1.00 32.03 ? 25  TYR A CD2 1 
ATOM   190  C CE1 . TYR A 1 25 ? 3.040   -15.674 15.072  1.00 28.89 ? 25  TYR A CE1 1 
ATOM   191  C CE2 . TYR A 1 25 ? 5.166   -15.968 16.166  1.00 29.07 ? 25  TYR A CE2 1 
ATOM   192  C CZ  . TYR A 1 25 ? 3.792   -16.205 16.105  1.00 32.90 ? 25  TYR A CZ  1 
ATOM   193  O OH  . TYR A 1 25 ? 3.196   -16.965 17.075  1.00 32.66 ? 25  TYR A OH  1 
ATOM   194  N N   . GLN A 1 26 ? 3.954   -11.167 14.302  1.00 18.72 ? 26  GLN A N   1 
ATOM   195  C CA  . GLN A 1 26 ? 3.650   -10.203 15.325  1.00 20.62 ? 26  GLN A CA  1 
ATOM   196  C C   . GLN A 1 26 ? 3.656   -8.705  14.925  1.00 17.70 ? 26  GLN A C   1 
ATOM   197  O O   . GLN A 1 26 ? 3.182   -7.893  15.723  1.00 20.88 ? 26  GLN A O   1 
ATOM   198  C CB  . GLN A 1 26 ? 4.534   -10.370 16.664  1.00 25.93 ? 26  GLN A CB  1 
ATOM   199  C CG  . GLN A 1 26 ? 4.395   -11.797 17.236  1.00 27.28 ? 26  GLN A CG  1 
ATOM   200  C CD  . GLN A 1 26 ? 2.969   -12.064 17.800  1.00 28.14 ? 26  GLN A CD  1 
ATOM   201  O OE1 . GLN A 1 26 ? 2.472   -11.295 18.571  1.00 33.45 ? 26  GLN A OE1 1 
ATOM   202  N NE2 . GLN A 1 26 ? 2.351   -13.122 17.373  1.00 32.07 ? 26  GLN A NE2 1 
ATOM   203  N N   . PHE A 1 27 ? 4.267   -8.323  13.814  1.00 19.23 ? 27  PHE A N   1 
ATOM   204  C CA  . PHE A 1 27 ? 4.284   -6.924  13.416  1.00 19.54 ? 27  PHE A CA  1 
ATOM   205  C C   . PHE A 1 27 ? 2.827   -6.433  13.113  1.00 24.10 ? 27  PHE A C   1 
ATOM   206  O O   . PHE A 1 27 ? 2.004   -7.283  12.669  1.00 24.15 ? 27  PHE A O   1 
ATOM   207  C CB  . PHE A 1 27 ? 5.148   -6.753  12.155  1.00 19.72 ? 27  PHE A CB  1 
ATOM   208  C CG  . PHE A 1 27 ? 6.677   -6.877  12.369  1.00 22.22 ? 27  PHE A CG  1 
ATOM   209  C CD1 . PHE A 1 27 ? 7.253   -7.033  13.651  1.00 24.82 ? 27  PHE A CD1 1 
ATOM   210  C CD2 . PHE A 1 27 ? 7.509   -6.782  11.282  1.00 20.48 ? 27  PHE A CD2 1 
ATOM   211  C CE1 . PHE A 1 27 ? 8.667   -7.097  13.749  1.00 22.84 ? 27  PHE A CE1 1 
ATOM   212  C CE2 . PHE A 1 27 ? 8.922   -6.861  11.356  1.00 27.18 ? 27  PHE A CE2 1 
ATOM   213  C CZ  . PHE A 1 27 ? 9.488   -7.020  12.634  1.00 22.97 ? 27  PHE A CZ  1 
ATOM   214  N N   . GLN A 1 28 ? 2.563   -5.148  13.344  1.00 21.99 ? 28  GLN A N   1 
ATOM   215  C CA  . GLN A 1 28 ? 1.246   -4.519  13.100  1.00 22.96 ? 28  GLN A CA  1 
ATOM   216  C C   . GLN A 1 28 ? 1.371   -3.469  11.985  1.00 23.14 ? 28  GLN A C   1 
ATOM   217  O O   . GLN A 1 28 ? 2.242   -2.599  11.976  1.00 19.57 ? 28  GLN A O   1 
ATOM   218  C CB  . GLN A 1 28 ? 0.705   -3.855  14.340  1.00 24.89 ? 28  GLN A CB  1 
ATOM   219  C CG  . GLN A 1 28 ? 0.268   -4.839  15.402  1.00 29.78 ? 28  GLN A CG  1 
ATOM   220  C CD  . GLN A 1 28 ? -0.248  -4.222  16.689  1.00 30.84 ? 28  GLN A CD  1 
ATOM   221  O OE1 . GLN A 1 28 ? -0.591  -3.045  16.803  1.00 41.47 ? 28  GLN A OE1 1 
ATOM   222  N NE2 . GLN A 1 28 ? -0.404  -5.081  17.634  1.00 33.36 ? 28  GLN A NE2 1 
ATOM   223  N N   . GLY A 1 29 ? 0.389   -3.470  11.094  1.00 22.34 ? 29  GLY A N   1 
ATOM   224  C CA  . GLY A 1 29 ? 0.321   -2.428  10.017  1.00 20.44 ? 29  GLY A CA  1 
ATOM   225  C C   . GLY A 1 29 ? -1.197  -2.097  9.817   1.00 21.45 ? 29  GLY A C   1 
ATOM   226  O O   . GLY A 1 29 ? -2.100  -2.556  10.603  1.00 20.66 ? 29  GLY A O   1 
ATOM   227  N N   . ILE A 1 30 ? -1.475  -1.214  8.865   1.00 18.97 ? 30  ILE A N   1 
ATOM   228  C CA  . ILE A 1 30 ? -2.872  -0.797  8.605   1.00 19.43 ? 30  ILE A CA  1 
ATOM   229  C C   . ILE A 1 30 ? -3.321  -1.318  7.185   1.00 18.52 ? 30  ILE A C   1 
ATOM   230  O O   . ILE A 1 30 ? -2.631  -1.152  6.186   1.00 19.81 ? 30  ILE A O   1 
ATOM   231  C CB  . ILE A 1 30 ? -3.035  0.771   8.661   1.00 21.99 ? 30  ILE A CB  1 
ATOM   232  C CG1 . ILE A 1 30 ? -2.713  1.269   10.107  1.00 26.91 ? 30  ILE A CG1 1 
ATOM   233  C CG2 . ILE A 1 30 ? -4.453  1.180   8.308   1.00 24.14 ? 30  ILE A CG2 1 
ATOM   234  C CD1 . ILE A 1 30 ? -2.783  2.776   10.287  1.00 31.13 ? 30  ILE A CD1 1 
ATOM   235  N N   . VAL A 1 31 ? -4.482  -1.978  7.100   1.00 16.96 ? 31  VAL A N   1 
ATOM   236  C CA  . VAL A 1 31 ? -5.001  -2.496  5.843   1.00 15.83 ? 31  VAL A CA  1 
ATOM   237  C C   . VAL A 1 31 ? -5.296  -1.316  4.870   1.00 15.70 ? 31  VAL A C   1 
ATOM   238  O O   . VAL A 1 31 ? -6.025  -0.358  5.259   1.00 19.27 ? 31  VAL A O   1 
ATOM   239  C CB  . VAL A 1 31 ? -6.316  -3.309  6.041   1.00 17.18 ? 31  VAL A CB  1 
ATOM   240  C CG1 . VAL A 1 31 ? -6.786  -3.862  4.705   1.00 18.29 ? 31  VAL A CG1 1 
ATOM   241  C CG2 . VAL A 1 31 ? -6.042  -4.547  6.923   1.00 18.59 ? 31  VAL A CG2 1 
ATOM   242  N N   . GLN A 1 32 ? -4.741  -1.383  3.686   1.00 17.86 ? 32  GLN A N   1 
ATOM   243  C CA  . GLN A 1 32 ? -4.965  -0.326  2.681   1.00 19.98 ? 32  GLN A CA  1 
ATOM   244  C C   . GLN A 1 32 ? -5.977  -0.780  1.584   1.00 23.26 ? 32  GLN A C   1 
ATOM   245  O O   . GLN A 1 32 ? -6.790  0.049   1.091   1.00 23.84 ? 32  GLN A O   1 
ATOM   246  C CB  . GLN A 1 32 ? -3.667  0.145   2.048   1.00 20.66 ? 32  GLN A CB  1 
ATOM   247  C CG  . GLN A 1 32 ? -3.833  1.407   1.201   1.00 21.36 ? 32  GLN A CG  1 
ATOM   248  C CD  . GLN A 1 32 ? -2.518  2.016   0.784   1.00 18.90 ? 32  GLN A CD  1 
ATOM   249  O OE1 . GLN A 1 32 ? -1.896  1.551   -0.151  1.00 21.98 ? 32  GLN A OE1 1 
ATOM   250  N NE2 . GLN A 1 32 ? -2.091  3.064   1.522   1.00 19.85 ? 32  GLN A NE2 1 
ATOM   251  N N   . ARG A 1 33 ? -5.883  -2.005  1.152   1.00 22.63 ? 33  ARG A N   1 
ATOM   252  C CA  . ARG A 1 33 ? -6.712  -2.497  0.010   1.00 24.52 ? 33  ARG A CA  1 
ATOM   253  C C   . ARG A 1 33 ? -6.947  -3.994  0.080   1.00 27.91 ? 33  ARG A C   1 
ATOM   254  O O   . ARG A 1 33 ? -6.047  -4.753  0.520   1.00 23.50 ? 33  ARG A O   1 
ATOM   255  C CB  . ARG A 1 33 ? -6.024  -2.106  -1.280  1.00 26.75 ? 33  ARG A CB  1 
ATOM   256  C CG  . ARG A 1 33 ? -6.918  -2.059  -2.531  1.00 28.49 ? 33  ARG A CG  1 
ATOM   257  C CD  . ARG A 1 33 ? -7.847  -0.871  -2.578  1.00 27.94 ? 33  ARG A CD  1 
ATOM   258  N NE  . ARG A 1 33 ? -7.219  0.438   -2.440  1.00 26.49 ? 33  ARG A NE  1 
ATOM   259  C CZ  . ARG A 1 33 ? -6.624  1.164   -3.403  1.00 27.86 ? 33  ARG A CZ  1 
ATOM   260  N NH1 . ARG A 1 33 ? -6.608  0.766   -4.627  1.00 25.25 ? 33  ARG A NH1 1 
ATOM   261  N NH2 . ARG A 1 33 ? -6.080  2.343   -3.099  1.00 28.61 ? 33  ARG A NH2 1 
ATOM   262  N N   . ILE A 1 34 ? -8.122  -4.459  -0.345  1.00 22.09 ? 34  ILE A N   1 
ATOM   263  C CA  . ILE A 1 34 ? -8.369  -5.910  -0.432  1.00 23.84 ? 34  ILE A CA  1 
ATOM   264  C C   . ILE A 1 34 ? -8.818  -6.189  -1.854  1.00 29.74 ? 34  ILE A C   1 
ATOM   265  O O   . ILE A 1 34 ? -9.837  -5.630  -2.298  1.00 30.16 ? 34  ILE A O   1 
ATOM   266  C CB  . ILE A 1 34 ? -9.395  -6.446  0.578   1.00 23.04 ? 34  ILE A CB  1 
ATOM   267  C CG1 . ILE A 1 34 ? -8.837  -6.255  1.995   1.00 22.73 ? 34  ILE A CG1 1 
ATOM   268  C CG2 . ILE A 1 34 ? -9.732  -7.950  0.274   1.00 23.90 ? 34  ILE A CG2 1 
ATOM   269  C CD1 . ILE A 1 34 ? -9.815  -6.167  3.132   1.00 28.71 ? 34  ILE A CD1 1 
ATOM   270  N N   . THR A 1 35 ? -8.043  -6.997  -2.552  1.00 30.96 ? 35  THR A N   1 
ATOM   271  C CA  . THR A 1 35 ? -8.337  -7.240  -3.949  1.00 41.30 ? 35  THR A CA  1 
ATOM   272  C C   . THR A 1 35 ? -7.648  -8.497  -4.472  1.00 39.83 ? 35  THR A C   1 
ATOM   273  O O   . THR A 1 35 ? -6.560  -8.867  -4.021  1.00 35.69 ? 35  THR A O   1 
ATOM   274  C CB  . THR A 1 35 ? -7.952  -5.983  -4.812  1.00 44.91 ? 35  THR A CB  1 
ATOM   275  O OG1 . THR A 1 35 ? -8.544  -6.097  -6.104  1.00 53.20 ? 35  THR A OG1 1 
ATOM   276  C CG2 . THR A 1 35 ? -6.442  -5.816  -4.932  1.00 45.81 ? 35  THR A CG2 1 
ATOM   277  N N   . ASP A 1 36 ? -8.311  -9.184  -5.409  1.00 45.22 ? 36  ASP A N   1 
ATOM   278  C CA  . ASP A 1 36 ? -7.752  -10.372 -6.048  1.00 48.24 ? 36  ASP A CA  1 
ATOM   279  C C   . ASP A 1 36 ? -7.140  -11.446 -5.130  1.00 45.42 ? 36  ASP A C   1 
ATOM   280  O O   . ASP A 1 36 ? -6.087  -12.007 -5.441  1.00 48.62 ? 36  ASP A O   1 
ATOM   281  C CB  . ASP A 1 36 ? -6.726  -9.928  -7.085  1.00 61.33 ? 36  ASP A CB  1 
ATOM   282  C CG  . ASP A 1 36 ? -7.316  -9.899  -8.490  1.00 68.40 ? 36  ASP A CG  1 
ATOM   283  O OD1 . ASP A 1 36 ? -8.483  -9.482  -8.623  1.00 76.49 ? 36  ASP A OD1 1 
ATOM   284  O OD2 . ASP A 1 36 ? -6.628  -10.338 -9.430  1.00 83.62 ? 36  ASP A OD2 1 
ATOM   285  N N   . GLY A 1 37 ? -7.847  -11.768 -4.061  1.00 38.40 ? 37  GLY A N   1 
ATOM   286  C CA  . GLY A 1 37 ? -7.413  -12.814 -3.129  1.00 38.52 ? 37  GLY A CA  1 
ATOM   287  C C   . GLY A 1 37 ? -6.302  -12.388 -2.135  1.00 40.80 ? 37  GLY A C   1 
ATOM   288  O O   . GLY A 1 37 ? -5.795  -13.224 -1.392  1.00 44.42 ? 37  GLY A O   1 
ATOM   289  N N   . LYS A 1 38 ? -5.938  -11.113 -2.111  1.00 36.49 ? 38  LYS A N   1 
ATOM   290  C CA  . LYS A 1 38 ? -4.857  -10.606 -1.233  1.00 37.78 ? 38  LYS A CA  1 
ATOM   291  C C   . LYS A 1 38 ? -5.288  -9.411  -0.366  1.00 31.43 ? 38  LYS A C   1 
ATOM   292  O O   . LYS A 1 38 ? -6.176  -8.596  -0.726  1.00 29.81 ? 38  LYS A O   1 
ATOM   293  C CB  . LYS A 1 38 ? -3.659  -10.180 -2.091  1.00 43.28 ? 38  LYS A CB  1 
ATOM   294  C CG  . LYS A 1 38 ? -3.033  -11.283 -2.964  1.00 53.63 ? 38  LYS A CG  1 
ATOM   295  C CD  . LYS A 1 38 ? -2.404  -12.413 -2.148  1.00 57.94 ? 38  LYS A CD  1 
ATOM   296  C CE  . LYS A 1 38 ? -1.322  -13.195 -2.917  1.00 67.67 ? 38  LYS A CE  1 
ATOM   297  N NZ  . LYS A 1 38 ? -0.812  -14.345 -2.098  1.00 64.90 ? 38  LYS A NZ  1 
ATOM   298  N N   . VAL A 1 39 ? -4.582  -9.249  0.781   1.00 23.85 ? 39  VAL A N   1 
ATOM   299  C CA  . VAL A 1 39 ? -4.806  -8.136  1.641   1.00 19.29 ? 39  VAL A CA  1 
ATOM   300  C C   . VAL A 1 39 ? -3.489  -7.285  1.592   1.00 24.44 ? 39  VAL A C   1 
ATOM   301  O O   . VAL A 1 39 ? -2.419  -7.819  1.968   1.00 23.84 ? 39  VAL A O   1 
ATOM   302  C CB  . VAL A 1 39 ? -5.056  -8.572  3.097   1.00 18.13 ? 39  VAL A CB  1 
ATOM   303  C CG1 . VAL A 1 39 ? -5.279  -7.379  3.993   1.00 16.53 ? 39  VAL A CG1 1 
ATOM   304  C CG2 . VAL A 1 39 ? -6.188  -9.569  3.276   1.00 24.10 ? 39  VAL A CG2 1 
ATOM   305  N N   . ALA A 1 40 ? -3.553  -6.033  1.126   1.00 19.18 ? 40  ALA A N   1 
ATOM   306  C CA  . ALA A 1 40 ? -2.349  -5.164  1.039   1.00 19.58 ? 40  ALA A CA  1 
ATOM   307  C C   . ALA A 1 40 ? -2.280  -4.355  2.330   1.00 21.38 ? 40  ALA A C   1 
ATOM   308  O O   . ALA A 1 40 ? -3.185  -3.538  2.619   1.00 19.48 ? 40  ALA A O   1 
ATOM   309  C CB  . ALA A 1 40 ? -2.431  -4.250  -0.204  1.00 21.11 ? 40  ALA A CB  1 
ATOM   310  N N   . VAL A 1 41 ? -1.168  -4.546  3.131   1.00 19.12 ? 41  VAL A N   1 
ATOM   311  C CA  . VAL A 1 41 ? -1.014  -3.908  4.433   1.00 19.53 ? 41  VAL A CA  1 
ATOM   312  C C   . VAL A 1 41 ? 0.132   -2.898  4.347   1.00 16.29 ? 41  VAL A C   1 
ATOM   313  O O   . VAL A 1 41 ? 1.207   -3.217  3.833   1.00 17.35 ? 41  VAL A O   1 
ATOM   314  C CB  . VAL A 1 41 ? -0.700  -5.012  5.520   1.00 21.59 ? 41  VAL A CB  1 
ATOM   315  C CG1 . VAL A 1 41 ? -0.347  -4.409  6.875   1.00 22.61 ? 41  VAL A CG1 1 
ATOM   316  C CG2 . VAL A 1 41 ? -1.864  -6.042  5.610   1.00 23.05 ? 41  VAL A CG2 1 
ATOM   317  N N   . LEU A 1 42 ? -0.112  -1.727  4.874   1.00 16.69 ? 42  LEU A N   1 
ATOM   318  C CA  . LEU A 1 42 ? 0.874   -0.582  4.803   1.00 16.31 ? 42  LEU A CA  1 
ATOM   319  C C   . LEU A 1 42 ? 1.613   -0.485  6.169   1.00 17.47 ? 42  LEU A C   1 
ATOM   320  O O   . LEU A 1 42 ? 0.974   -0.481  7.244   1.00 19.45 ? 42  LEU A O   1 
ATOM   321  C CB  . LEU A 1 42 ? 0.159   0.718   4.611   1.00 18.05 ? 42  LEU A CB  1 
ATOM   322  C CG  . LEU A 1 42 ? 1.049   1.959   4.362   1.00 19.82 ? 42  LEU A CG  1 
ATOM   323  C CD1 . LEU A 1 42 ? 1.780   1.798   3.033   1.00 25.78 ? 42  LEU A CD1 1 
ATOM   324  C CD2 . LEU A 1 42 ? 0.285   3.277   4.398   1.00 21.79 ? 42  LEU A CD2 1 
ATOM   325  N N   . PHE A 1 43 ? 2.945   -0.410  6.051   1.00 19.77 ? 43  PHE A N   1 
ATOM   326  C CA  . PHE A 1 43 ? 3.865   0.001   7.141   1.00 19.92 ? 43  PHE A CA  1 
ATOM   327  C C   . PHE A 1 43 ? 4.475   1.366   6.694   1.00 20.23 ? 43  PHE A C   1 
ATOM   328  O O   . PHE A 1 43 ? 4.881   1.526   5.529   1.00 22.51 ? 43  PHE A O   1 
ATOM   329  C CB  . PHE A 1 43 ? 4.987   -1.070  7.267   1.00 21.42 ? 43  PHE A CB  1 
ATOM   330  C CG  . PHE A 1 43 ? 4.472   -2.457  7.609   1.00 19.59 ? 43  PHE A CG  1 
ATOM   331  C CD1 . PHE A 1 43 ? 4.228   -2.820  8.951   1.00 22.56 ? 43  PHE A CD1 1 
ATOM   332  C CD2 . PHE A 1 43 ? 4.179   -3.377  6.623   1.00 22.58 ? 43  PHE A CD2 1 
ATOM   333  C CE1 . PHE A 1 43 ? 3.753   -4.104  9.244   1.00 20.64 ? 43  PHE A CE1 1 
ATOM   334  C CE2 . PHE A 1 43 ? 3.706   -4.620  6.918   1.00 26.77 ? 43  PHE A CE2 1 
ATOM   335  C CZ  . PHE A 1 43 ? 3.458   -4.977  8.229   1.00 24.92 ? 43  PHE A CZ  1 
ATOM   336  N N   . GLU A 1 44 ? 4.552   2.339   7.572   1.00 20.55 ? 44  GLU A N   1 
ATOM   337  C CA  . GLU A 1 44 ? 5.100   3.687   7.229   1.00 21.53 ? 44  GLU A CA  1 
ATOM   338  C C   . GLU A 1 44 ? 6.034   4.258   8.280   1.00 25.73 ? 44  GLU A C   1 
ATOM   339  O O   . GLU A 1 44 ? 5.740   4.124   9.486   1.00 25.97 ? 44  GLU A O   1 
ATOM   340  C CB  . GLU A 1 44 ? 3.920   4.676   7.058   1.00 22.87 ? 44  GLU A CB  1 
ATOM   341  C CG  . GLU A 1 44 ? 4.270   6.158   6.649   1.00 26.44 ? 44  GLU A CG  1 
ATOM   342  C CD  . GLU A 1 44 ? 3.050   6.890   6.086   1.00 29.05 ? 44  GLU A CD  1 
ATOM   343  O OE1 . GLU A 1 44 ? 2.485   7.727   6.782   1.00 27.14 ? 44  GLU A OE1 1 
ATOM   344  O OE2 . GLU A 1 44 ? 2.571   6.503   4.941   1.00 24.74 ? 44  GLU A OE2 1 
ATOM   345  N N   . GLY A 1 45 ? 7.066   4.940   7.838   1.00 25.29 ? 45  GLY A N   1 
ATOM   346  C CA  . GLY A 1 45 ? 7.975   5.684   8.714   1.00 32.46 ? 45  GLY A CA  1 
ATOM   347  C C   . GLY A 1 45 ? 8.154   7.090   8.265   1.00 37.81 ? 45  GLY A C   1 
ATOM   348  O O   . GLY A 1 45 ? 7.363   7.613   7.455   1.00 37.97 ? 45  GLY A O   1 
ATOM   349  N N   . GLY A 1 46 ? 9.198   7.760   8.786   1.00 34.56 ? 46  GLY A N   1 
ATOM   350  C CA  . GLY A 1 46 ? 9.512   9.082   8.294   1.00 36.39 ? 46  GLY A CA  1 
ATOM   351  C C   . GLY A 1 46 ? 10.000  9.029   6.847   1.00 32.34 ? 46  GLY A C   1 
ATOM   352  O O   . GLY A 1 46 ? 11.081  8.525   6.554   1.00 38.44 ? 46  GLY A O   1 
ATOM   353  N N   . ASN A 1 47 ? 9.254   9.600   5.930   1.00 33.61 ? 47  ASN A N   1 
ATOM   354  C CA  . ASN A 1 47 ? 9.636   9.558   4.544   1.00 29.54 ? 47  ASN A CA  1 
ATOM   355  C C   . ASN A 1 47 ? 9.878   8.246   3.862   1.00 24.21 ? 47  ASN A C   1 
ATOM   356  O O   . ASN A 1 47 ? 10.686  8.151   2.952   1.00 23.98 ? 47  ASN A O   1 
ATOM   357  C CB  . ASN A 1 47 ? 10.807  10.542  4.315   1.00 34.31 ? 47  ASN A CB  1 
ATOM   358  C CG  . ASN A 1 47 ? 10.412  11.730  3.429   1.00 38.17 ? 47  ASN A CG  1 
ATOM   359  O OD1 . ASN A 1 47 ? 9.255   11.887  3.001   1.00 30.43 ? 47  ASN A OD1 1 
ATOM   360  N ND2 . ASN A 1 47 ? 11.382  12.609  3.187   1.00 35.21 ? 47  ASN A ND2 1 
ATOM   361  N N   . TRP A 1 48 ? 9.135   7.197   4.263   1.00 24.63 ? 48  TRP A N   1 
ATOM   362  C CA  . TRP A 1 48 ? 9.060   5.970   3.538   1.00 22.32 ? 48  TRP A CA  1 
ATOM   363  C C   . TRP A 1 48 ? 7.696   5.237   3.769   1.00 21.52 ? 48  TRP A C   1 
ATOM   364  O O   . TRP A 1 48 ? 7.095   5.387   4.842   1.00 21.78 ? 48  TRP A O   1 
ATOM   365  C CB  . TRP A 1 48 ? 10.244  5.013   3.768   1.00 24.81 ? 48  TRP A CB  1 
ATOM   366  C CG  . TRP A 1 48 ? 10.395  4.550   5.196   1.00 25.33 ? 48  TRP A CG  1 
ATOM   367  C CD1 . TRP A 1 48 ? 11.221  5.102   6.186   1.00 29.38 ? 48  TRP A CD1 1 
ATOM   368  C CD2 . TRP A 1 48 ? 9.775   3.392   5.793   1.00 24.12 ? 48  TRP A CD2 1 
ATOM   369  N NE1 . TRP A 1 48 ? 11.071  4.385   7.374   1.00 27.21 ? 48  TRP A NE1 1 
ATOM   370  C CE2 . TRP A 1 48 ? 10.220  3.327   7.159   1.00 28.79 ? 48  TRP A CE2 1 
ATOM   371  C CE3 . TRP A 1 48 ? 8.826   2.456   5.345   1.00 22.50 ? 48  TRP A CE3 1 
ATOM   372  C CZ2 . TRP A 1 48 ? 9.732   2.368   8.041   1.00 25.44 ? 48  TRP A CZ2 1 
ATOM   373  C CZ3 . TRP A 1 48 ? 8.338   1.505   6.256   1.00 22.87 ? 48  TRP A CZ3 1 
ATOM   374  C CH2 . TRP A 1 48 ? 8.781   1.483   7.585   1.00 25.67 ? 48  TRP A CH2 1 
ATOM   375  N N   . ASP A 1 49 ? 7.277   4.493   2.715   1.00 21.28 ? 49  ASP A N   1 
ATOM   376  C CA  . ASP A 1 49 ? 6.142   3.530   2.754   1.00 23.23 ? 49  ASP A CA  1 
ATOM   377  C C   . ASP A 1 49 ? 6.590   2.169   2.342   1.00 20.69 ? 49  ASP A C   1 
ATOM   378  O O   . ASP A 1 49 ? 7.385   1.968   1.381   1.00 25.27 ? 49  ASP A O   1 
ATOM   379  C CB  . ASP A 1 49 ? 4.943   3.960   1.787   1.00 23.49 ? 49  ASP A CB  1 
ATOM   380  C CG  . ASP A 1 49 ? 3.931   4.798   2.425   1.00 26.53 ? 49  ASP A CG  1 
ATOM   381  O OD1 . ASP A 1 49 ? 3.894   5.029   3.694   1.00 25.93 ? 49  ASP A OD1 1 
ATOM   382  O OD2 . ASP A 1 49 ? 2.990   5.178   1.643   1.00 26.62 ? 49  ASP A OD2 1 
ATOM   383  N N   . LYS A 1 50 ? 6.030   1.129   2.993   1.00 20.22 ? 50  LYS A N   1 
ATOM   384  C CA  . LYS A 1 50 ? 6.230   -0.239  2.500   1.00 18.40 ? 50  LYS A CA  1 
ATOM   385  C C   . LYS A 1 50 ? 4.844   -0.965  2.468   1.00 16.88 ? 50  LYS A C   1 
ATOM   386  O O   . LYS A 1 50 ? 4.111   -0.965  3.483   1.00 20.24 ? 50  LYS A O   1 
ATOM   387  C CB  . LYS A 1 50 ? 7.238   -1.111  3.373   1.00 22.51 ? 50  LYS A CB  1 
ATOM   388  C CG  . LYS A 1 50 ? 7.675   -2.454  2.771   1.00 22.61 ? 50  LYS A CG  1 
ATOM   389  C CD  . LYS A 1 50 ? 8.316   -3.491  3.801   1.00 24.53 ? 50  LYS A CD  1 
ATOM   390  C CE  . LYS A 1 50 ? 9.637   -2.947  4.344   1.00 25.34 ? 50  LYS A CE  1 
ATOM   391  N NZ  . LYS A 1 50 ? 10.643  -2.914  3.283   1.00 25.89 ? 50  LYS A NZ  1 
ATOM   392  N N   . LEU A 1 51 ? 4.500   -1.492  1.306   1.00 18.47 ? 51  LEU A N   1 
ATOM   393  C CA  . LEU A 1 51 ? 3.227   -2.235  1.084   1.00 21.02 ? 51  LEU A CA  1 
ATOM   394  C C   . LEU A 1 51 ? 3.569   -3.681  0.900   1.00 16.70 ? 51  LEU A C   1 
ATOM   395  O O   . LEU A 1 51 ? 4.337   -4.098  0.026   1.00 21.47 ? 51  LEU A O   1 
ATOM   396  C CB  . LEU A 1 51 ? 2.484   -1.707  -0.198  1.00 22.48 ? 51  LEU A CB  1 
ATOM   397  C CG  . LEU A 1 51 ? 0.986   -2.029  -0.246  1.00 21.81 ? 51  LEU A CG  1 
ATOM   398  C CD1 . LEU A 1 51 ? 0.198   -1.286  0.816   1.00 23.21 ? 51  LEU A CD1 1 
ATOM   399  C CD2 . LEU A 1 51 ? 0.440   -1.654  -1.666  1.00 22.79 ? 51  LEU A CD2 1 
ATOM   400  N N   . VAL A 1 52 ? 2.953   -4.504  1.732   1.00 19.50 ? 52  VAL A N   1 
ATOM   401  C CA  . VAL A 1 52 ? 3.173   -5.939  1.738   1.00 18.44 ? 52  VAL A CA  1 
ATOM   402  C C   . VAL A 1 52 ? 1.817   -6.681  1.610   1.00 20.48 ? 52  VAL A C   1 
ATOM   403  O O   . VAL A 1 52 ? 0.883   -6.367  2.323   1.00 20.27 ? 52  VAL A O   1 
ATOM   404  C CB  . VAL A 1 52 ? 3.807   -6.407  3.102   1.00 20.50 ? 52  VAL A CB  1 
ATOM   405  C CG1 . VAL A 1 52 ? 4.138   -7.905  3.033   1.00 22.56 ? 52  VAL A CG1 1 
ATOM   406  C CG2 . VAL A 1 52 ? 5.089   -5.564  3.373   1.00 22.53 ? 52  VAL A CG2 1 
ATOM   407  N N   . THR A 1 53 ? 1.796   -7.659  0.711   1.00 23.43 ? 53  THR A N   1 
ATOM   408  C CA  . THR A 1 53 ? 0.580   -8.509  0.489   1.00 26.39 ? 53  THR A CA  1 
ATOM   409  C C   . THR A 1 53 ? 0.619   -9.808  1.311   1.00 28.44 ? 53  THR A C   1 
ATOM   410  O O   . THR A 1 53 ? 1.688   -10.500 1.388   1.00 34.61 ? 53  THR A O   1 
ATOM   411  C CB  . THR A 1 53 ? 0.275   -8.720  -0.999  1.00 29.44 ? 53  THR A CB  1 
ATOM   412  O OG1 . THR A 1 53 ? 1.265   -9.509  -1.618  1.00 40.88 ? 53  THR A OG1 1 
ATOM   413  C CG2 . THR A 1 53 ? 0.162   -7.377  -1.773  1.00 27.60 ? 53  THR A CG2 1 
ATOM   414  N N   . PHE A 1 54 ? -0.497  -10.099 2.000   1.00 24.65 ? 54  PHE A N   1 
ATOM   415  C CA  . PHE A 1 54 ? -0.700  -11.310 2.772   1.00 22.90 ? 54  PHE A CA  1 
ATOM   416  C C   . PHE A 1 54 ? -2.009  -12.016 2.279   1.00 27.01 ? 54  PHE A C   1 
ATOM   417  O O   . PHE A 1 54 ? -2.881  -11.422 1.617   1.00 24.58 ? 54  PHE A O   1 
ATOM   418  C CB  . PHE A 1 54 ? -0.870  -11.004 4.254   1.00 24.18 ? 54  PHE A CB  1 
ATOM   419  C CG  . PHE A 1 54 ? 0.371   -10.378 4.905   1.00 23.80 ? 54  PHE A CG  1 
ATOM   420  C CD1 . PHE A 1 54 ? 1.363   -11.170 5.465   1.00 30.23 ? 54  PHE A CD1 1 
ATOM   421  C CD2 . PHE A 1 54 ? 0.493   -8.971  4.963   1.00 23.09 ? 54  PHE A CD2 1 
ATOM   422  C CE1 . PHE A 1 54 ? 2.475   -10.553 6.055   1.00 29.04 ? 54  PHE A CE1 1 
ATOM   423  C CE2 . PHE A 1 54 ? 1.592   -8.337  5.537   1.00 26.55 ? 54  PHE A CE2 1 
ATOM   424  C CZ  . PHE A 1 54 ? 2.607   -9.172  6.047   1.00 24.70 ? 54  PHE A CZ  1 
ATOM   425  N N   . GLN A 1 55 ? -2.102  -13.295 2.611   1.00 26.79 ? 55  GLN A N   1 
ATOM   426  C CA  . GLN A 1 55 ? -3.421  -14.007 2.555   1.00 28.96 ? 55  GLN A CA  1 
ATOM   427  C C   . GLN A 1 55 ? -4.196  -13.673 3.812   1.00 26.98 ? 55  GLN A C   1 
ATOM   428  O O   . GLN A 1 55 ? -3.606  -13.527 4.894   1.00 27.26 ? 55  GLN A O   1 
ATOM   429  C CB  . GLN A 1 55 ? -3.155  -15.520 2.349   1.00 36.91 ? 55  GLN A CB  1 
ATOM   430  C CG  . GLN A 1 55 ? -2.781  -15.813 0.904   1.00 48.60 ? 55  GLN A CG  1 
ATOM   431  C CD  . GLN A 1 55 ? -2.566  -17.288 0.636   1.00 63.62 ? 55  GLN A CD  1 
ATOM   432  O OE1 . GLN A 1 55 ? -1.808  -17.939 1.354   1.00 75.38 ? 55  GLN A OE1 1 
ATOM   433  N NE2 . GLN A 1 55 ? -3.213  -17.820 -0.409  1.00 80.53 ? 55  GLN A NE2 1 
ATOM   434  N N   . ALA A 1 56 ? -5.537  -13.590 3.755   1.00 24.01 ? 56  ALA A N   1 
ATOM   435  C CA  . ALA A 1 56 ? -6.324  -13.234 4.927   1.00 22.73 ? 56  ALA A CA  1 
ATOM   436  C C   . ALA A 1 56 ? -6.071  -14.072 6.206   1.00 22.92 ? 56  ALA A C   1 
ATOM   437  O O   . ALA A 1 56 ? -6.113  -13.544 7.336   1.00 25.56 ? 56  ALA A O   1 
ATOM   438  C CB  . ALA A 1 56 ? -7.856  -13.250 4.599   1.00 27.27 ? 56  ALA A CB  1 
ATOM   439  N N   . SER A 1 57 ? -5.824  -15.369 6.006   1.00 23.62 ? 57  SER A N   1 
ATOM   440  C CA  . SER A 1 57 ? -5.736  -16.274 7.148   1.00 26.26 ? 57  SER A CA  1 
ATOM   441  C C   . SER A 1 57 ? -4.404  -16.068 7.912   1.00 30.21 ? 57  SER A C   1 
ATOM   442  O O   . SER A 1 57 ? -4.225  -16.620 9.025   1.00 30.24 ? 57  SER A O   1 
ATOM   443  C CB  . SER A 1 57 ? -5.849  -17.713 6.684   1.00 31.01 ? 57  SER A CB  1 
ATOM   444  O OG  . SER A 1 57 ? -4.969  -17.924 5.608   1.00 42.46 ? 57  SER A OG  1 
ATOM   445  N N   . GLU A 1 58 ? -3.487  -15.312 7.336   1.00 25.87 ? 58  GLU A N   1 
ATOM   446  C CA  . GLU A 1 58 ? -2.225  -14.873 8.045   1.00 25.23 ? 58  GLU A CA  1 
ATOM   447  C C   . GLU A 1 58 ? -2.353  -13.694 8.937   1.00 28.27 ? 58  GLU A C   1 
ATOM   448  O O   . GLU A 1 58 ? -1.331  -13.247 9.526   1.00 28.03 ? 58  GLU A O   1 
ATOM   449  C CB  . GLU A 1 58 ? -1.158  -14.556 6.986   1.00 26.59 ? 58  GLU A CB  1 
ATOM   450  C CG  . GLU A 1 58 ? -0.828  -15.645 6.005   1.00 30.89 ? 58  GLU A CG  1 
ATOM   451  C CD  . GLU A 1 58 ? 0.364   -15.290 5.139   1.00 36.58 ? 58  GLU A CD  1 
ATOM   452  O OE1 . GLU A 1 58 ? 1.523   -15.694 5.528   1.00 38.40 ? 58  GLU A OE1 1 
ATOM   453  O OE2 . GLU A 1 58 ? 0.195   -14.612 4.079   1.00 31.30 ? 58  GLU A OE2 1 
ATOM   454  N N   . LEU A 1 59 ? -3.571  -13.079 9.054   1.00 24.38 ? 59  LEU A N   1 
ATOM   455  C CA  . LEU A 1 59 ? -3.793  -11.836 9.750   1.00 23.19 ? 59  LEU A CA  1 
ATOM   456  C C   . LEU A 1 59 ? -4.886  -11.928 10.794  1.00 22.86 ? 59  LEU A C   1 
ATOM   457  O O   . LEU A 1 59 ? -5.803  -12.779 10.685  1.00 27.10 ? 59  LEU A O   1 
ATOM   458  C CB  . LEU A 1 59 ? -4.201  -10.739 8.686   1.00 23.49 ? 59  LEU A CB  1 
ATOM   459  C CG  . LEU A 1 59 ? -3.261  -10.434 7.575   1.00 24.34 ? 59  LEU A CG  1 
ATOM   460  C CD1 . LEU A 1 59 ? -3.920  -9.428  6.638   1.00 26.06 ? 59  LEU A CD1 1 
ATOM   461  C CD2 . LEU A 1 59 ? -1.887  -9.822  8.105   1.00 22.47 ? 59  LEU A CD2 1 
ATOM   462  N N   . GLU A 1 60 ? -4.856  -11.027 11.751  1.00 24.51 ? 60  GLU A N   1 
ATOM   463  C CA  . GLU A 1 60 ? -5.917  -10.797 12.687  1.00 25.67 ? 60  GLU A CA  1 
ATOM   464  C C   . GLU A 1 60 ? -6.107  -9.342  13.038  1.00 26.57 ? 60  GLU A C   1 
ATOM   465  O O   . GLU A 1 60 ? -5.107  -8.629  13.313  1.00 26.58 ? 60  GLU A O   1 
ATOM   466  C CB  . GLU A 1 60 ? -5.635  -11.624 13.952  1.00 32.33 ? 60  GLU A CB  1 
ATOM   467  C CG  . GLU A 1 60 ? -5.980  -11.116 15.314  1.00 38.95 ? 60  GLU A CG  1 
ATOM   468  C CD  . GLU A 1 60 ? -5.374  -12.081 16.364  1.00 47.02 ? 60  GLU A CD  1 
ATOM   469  O OE1 . GLU A 1 60 ? -5.604  -13.327 16.273  1.00 48.04 ? 60  GLU A OE1 1 
ATOM   470  O OE2 . GLU A 1 60 ? -4.596  -11.575 17.199  1.00 51.56 ? 60  GLU A OE2 1 
ATOM   471  N N   . PRO A 1 61 ? -7.379  -8.857  13.080  1.00 27.96 ? 61  PRO A N   1 
ATOM   472  C CA  . PRO A 1 61 ? -7.605  -7.487  13.528  1.00 27.19 ? 61  PRO A CA  1 
ATOM   473  C C   . PRO A 1 61 ? -7.238  -7.255  15.005  1.00 34.40 ? 61  PRO A C   1 
ATOM   474  O O   . PRO A 1 61 ? -7.458  -8.145  15.828  1.00 31.14 ? 61  PRO A O   1 
ATOM   475  C CB  . PRO A 1 61 ? -9.128  -7.246  13.328  1.00 32.36 ? 61  PRO A CB  1 
ATOM   476  C CG  . PRO A 1 61 ? -9.602  -8.352  12.479  1.00 31.60 ? 61  PRO A CG  1 
ATOM   477  C CD  . PRO A 1 61 ? -8.632  -9.510  12.657  1.00 31.08 ? 61  PRO A CD  1 
ATOM   478  N N   . VAL A 1 62 ? -6.726  -6.063  15.328  1.00 30.82 ? 62  VAL A N   1 
ATOM   479  C CA  . VAL A 1 62 ? -6.382  -5.706  16.738  1.00 35.74 ? 62  VAL A CA  1 
ATOM   480  C C   . VAL A 1 62 ? -7.193  -4.496  17.178  1.00 41.10 ? 62  VAL A C   1 
ATOM   481  O O   . VAL A 1 62 ? -7.280  -3.527  16.378  1.00 41.31 ? 62  VAL A O   1 
ATOM   482  C CB  . VAL A 1 62 ? -4.857  -5.469  16.916  1.00 44.11 ? 62  VAL A CB  1 
ATOM   483  C CG1 . VAL A 1 62 ? -4.084  -6.705  16.543  1.00 51.05 ? 62  VAL A CG1 1 
ATOM   484  C CG2 . VAL A 1 62 ? -4.334  -4.320  16.112  1.00 47.71 ? 62  VAL A CG2 1 
ATOM   485  N N   . ASP B 1 4  ? 4.260   -11.858 0.650   1.00 75.85 ? 4   ASP B N   1 
ATOM   486  C CA  . ASP B 1 4  ? 4.275   -12.388 -0.755  1.00 75.86 ? 4   ASP B CA  1 
ATOM   487  C C   . ASP B 1 4  ? 4.887   -11.336 -1.698  1.00 65.67 ? 4   ASP B C   1 
ATOM   488  O O   . ASP B 1 4  ? 6.006   -11.551 -2.133  1.00 67.10 ? 4   ASP B O   1 
ATOM   489  C CB  . ASP B 1 4  ? 2.879   -12.812 -1.187  1.00 79.24 ? 4   ASP B CB  1 
ATOM   490  C CG  . ASP B 1 4  ? 2.876   -13.796 -2.331  1.00 83.94 ? 4   ASP B CG  1 
ATOM   491  O OD1 . ASP B 1 4  ? 3.298   -13.405 -3.424  1.00 89.28 ? 4   ASP B OD1 1 
ATOM   492  O OD2 . ASP B 1 4  ? 2.414   -14.946 -2.156  1.00 88.93 ? 4   ASP B OD2 1 
ATOM   493  N N   . LEU B 1 5  ? 4.159   -10.263 -2.046  1.00 54.18 ? 5   LEU B N   1 
ATOM   494  C CA  . LEU B 1 5  ? 4.733   -9.136  -2.778  1.00 46.94 ? 5   LEU B CA  1 
ATOM   495  C C   . LEU B 1 5  ? 5.143   -8.118  -1.732  1.00 36.62 ? 5   LEU B C   1 
ATOM   496  O O   . LEU B 1 5  ? 4.415   -7.864  -0.765  1.00 27.90 ? 5   LEU B O   1 
ATOM   497  C CB  . LEU B 1 5  ? 3.715   -8.503  -3.754  1.00 52.11 ? 5   LEU B CB  1 
ATOM   498  C CG  . LEU B 1 5  ? 4.122   -7.450  -4.831  1.00 62.57 ? 5   LEU B CG  1 
ATOM   499  C CD1 . LEU B 1 5  ? 3.845   -5.957  -4.495  1.00 61.57 ? 5   LEU B CD1 1 
ATOM   500  C CD2 . LEU B 1 5  ? 5.521   -7.605  -5.456  1.00 66.69 ? 5   LEU B CD2 1 
ATOM   501  N N   . ILE B 1 6  ? 6.338   -7.531  -1.896  1.00 30.71 ? 6   ILE B N   1 
ATOM   502  C CA  . ILE B 1 6  ? 6.826   -6.455  -1.032  1.00 28.34 ? 6   ILE B CA  1 
ATOM   503  C C   . ILE B 1 6  ? 7.223   -5.275  -1.983  1.00 29.28 ? 6   ILE B C   1 
ATOM   504  O O   . ILE B 1 6  ? 7.936   -5.483  -2.952  1.00 31.64 ? 6   ILE B O   1 
ATOM   505  C CB  . ILE B 1 6  ? 8.063   -6.890  -0.179  1.00 31.43 ? 6   ILE B CB  1 
ATOM   506  C CG1 . ILE B 1 6  ? 7.717   -8.109  0.681   1.00 38.73 ? 6   ILE B CG1 1 
ATOM   507  C CG2 . ILE B 1 6  ? 8.526   -5.784  0.738   1.00 29.91 ? 6   ILE B CG2 1 
ATOM   508  C CD1 . ILE B 1 6  ? 8.935   -8.761  1.341   1.00 41.90 ? 6   ILE B CD1 1 
ATOM   509  N N   . MET B 1 7  ? 6.768   -4.074  -1.684  1.00 22.15 ? 7   MET B N   1 
ATOM   510  C CA  . MET B 1 7  ? 7.169   -2.891  -2.427  1.00 22.77 ? 7   MET B CA  1 
ATOM   511  C C   . MET B 1 7  ? 7.499   -1.774  -1.497  1.00 20.45 ? 7   MET B C   1 
ATOM   512  O O   . MET B 1 7  ? 6.704   -1.437  -0.609  1.00 21.67 ? 7   MET B O   1 
ATOM   513  C CB  . MET B 1 7  ? 5.967   -2.471  -3.353  1.00 23.96 ? 7   MET B CB  1 
ATOM   514  C CG  . MET B 1 7  ? 6.221   -1.208  -4.068  1.00 26.87 ? 7   MET B CG  1 
ATOM   515  S SD  . MET B 1 7  ? 4.720   -0.884  -5.132  1.00 29.60 ? 7   MET B SD  1 
ATOM   516  C CE  . MET B 1 7  ? 3.553   -0.227  -3.933  1.00 26.74 ? 7   MET B CE  1 
ATOM   517  N N   . THR B 1 8  ? 8.690   -1.174  -1.671  1.00 22.87 ? 8   THR B N   1 
ATOM   518  C CA  . THR B 1 8  ? 9.080   -0.056  -0.809  1.00 19.62 ? 8   THR B CA  1 
ATOM   519  C C   . THR B 1 8  ? 9.195   1.255   -1.660  1.00 21.26 ? 8   THR B C   1 
ATOM   520  O O   . THR B 1 8  ? 9.794   1.229   -2.744  1.00 26.02 ? 8   THR B O   1 
ATOM   521  C CB  . THR B 1 8  ? 10.470  -0.354  -0.112  1.00 23.64 ? 8   THR B CB  1 
ATOM   522  O OG1 . THR B 1 8  ? 10.402  -1.657  0.581   1.00 21.80 ? 8   THR B OG1 1 
ATOM   523  C CG2 . THR B 1 8  ? 10.777  0.759   0.890   1.00 25.38 ? 8   THR B CG2 1 
ATOM   524  N N   A ILE B 1 9  ? 8.604   2.348   -1.179  0.60 21.03 ? 9   ILE B N   1 
ATOM   525  N N   B ILE B 1 9  ? 8.618   2.346   -1.163  0.40 21.84 ? 9   ILE B N   1 
ATOM   526  C CA  A ILE B 1 9  ? 8.579   3.626   -1.910  0.60 22.70 ? 9   ILE B CA  1 
ATOM   527  C CA  B ILE B 1 9  ? 8.647   3.620   -1.890  0.40 23.14 ? 9   ILE B CA  1 
ATOM   528  C C   A ILE B 1 9  ? 9.317   4.693   -1.109  0.60 24.26 ? 9   ILE B C   1 
ATOM   529  C C   B ILE B 1 9  ? 9.329   4.712   -1.105  0.40 24.43 ? 9   ILE B C   1 
ATOM   530  O O   A ILE B 1 9  ? 8.961   4.934   0.039   0.60 23.33 ? 9   ILE B O   1 
ATOM   531  O O   B ILE B 1 9  ? 8.931   5.020   0.012   0.40 23.54 ? 9   ILE B O   1 
ATOM   532  C CB  A ILE B 1 9  ? 7.108   4.071   -2.191  0.60 23.80 ? 9   ILE B CB  1 
ATOM   533  C CB  B ILE B 1 9  ? 7.233   4.136   -2.227  0.40 24.33 ? 9   ILE B CB  1 
ATOM   534  C CG1 A ILE B 1 9  ? 6.454   3.045   -3.096  0.60 24.42 ? 9   ILE B CG1 1 
ATOM   535  C CG1 B ILE B 1 9  ? 6.326   2.976   -2.582  0.40 23.94 ? 9   ILE B CG1 1 
ATOM   536  C CG2 A ILE B 1 9  ? 7.039   5.493   -2.812  0.60 24.83 ? 9   ILE B CG2 1 
ATOM   537  C CG2 B ILE B 1 9  ? 7.317   5.196   -3.340  0.40 25.00 ? 9   ILE B CG2 1 
ATOM   538  C CD1 A ILE B 1 9  ? 5.024   3.316   -3.489  0.60 23.75 ? 9   ILE B CD1 1 
ATOM   539  C CD1 B ILE B 1 9  ? 6.659   2.334   -3.923  0.40 24.75 ? 9   ILE B CD1 1 
ATOM   540  N N   . LEU B 1 10 ? 10.282  5.372   -1.768  1.00 24.73 ? 10  LEU B N   1 
ATOM   541  C CA  . LEU B 1 10 ? 11.164  6.387   -1.171  1.00 26.86 ? 10  LEU B CA  1 
ATOM   542  C C   . LEU B 1 10 ? 11.191  7.689   -2.033  1.00 25.24 ? 10  LEU B C   1 
ATOM   543  O O   . LEU B 1 10 ? 11.171  7.561   -3.248  1.00 22.78 ? 10  LEU B O   1 
ATOM   544  C CB  . LEU B 1 10 ? 12.611  5.838   -1.140  1.00 31.48 ? 10  LEU B CB  1 
ATOM   545  C CG  . LEU B 1 10 ? 12.869  4.487   -0.422  1.00 36.51 ? 10  LEU B CG  1 
ATOM   546  C CD1 . LEU B 1 10 ? 14.306  4.000   -0.482  1.00 44.69 ? 10  LEU B CD1 1 
ATOM   547  C CD2 . LEU B 1 10 ? 12.431  4.611   0.994   1.00 37.04 ? 10  LEU B CD2 1 
ATOM   548  N N   . PRO B 1 11 ? 11.334  8.869   -1.392  1.00 25.97 ? 11  PRO B N   1 
ATOM   549  C CA  . PRO B 1 11 ? 11.596  10.116  -2.130  1.00 27.75 ? 11  PRO B CA  1 
ATOM   550  C C   . PRO B 1 11 ? 12.715  10.007  -3.108  1.00 29.53 ? 11  PRO B C   1 
ATOM   551  O O   . PRO B 1 11 ? 13.787  9.385   -2.844  1.00 25.90 ? 11  PRO B O   1 
ATOM   552  C CB  . PRO B 1 11 ? 11.847  11.156  -1.022  1.00 30.84 ? 11  PRO B CB  1 
ATOM   553  C CG  . PRO B 1 11 ? 11.162  10.589  0.193   1.00 29.36 ? 11  PRO B CG  1 
ATOM   554  C CD  . PRO B 1 11 ? 11.500  9.142   0.078   1.00 28.04 ? 11  PRO B CD  1 
ATOM   555  N N   . GLY B 1 12 ? 12.487  10.572  -4.300  1.00 24.39 ? 12  GLY B N   1 
ATOM   556  C CA  . GLY B 1 12 ? 13.438  10.459  -5.414  1.00 21.52 ? 12  GLY B CA  1 
ATOM   557  C C   . GLY B 1 12 ? 13.191  9.359   -6.424  1.00 23.78 ? 12  GLY B C   1 
ATOM   558  O O   . GLY B 1 12 ? 13.778  9.362   -7.532  1.00 25.49 ? 12  GLY B O   1 
ATOM   559  N N   . MET B 1 13 ? 12.482  8.277   -6.033  1.00 20.97 ? 13  MET B N   1 
ATOM   560  C CA  . MET B 1 13 ? 12.231  7.197   -6.927  1.00 21.59 ? 13  MET B CA  1 
ATOM   561  C C   . MET B 1 13 ? 11.323  7.609   -8.088  1.00 19.78 ? 13  MET B C   1 
ATOM   562  O O   . MET B 1 13 ? 10.437  8.498   -7.873  1.00 22.27 ? 13  MET B O   1 
ATOM   563  C CB  . MET B 1 13 ? 11.508  6.044   -6.183  1.00 23.56 ? 13  MET B CB  1 
ATOM   564  C CG  . MET B 1 13 ? 12.493  5.155   -5.410  1.00 29.65 ? 13  MET B CG  1 
ATOM   565  S SD  . MET B 1 13 ? 11.555  3.793   -4.560  1.00 34.60 ? 13  MET B SD  1 
ATOM   566  C CE  . MET B 1 13 ? 10.159  3.528   -5.488  1.00 36.66 ? 13  MET B CE  1 
ATOM   567  N N   . THR B 1 14 ? 11.496  6.960   -9.238  1.00 20.74 ? 14  THR B N   1 
ATOM   568  C CA  . THR B 1 14 ? 10.469  7.112   -10.379 1.00 21.75 ? 14  THR B CA  1 
ATOM   569  C C   . THR B 1 14 ? 9.397   6.062   -10.073 1.00 21.62 ? 14  THR B C   1 
ATOM   570  O O   . THR B 1 14 ? 9.722   4.871   -9.848  1.00 23.53 ? 14  THR B O   1 
ATOM   571  C CB  . THR B 1 14 ? 11.094  6.956   -11.745 1.00 25.85 ? 14  THR B CB  1 
ATOM   572  O OG1 . THR B 1 14 ? 12.059  7.992   -11.937 1.00 28.89 ? 14  THR B OG1 1 
ATOM   573  C CG2 . THR B 1 14 ? 10.008  7.020   -12.919 1.00 28.08 ? 14  THR B CG2 1 
ATOM   574  N N   . VAL B 1 15 ? 8.128   6.466   -10.104 1.00 21.77 ? 15  VAL B N   1 
ATOM   575  C CA  . VAL B 1 15 ? 6.950   5.551   -9.968  1.00 20.63 ? 15  VAL B CA  1 
ATOM   576  C C   . VAL B 1 15 ? 5.981   5.694   -11.165 1.00 21.46 ? 15  VAL B C   1 
ATOM   577  O O   . VAL B 1 15 ? 5.898   6.770   -11.797 1.00 21.09 ? 15  VAL B O   1 
ATOM   578  C CB  . VAL B 1 15 ? 6.156   5.774   -8.651  1.00 19.54 ? 15  VAL B CB  1 
ATOM   579  C CG1 . VAL B 1 15 ? 7.004   5.366   -7.436  1.00 23.02 ? 15  VAL B CG1 1 
ATOM   580  C CG2 . VAL B 1 15 ? 5.719   7.219   -8.467  1.00 21.58 ? 15  VAL B CG2 1 
ATOM   581  N N   . LYS B 1 16 ? 5.266   4.613   -11.465 1.00 21.77 ? 16  LYS B N   1 
ATOM   582  C CA  . LYS B 1 16 ? 4.174   4.604   -12.462 1.00 21.76 ? 16  LYS B CA  1 
ATOM   583  C C   . LYS B 1 16 ? 2.831   4.299   -11.806 1.00 20.31 ? 16  LYS B C   1 
ATOM   584  O O   . LYS B 1 16 ? 2.754   3.465   -10.903 1.00 19.88 ? 16  LYS B O   1 
ATOM   585  C CB  . LYS B 1 16 ? 4.481   3.544   -13.514 1.00 26.40 ? 16  LYS B CB  1 
ATOM   586  C CG  . LYS B 1 16 ? 3.525   3.574   -14.720 1.00 31.88 ? 16  LYS B CG  1 
ATOM   587  C CD  . LYS B 1 16 ? 3.953   2.685   -15.879 1.00 40.71 ? 16  LYS B CD  1 
ATOM   588  C CE  . LYS B 1 16 ? 3.558   1.242   -15.659 1.00 44.79 ? 16  LYS B CE  1 
ATOM   589  N NZ  . LYS B 1 16 ? 3.716   0.349   -16.857 1.00 50.15 ? 16  LYS B NZ  1 
ATOM   590  N N   . VAL B 1 17 ? 1.742   4.945   -12.262 1.00 21.39 ? 17  VAL B N   1 
ATOM   591  C CA  . VAL B 1 17 ? 0.424   4.674   -11.753 1.00 19.08 ? 17  VAL B CA  1 
ATOM   592  C C   . VAL B 1 17 ? -0.083  3.393   -12.499 1.00 21.51 ? 17  VAL B C   1 
ATOM   593  O O   . VAL B 1 17 ? -0.204  3.404   -13.774 1.00 23.47 ? 17  VAL B O   1 
ATOM   594  C CB  . VAL B 1 17 ? -0.533  5.866   -11.935 1.00 20.84 ? 17  VAL B CB  1 
ATOM   595  C CG1 . VAL B 1 17 ? -1.876  5.553   -11.324 1.00 19.93 ? 17  VAL B CG1 1 
ATOM   596  C CG2 . VAL B 1 17 ? 0.033   7.143   -11.301 1.00 19.98 ? 17  VAL B CG2 1 
ATOM   597  N N   . THR B 1 18 ? -0.432  2.359   -11.725 1.00 22.19 ? 18  THR B N   1 
ATOM   598  C CA  . THR B 1 18 ? -0.766  1.058   -12.347 1.00 21.35 ? 18  THR B CA  1 
ATOM   599  C C   . THR B 1 18 ? -2.270  0.711   -12.304 1.00 23.85 ? 18  THR B C   1 
ATOM   600  O O   . THR B 1 18 ? -2.649  -0.320  -12.846 1.00 26.34 ? 18  THR B O   1 
ATOM   601  C CB  . THR B 1 18 ? 0.046   -0.125  -11.718 1.00 24.77 ? 18  THR B CB  1 
ATOM   602  O OG1 . THR B 1 18 ? -0.298  -0.170  -10.357 1.00 24.83 ? 18  THR B OG1 1 
ATOM   603  C CG2 . THR B 1 18 ? 1.505   0.068   -11.832 1.00 28.76 ? 18  THR B CG2 1 
ATOM   604  N N   . ASN B 1 19 ? -3.110  1.498   -11.656 1.00 22.50 ? 19  ASN B N   1 
ATOM   605  C CA  . ASN B 1 19 ? -4.533  1.213   -11.499 1.00 23.79 ? 19  ASN B CA  1 
ATOM   606  C C   . ASN B 1 19 ? -5.308  1.791   -12.737 1.00 23.26 ? 19  ASN B C   1 
ATOM   607  O O   . ASN B 1 19 ? -5.364  3.005   -12.877 1.00 20.57 ? 19  ASN B O   1 
ATOM   608  C CB  . ASN B 1 19 ? -5.070  1.834   -10.230 1.00 23.32 ? 19  ASN B CB  1 
ATOM   609  C CG  . ASN B 1 19 ? -6.561  1.550   -9.966  1.00 28.38 ? 19  ASN B CG  1 
ATOM   610  O OD1 . ASN B 1 19 ? -7.275  1.032   -10.814 1.00 27.30 ? 19  ASN B OD1 1 
ATOM   611  N ND2 . ASN B 1 19 ? -7.001  1.816   -8.717  1.00 26.39 ? 19  ASN B ND2 1 
ATOM   612  N N   . PRO B 1 20 ? -5.898  0.924   -13.586 1.00 27.54 ? 20  PRO B N   1 
ATOM   613  C CA  . PRO B 1 20 ? -6.590  1.449   -14.808 1.00 26.60 ? 20  PRO B CA  1 
ATOM   614  C C   . PRO B 1 20 ? -7.804  2.311   -14.586 1.00 29.45 ? 20  PRO B C   1 
ATOM   615  O O   . PRO B 1 20 ? -8.230  3.037   -15.514 1.00 29.30 ? 20  PRO B O   1 
ATOM   616  C CB  . PRO B 1 20 ? -6.820  0.191   -15.686 1.00 29.12 ? 20  PRO B CB  1 
ATOM   617  C CG  . PRO B 1 20 ? -6.555  -0.980  -14.836 1.00 32.79 ? 20  PRO B CG  1 
ATOM   618  C CD  . PRO B 1 20 ? -5.909  -0.551  -13.535 1.00 27.85 ? 20  PRO B CD  1 
ATOM   619  N N   . ASN B 1 21 ? -8.375  2.267   -13.390 1.00 25.68 ? 21  ASN B N   1 
ATOM   620  C CA  . ASN B 1 21 ? -9.431  3.160   -12.996 1.00 25.75 ? 21  ASN B CA  1 
ATOM   621  C C   . ASN B 1 21 ? -9.011  4.538   -12.489 1.00 26.00 ? 21  ASN B C   1 
ATOM   622  O O   . ASN B 1 21 ? -9.844  5.379   -12.231 1.00 23.15 ? 21  ASN B O   1 
ATOM   623  C CB  . ASN B 1 21 ? -10.339 2.494   -11.954 1.00 29.56 ? 21  ASN B CB  1 
ATOM   624  C CG  . ASN B 1 21 ? -10.935 1.165   -12.416 1.00 38.67 ? 21  ASN B CG  1 
ATOM   625  O OD1 . ASN B 1 21 ? -10.929 0.142   -11.673 1.00 41.75 ? 21  ASN B OD1 1 
ATOM   626  N ND2 . ASN B 1 21 ? -11.400 1.137   -13.629 1.00 32.73 ? 21  ASN B ND2 1 
ATOM   627  N N   . ASP B 1 22 ? -7.720  4.789   -12.265 1.00 22.40 ? 22  ASP B N   1 
ATOM   628  C CA  . ASP B 1 22 ? -7.293  6.100   -11.764 1.00 21.24 ? 22  ASP B CA  1 
ATOM   629  C C   . ASP B 1 22 ? -7.113  7.133   -12.897 1.00 20.38 ? 22  ASP B C   1 
ATOM   630  O O   . ASP B 1 22 ? -6.669  6.773   -13.991 1.00 20.25 ? 22  ASP B O   1 
ATOM   631  C CB  . ASP B 1 22 ? -5.895  5.951   -11.087 1.00 21.73 ? 22  ASP B CB  1 
ATOM   632  C CG  . ASP B 1 22 ? -5.543  7.136   -10.184 1.00 21.14 ? 22  ASP B CG  1 
ATOM   633  O OD1 . ASP B 1 22 ? -6.096  7.222   -9.096  1.00 25.98 ? 22  ASP B OD1 1 
ATOM   634  O OD2 . ASP B 1 22 ? -4.854  8.079   -10.634 1.00 21.43 ? 22  ASP B OD2 1 
ATOM   635  N N   . THR B 1 23 ? -7.420  8.378   -12.601 1.00 21.55 ? 23  THR B N   1 
ATOM   636  C CA  . THR B 1 23 ? -7.175  9.550   -13.508 1.00 22.27 ? 23  THR B CA  1 
ATOM   637  C C   . THR B 1 23 ? -5.786  9.566   -14.183 1.00 25.33 ? 23  THR B C   1 
ATOM   638  O O   . THR B 1 23 ? -5.625  9.882   -15.390 1.00 21.95 ? 23  THR B O   1 
ATOM   639  C CB  . THR B 1 23 ? -7.466  10.857  -12.807 1.00 23.42 ? 23  THR B CB  1 
ATOM   640  O OG1 . THR B 1 23 ? -8.774  10.830  -12.340 1.00 24.66 ? 23  THR B OG1 1 
ATOM   641  C CG2 . THR B 1 23 ? -7.252  12.076  -13.664 1.00 24.14 ? 23  THR B CG2 1 
ATOM   642  N N   . TYR B 1 24 ? -4.761  9.128   -13.413 1.00 20.83 ? 24  TYR B N   1 
ATOM   643  C CA  . TYR B 1 24 ? -3.374  9.248   -13.816 1.00 19.60 ? 24  TYR B CA  1 
ATOM   644  C C   . TYR B 1 24 ? -2.785  7.918   -14.217 1.00 22.67 ? 24  TYR B C   1 
ATOM   645  O O   . TYR B 1 24 ? -1.529  7.734   -14.316 1.00 19.35 ? 24  TYR B O   1 
ATOM   646  C CB  . TYR B 1 24 ? -2.563  9.995   -12.639 1.00 19.57 ? 24  TYR B CB  1 
ATOM   647  C CG  . TYR B 1 24 ? -3.075  11.333  -12.308 1.00 19.15 ? 24  TYR B CG  1 
ATOM   648  C CD1 . TYR B 1 24 ? -2.896  12.433  -13.200 1.00 20.53 ? 24  TYR B CD1 1 
ATOM   649  C CD2 . TYR B 1 24 ? -3.925  11.527  -11.246 1.00 17.91 ? 24  TYR B CD2 1 
ATOM   650  C CE1 . TYR B 1 24 ? -3.511  13.643  -12.949 1.00 21.03 ? 24  TYR B CE1 1 
ATOM   651  C CE2 . TYR B 1 24 ? -4.519  12.770  -10.987 1.00 21.67 ? 24  TYR B CE2 1 
ATOM   652  C CZ  . TYR B 1 24 ? -4.303  13.814  -11.883 1.00 22.70 ? 24  TYR B CZ  1 
ATOM   653  O OH  . TYR B 1 24 ? -4.923  15.001  -11.644 1.00 23.12 ? 24  TYR B OH  1 
ATOM   654  N N   . TYR B 1 25 ? -3.634  6.904   -14.550 1.00 21.92 ? 25  TYR B N   1 
ATOM   655  C CA  . TYR B 1 25 ? -3.147  5.653   -15.129 1.00 20.86 ? 25  TYR B CA  1 
ATOM   656  C C   . TYR B 1 25 ? -2.078  5.781   -16.236 1.00 22.35 ? 25  TYR B C   1 
ATOM   657  O O   . TYR B 1 25 ? -2.273  6.576   -17.219 1.00 23.81 ? 25  TYR B O   1 
ATOM   658  C CB  . TYR B 1 25 ? -4.369  4.858   -15.773 1.00 21.37 ? 25  TYR B CB  1 
ATOM   659  C CG  . TYR B 1 25 ? -4.044  3.507   -16.325 1.00 22.05 ? 25  TYR B CG  1 
ATOM   660  C CD1 . TYR B 1 25 ? -3.311  2.540   -15.542 1.00 21.72 ? 25  TYR B CD1 1 
ATOM   661  C CD2 . TYR B 1 25 ? -4.496  3.092   -17.639 1.00 28.55 ? 25  TYR B CD2 1 
ATOM   662  C CE1 . TYR B 1 25 ? -3.056  1.258   -16.020 1.00 26.76 ? 25  TYR B CE1 1 
ATOM   663  C CE2 . TYR B 1 25 ? -4.196  1.818   -18.101 1.00 26.69 ? 25  TYR B CE2 1 
ATOM   664  C CZ  . TYR B 1 25 ? -3.533  0.919   -17.336 1.00 29.47 ? 25  TYR B CZ  1 
ATOM   665  O OH  . TYR B 1 25 ? -3.236  -0.345  -17.908 1.00 33.69 ? 25  TYR B OH  1 
ATOM   666  N N   . GLN B 1 26 ? -0.959  5.069   -16.048 1.00 20.90 ? 26  GLN B N   1 
ATOM   667  C CA  . GLN B 1 26 ? 0.235   5.077   -16.866 1.00 22.88 ? 26  GLN B CA  1 
ATOM   668  C C   . GLN B 1 26 ? 1.160   6.305   -16.731 1.00 21.37 ? 26  GLN B C   1 
ATOM   669  O O   . GLN B 1 26 ? 2.212   6.285   -17.347 1.00 23.47 ? 26  GLN B O   1 
ATOM   670  C CB  . GLN B 1 26 ? -0.093  4.772   -18.345 1.00 30.50 ? 26  GLN B CB  1 
ATOM   671  C CG  . GLN B 1 26 ? -0.762  3.407   -18.535 1.00 31.21 ? 26  GLN B CG  1 
ATOM   672  C CD  . GLN B 1 26 ? 0.179   2.249   -18.301 1.00 38.05 ? 26  GLN B CD  1 
ATOM   673  O OE1 . GLN B 1 26 ? 1.402   2.326   -18.482 1.00 55.86 ? 26  GLN B OE1 1 
ATOM   674  N NE2 . GLN B 1 26 ? -0.387  1.148   -17.936 1.00 57.24 ? 26  GLN B NE2 1 
ATOM   675  N N   . PHE B 1 27 ? 0.751   7.372   -16.061 1.00 20.53 ? 27  PHE B N   1 
ATOM   676  C CA  . PHE B 1 27 ? 1.637   8.518   -15.835 1.00 19.75 ? 27  PHE B CA  1 
ATOM   677  C C   . PHE B 1 27 ? 2.876   8.014   -15.025 1.00 20.30 ? 27  PHE B C   1 
ATOM   678  O O   . PHE B 1 27 ? 2.696   7.150   -14.149 1.00 19.55 ? 27  PHE B O   1 
ATOM   679  C CB  . PHE B 1 27 ? 0.965   9.644   -15.087 1.00 22.44 ? 27  PHE B CB  1 
ATOM   680  C CG  . PHE B 1 27 ? 0.006   10.491  -15.953 1.00 28.37 ? 27  PHE B CG  1 
ATOM   681  C CD1 . PHE B 1 27 ? -0.935  9.887   -16.788 1.00 24.71 ? 27  PHE B CD1 1 
ATOM   682  C CD2 . PHE B 1 27 ? 0.011   11.892  -15.831 1.00 30.49 ? 27  PHE B CD2 1 
ATOM   683  C CE1 . PHE B 1 27 ? -1.857  10.700  -17.500 1.00 32.43 ? 27  PHE B CE1 1 
ATOM   684  C CE2 . PHE B 1 27 ? -0.866  12.708  -16.562 1.00 32.36 ? 27  PHE B CE2 1 
ATOM   685  C CZ  . PHE B 1 27 ? -1.793  12.098  -17.405 1.00 32.09 ? 27  PHE B CZ  1 
ATOM   686  N N   . GLN B 1 28 ? 4.070   8.558   -15.336 1.00 20.24 ? 28  GLN B N   1 
ATOM   687  C CA  . GLN B 1 28 ? 5.295   8.268   -14.529 1.00 22.05 ? 28  GLN B CA  1 
ATOM   688  C C   . GLN B 1 28 ? 5.750   9.571   -13.920 1.00 21.01 ? 28  GLN B C   1 
ATOM   689  O O   . GLN B 1 28 ? 5.829   10.607  -14.611 1.00 20.15 ? 28  GLN B O   1 
ATOM   690  C CB  . GLN B 1 28 ? 6.392   7.666   -15.407 1.00 25.27 ? 28  GLN B CB  1 
ATOM   691  C CG  . GLN B 1 28 ? 6.103   6.329   -16.044 1.00 32.28 ? 28  GLN B CG  1 
ATOM   692  C CD  . GLN B 1 28 ? 7.285   5.715   -16.780 1.00 37.96 ? 28  GLN B CD  1 
ATOM   693  O OE1 . GLN B 1 28 ? 8.468   5.828   -16.368 1.00 39.35 ? 28  GLN B OE1 1 
ATOM   694  N NE2 . GLN B 1 28 ? 6.982   5.039   -17.871 1.00 44.18 ? 28  GLN B NE2 1 
ATOM   695  N N   . GLY B 1 29 ? 6.201   9.549   -12.654 1.00 19.08 ? 29  GLY B N   1 
ATOM   696  C CA  . GLY B 1 29 ? 6.491   10.796  -11.934 1.00 20.47 ? 29  GLY B CA  1 
ATOM   697  C C   . GLY B 1 29 ? 7.580   10.542  -10.856 1.00 19.52 ? 29  GLY B C   1 
ATOM   698  O O   . GLY B 1 29 ? 7.998   9.365   -10.681 1.00 21.29 ? 29  GLY B O   1 
ATOM   699  N N   . ILE B 1 30 ? 8.014   11.598  -10.204 1.00 19.25 ? 30  ILE B N   1 
ATOM   700  C CA  . ILE B 1 30 ? 9.070   11.489  -9.147  1.00 19.82 ? 30  ILE B CA  1 
ATOM   701  C C   . ILE B 1 30 ? 8.474   11.742  -7.748  1.00 18.30 ? 30  ILE B C   1 
ATOM   702  O O   . ILE B 1 30 ? 7.808   12.764  -7.465  1.00 19.65 ? 30  ILE B O   1 
ATOM   703  C CB  . ILE B 1 30 ? 10.247  12.515  -9.406  1.00 22.68 ? 30  ILE B CB  1 
ATOM   704  C CG1 . ILE B 1 30 ? 10.847  12.369  -10.816 1.00 28.24 ? 30  ILE B CG1 1 
ATOM   705  C CG2 . ILE B 1 30 ? 11.310  12.386  -8.291  1.00 21.84 ? 30  ILE B CG2 1 
ATOM   706  C CD1 . ILE B 1 30 ? 11.655  11.130  -11.068 1.00 36.64 ? 30  ILE B CD1 1 
ATOM   707  N N   . VAL B 1 31 ? 8.715   10.791  -6.847  1.00 19.37 ? 31  VAL B N   1 
ATOM   708  C CA  . VAL B 1 31 ? 8.229   10.895  -5.476  1.00 17.99 ? 31  VAL B CA  1 
ATOM   709  C C   . VAL B 1 31 ? 8.915   12.075  -4.755  1.00 20.57 ? 31  VAL B C   1 
ATOM   710  O O   . VAL B 1 31 ? 10.135  12.170  -4.756  1.00 20.36 ? 31  VAL B O   1 
ATOM   711  C CB  . VAL B 1 31 ? 8.446   9.590   -4.685  1.00 20.03 ? 31  VAL B CB  1 
ATOM   712  C CG1 . VAL B 1 31 ? 7.914   9.752   -3.268  1.00 19.00 ? 31  VAL B CG1 1 
ATOM   713  C CG2 . VAL B 1 31 ? 7.770   8.366   -5.351  1.00 22.56 ? 31  VAL B CG2 1 
ATOM   714  N N   . GLN B 1 32 ? 8.122   12.931  -4.164  1.00 20.31 ? 32  GLN B N   1 
ATOM   715  C CA  . GLN B 1 32 ? 8.598   14.130  -3.438  1.00 22.50 ? 32  GLN B CA  1 
ATOM   716  C C   . GLN B 1 32 ? 8.670   13.933  -1.907  1.00 26.36 ? 32  GLN B C   1 
ATOM   717  O O   . GLN B 1 32 ? 9.602   14.422  -1.254  1.00 23.01 ? 32  GLN B O   1 
ATOM   718  C CB  . GLN B 1 32 ? 7.672   15.316  -3.714  1.00 21.74 ? 32  GLN B CB  1 
ATOM   719  C CG  . GLN B 1 32 ? 7.458   15.642  -5.238  1.00 21.75 ? 32  GLN B CG  1 
ATOM   720  C CD  . GLN B 1 32 ? 8.724   16.082  -5.899  1.00 23.73 ? 32  GLN B CD  1 
ATOM   721  O OE1 . GLN B 1 32 ? 9.380   15.311  -6.706  1.00 25.68 ? 32  GLN B OE1 1 
ATOM   722  N NE2 . GLN B 1 32 ? 9.183   17.265  -5.481  1.00 23.47 ? 32  GLN B NE2 1 
ATOM   723  N N   . ARG B 1 33 ? 7.663   13.285  -1.335  1.00 24.52 ? 33  ARG B N   1 
ATOM   724  C CA  . ARG B 1 33 ? 7.516   13.177  0.142   1.00 28.75 ? 33  ARG B CA  1 
ATOM   725  C C   . ARG B 1 33 ? 6.522   12.042  0.440   1.00 28.34 ? 33  ARG B C   1 
ATOM   726  O O   . ARG B 1 33 ? 5.592   11.768  -0.356  1.00 23.88 ? 33  ARG B O   1 
ATOM   727  C CB  . ARG B 1 33 ? 6.948   14.523  0.670   1.00 31.26 ? 33  ARG B CB  1 
ATOM   728  C CG  . ARG B 1 33 ? 6.730   14.751  2.143   1.00 42.20 ? 33  ARG B CG  1 
ATOM   729  C CD  . ARG B 1 33 ? 6.186   16.143  2.381   1.00 47.50 ? 33  ARG B CD  1 
ATOM   730  N NE  . ARG B 1 33 ? 7.289   17.099  2.294   1.00 61.20 ? 33  ARG B NE  1 
ATOM   731  C CZ  . ARG B 1 33 ? 7.197   18.420  2.482   1.00 70.90 ? 33  ARG B CZ  1 
ATOM   732  N NH1 . ARG B 1 33 ? 6.028   19.000  2.772   1.00 74.94 ? 33  ARG B NH1 1 
ATOM   733  N NH2 . ARG B 1 33 ? 8.296   19.171  2.391   1.00 72.48 ? 33  ARG B NH2 1 
ATOM   734  N N   . ILE B 1 34 ? 6.651   11.451  1.637   1.00 24.07 ? 34  ILE B N   1 
ATOM   735  C CA  . ILE B 1 34 ? 5.679   10.480  2.117   1.00 23.58 ? 34  ILE B CA  1 
ATOM   736  C C   . ILE B 1 34 ? 5.220   10.944  3.476   1.00 31.43 ? 34  ILE B C   1 
ATOM   737  O O   . ILE B 1 34 ? 6.053   11.088  4.396   1.00 30.45 ? 34  ILE B O   1 
ATOM   738  C CB  . ILE B 1 34 ? 6.247   9.042   2.155   1.00 27.06 ? 34  ILE B CB  1 
ATOM   739  C CG1 . ILE B 1 34 ? 6.375   8.561   0.685   1.00 31.77 ? 34  ILE B CG1 1 
ATOM   740  C CG2 . ILE B 1 34 ? 5.278   8.083   2.863   1.00 27.35 ? 34  ILE B CG2 1 
ATOM   741  C CD1 . ILE B 1 34 ? 7.559   7.793   0.315   1.00 38.10 ? 34  ILE B CD1 1 
ATOM   742  N N   . THR B 1 35 ? 3.935   11.163  3.634   1.00 28.03 ? 35  THR B N   1 
ATOM   743  C CA  . THR B 1 35 ? 3.432   11.536  4.956   1.00 36.73 ? 35  THR B CA  1 
ATOM   744  C C   . THR B 1 35 ? 1.956   11.229  5.148   1.00 37.82 ? 35  THR B C   1 
ATOM   745  O O   . THR B 1 35 ? 1.179   11.244  4.186   1.00 29.53 ? 35  THR B O   1 
ATOM   746  C CB  . THR B 1 35 ? 3.732   13.056  5.216   1.00 47.42 ? 35  THR B CB  1 
ATOM   747  O OG1 . THR B 1 35 ? 3.556   13.359  6.601   1.00 59.57 ? 35  THR B OG1 1 
ATOM   748  C CG2 . THR B 1 35 ? 2.851   13.956  4.382   1.00 47.03 ? 35  THR B CG2 1 
ATOM   749  N N   . ASP B 1 36 ? 1.558   10.921  6.389   1.00 30.15 ? 36  ASP B N   1 
ATOM   750  C CA  . ASP B 1 36 ? 0.147   10.670  6.720   1.00 31.22 ? 36  ASP B CA  1 
ATOM   751  C C   . ASP B 1 36 ? -0.602  9.670   5.830   1.00 25.93 ? 36  ASP B C   1 
ATOM   752  O O   . ASP B 1 36 ? -1.772  9.910   5.469   1.00 24.93 ? 36  ASP B O   1 
ATOM   753  C CB  . ASP B 1 36 ? -0.601  11.974  6.715   1.00 36.37 ? 36  ASP B CB  1 
ATOM   754  C CG  . ASP B 1 36 ? 0.027   12.979  7.608   1.00 53.68 ? 36  ASP B CG  1 
ATOM   755  O OD1 . ASP B 1 36 ? 0.373   12.596  8.740   1.00 55.92 ? 36  ASP B OD1 1 
ATOM   756  O OD2 . ASP B 1 36 ? 0.160   14.163  7.189   1.00 65.18 ? 36  ASP B OD2 1 
ATOM   757  N N   . GLY B 1 37 ? 0.066   8.576   5.485   1.00 20.72 ? 37  GLY B N   1 
ATOM   758  C CA  . GLY B 1 37 ? -0.499  7.524   4.673   1.00 23.73 ? 37  GLY B CA  1 
ATOM   759  C C   . GLY B 1 37 ? -0.567  7.798   3.172   1.00 24.65 ? 37  GLY B C   1 
ATOM   760  O O   . GLY B 1 37 ? -1.154  7.017   2.454   1.00 24.52 ? 37  GLY B O   1 
ATOM   761  N N   . LYS B 1 38 ? 0.023   8.893   2.719   1.00 21.73 ? 38  LYS B N   1 
ATOM   762  C CA  . LYS B 1 38 ? 0.015   9.291   1.278   1.00 23.29 ? 38  LYS B CA  1 
ATOM   763  C C   . LYS B 1 38 ? 1.404   9.531   0.686   1.00 27.42 ? 38  LYS B C   1 
ATOM   764  O O   . LYS B 1 38 ? 2.387   9.917   1.385   1.00 22.21 ? 38  LYS B O   1 
ATOM   765  C CB  . LYS B 1 38 ? -0.814  10.563  1.143   1.00 28.43 ? 38  LYS B CB  1 
ATOM   766  C CG  . LYS B 1 38 ? -2.292  10.453  1.555   1.00 32.96 ? 38  LYS B CG  1 
ATOM   767  C CD  . LYS B 1 38 ? -3.083  9.458   0.676   1.00 41.73 ? 38  LYS B CD  1 
ATOM   768  C CE  . LYS B 1 38 ? -4.520  9.181   1.112   1.00 48.21 ? 38  LYS B CE  1 
ATOM   769  N NZ  . LYS B 1 38 ? -5.549  10.162  0.644   1.00 49.80 ? 38  LYS B NZ  1 
ATOM   770  N N   . VAL B 1 39 ? 1.561   9.286   -0.616  1.00 20.41 ? 39  VAL B N   1 
ATOM   771  C CA  . VAL B 1 39 ? 2.789   9.486   -1.320  1.00 21.17 ? 39  VAL B CA  1 
ATOM   772  C C   . VAL B 1 39 ? 2.567   10.718  -2.286  1.00 24.96 ? 39  VAL B C   1 
ATOM   773  O O   . VAL B 1 39 ? 1.654   10.650  -3.158  1.00 21.52 ? 39  VAL B O   1 
ATOM   774  C CB  . VAL B 1 39 ? 3.107   8.275   -2.189  1.00 19.82 ? 39  VAL B CB  1 
ATOM   775  C CG1 . VAL B 1 39 ? 4.382   8.437   -2.983  1.00 19.04 ? 39  VAL B CG1 1 
ATOM   776  C CG2 . VAL B 1 39 ? 3.160   6.928   -1.415  1.00 23.72 ? 39  VAL B CG2 1 
ATOM   777  N N   . ALA B 1 40 ? 3.324   11.806  -2.125  1.00 20.70 ? 40  ALA B N   1 
ATOM   778  C CA  . ALA B 1 40 ? 3.231   12.968  -3.050  1.00 20.60 ? 40  ALA B CA  1 
ATOM   779  C C   . ALA B 1 40 ? 4.125   12.711  -4.243  1.00 20.56 ? 40  ALA B C   1 
ATOM   780  O O   . ALA B 1 40 ? 5.352   12.399  -4.066  1.00 18.77 ? 40  ALA B O   1 
ATOM   781  C CB  . ALA B 1 40 ? 3.639   14.274  -2.358  1.00 24.11 ? 40  ALA B CB  1 
ATOM   782  N N   . VAL B 1 41 ? 3.579   12.877  -5.497  1.00 18.54 ? 41  VAL B N   1 
ATOM   783  C CA  . VAL B 1 41 ? 4.280   12.564  -6.736  1.00 17.03 ? 41  VAL B CA  1 
ATOM   784  C C   . VAL B 1 41 ? 4.214   13.816  -7.662  1.00 18.58 ? 41  VAL B C   1 
ATOM   785  O O   . VAL B 1 41 ? 3.111   14.390  -7.821  1.00 17.66 ? 41  VAL B O   1 
ATOM   786  C CB  . VAL B 1 41 ? 3.665   11.329  -7.501  1.00 17.15 ? 41  VAL B CB  1 
ATOM   787  C CG1 . VAL B 1 41 ? 4.375   11.075  -8.807  1.00 16.78 ? 41  VAL B CG1 1 
ATOM   788  C CG2 . VAL B 1 41 ? 3.717   10.059  -6.575  1.00 19.67 ? 41  VAL B CG2 1 
ATOM   789  N N   . LEU B 1 42 ? 5.349   14.177  -8.255  1.00 17.12 ? 42  LEU B N   1 
ATOM   790  C CA  . LEU B 1 42 ? 5.371   15.269  -9.286  1.00 17.52 ? 42  LEU B CA  1 
ATOM   791  C C   . LEU B 1 42 ? 5.390   14.635  -10.705 1.00 17.89 ? 42  LEU B C   1 
ATOM   792  O O   . LEU B 1 42 ? 6.323   13.888  -11.087 1.00 17.67 ? 42  LEU B O   1 
ATOM   793  C CB  . LEU B 1 42 ? 6.600   16.131  -9.129  1.00 21.00 ? 42  LEU B CB  1 
ATOM   794  C CG  . LEU B 1 42 ? 6.748   17.352  -10.051 1.00 22.96 ? 42  LEU B CG  1 
ATOM   795  C CD1 . LEU B 1 42 ? 5.660   18.330  -9.732  1.00 26.13 ? 42  LEU B CD1 1 
ATOM   796  C CD2 . LEU B 1 42 ? 8.208   17.875  -9.876  1.00 26.72 ? 42  LEU B CD2 1 
ATOM   797  N N   . PHE B 1 43 ? 4.420   15.035  -11.513 1.00 17.92 ? 43  PHE B N   1 
ATOM   798  C CA  . PHE B 1 43 ? 4.373   14.723  -12.934 1.00 18.55 ? 43  PHE B CA  1 
ATOM   799  C C   . PHE B 1 43 ? 4.799   15.992  -13.732 1.00 18.97 ? 43  PHE B C   1 
ATOM   800  O O   . PHE B 1 43 ? 4.411   17.113  -13.374 1.00 18.66 ? 43  PHE B O   1 
ATOM   801  C CB  . PHE B 1 43 ? 2.924   14.330  -13.302 1.00 18.49 ? 43  PHE B CB  1 
ATOM   802  C CG  . PHE B 1 43 ? 2.430   13.077  -12.602 1.00 18.90 ? 43  PHE B CG  1 
ATOM   803  C CD1 . PHE B 1 43 ? 3.034   11.851  -12.807 1.00 19.79 ? 43  PHE B CD1 1 
ATOM   804  C CD2 . PHE B 1 43 ? 1.316   13.121  -11.837 1.00 16.76 ? 43  PHE B CD2 1 
ATOM   805  C CE1 . PHE B 1 43 ? 2.567   10.703  -12.181 1.00 17.73 ? 43  PHE B CE1 1 
ATOM   806  C CE2 . PHE B 1 43 ? 0.818   11.989  -11.191 1.00 19.02 ? 43  PHE B CE2 1 
ATOM   807  C CZ  . PHE B 1 43 ? 1.449   10.777  -11.351 1.00 17.56 ? 43  PHE B CZ  1 
ATOM   808  N N   . GLU B 1 44 ? 5.498   15.777  -14.827 1.00 23.67 ? 44  GLU B N   1 
ATOM   809  C CA  . GLU B 1 44 ? 5.931   16.914  -15.732 1.00 25.96 ? 44  GLU B CA  1 
ATOM   810  C C   . GLU B 1 44 ? 5.785   16.520  -17.151 1.00 23.54 ? 44  GLU B C   1 
ATOM   811  O O   . GLU B 1 44 ? 6.312   15.441  -17.571 1.00 28.53 ? 44  GLU B O   1 
ATOM   812  C CB  . GLU B 1 44 ? 7.329   17.387  -15.476 1.00 32.20 ? 44  GLU B CB  1 
ATOM   813  C CG  . GLU B 1 44 ? 7.859   18.580  -16.413 1.00 32.93 ? 44  GLU B CG  1 
ATOM   814  C CD  . GLU B 1 44 ? 9.254   19.088  -15.975 1.00 45.75 ? 44  GLU B CD  1 
ATOM   815  O OE1 . GLU B 1 44 ? 9.398   19.414  -14.782 1.00 43.85 ? 44  GLU B OE1 1 
ATOM   816  O OE2 . GLU B 1 44 ? 10.235  19.156  -16.784 1.00 42.19 ? 44  GLU B OE2 1 
ATOM   817  N N   . GLY B 1 45 ? 5.048   17.350  -17.894 1.00 24.90 ? 45  GLY B N   1 
ATOM   818  C CA  . GLY B 1 45 ? 5.047   17.275  -19.386 1.00 30.33 ? 45  GLY B CA  1 
ATOM   819  C C   . GLY B 1 45 ? 5.654   18.485  -20.034 1.00 37.28 ? 45  GLY B C   1 
ATOM   820  O O   . GLY B 1 45 ? 6.288   19.342  -19.349 1.00 33.36 ? 45  GLY B O   1 
ATOM   821  N N   . GLY B 1 46 ? 5.429   18.639  -21.332 1.00 31.51 ? 46  GLY B N   1 
ATOM   822  C CA  . GLY B 1 46 ? 5.826   19.868  -21.971 1.00 33.02 ? 46  GLY B CA  1 
ATOM   823  C C   . GLY B 1 46 ? 5.024   21.062  -21.490 1.00 31.22 ? 46  GLY B C   1 
ATOM   824  O O   . GLY B 1 46 ? 3.804   21.178  -21.713 1.00 36.27 ? 46  GLY B O   1 
ATOM   825  N N   . ASN B 1 47 ? 5.683   22.025  -20.877 1.00 35.03 ? 47  ASN B N   1 
ATOM   826  C CA  . ASN B 1 47 ? 4.935   23.212  -20.437 1.00 34.69 ? 47  ASN B CA  1 
ATOM   827  C C   . ASN B 1 47 ? 3.932   23.001  -19.347 1.00 24.21 ? 47  ASN B C   1 
ATOM   828  O O   . ASN B 1 47 ? 2.993   23.766  -19.253 1.00 26.05 ? 47  ASN B O   1 
ATOM   829  C CB  . ASN B 1 47 ? 4.252   24.007  -21.668 1.00 41.12 ? 47  ASN B CB  1 
ATOM   830  C CG  . ASN B 1 47 ? 3.152   23.201  -22.464 1.00 52.78 ? 47  ASN B CG  1 
ATOM   831  O OD1 . ASN B 1 47 ? 2.211   22.578  -21.895 1.00 57.53 ? 47  ASN B OD1 1 
ATOM   832  N ND2 . ASN B 1 47 ? 3.279   23.215  -23.817 1.00 55.62 ? 47  ASN B ND2 1 
ATOM   833  N N   . TRP B 1 48 ? 4.041   21.926  -18.511 1.00 22.75 ? 48  TRP B N   1 
ATOM   834  C CA  . TRP B 1 48 ? 3.144   21.816  -17.339 1.00 19.15 ? 48  TRP B CA  1 
ATOM   835  C C   . TRP B 1 48 ? 3.806   20.898  -16.250 1.00 19.05 ? 48  TRP B C   1 
ATOM   836  O O   . TRP B 1 48 ? 4.575   20.008  -16.548 1.00 18.60 ? 48  TRP B O   1 
ATOM   837  C CB  . TRP B 1 48 ? 1.713   21.348  -17.634 1.00 19.07 ? 48  TRP B CB  1 
ATOM   838  C CG  . TRP B 1 48 ? 1.656   19.952  -18.282 1.00 21.34 ? 48  TRP B CG  1 
ATOM   839  C CD1 . TRP B 1 48 ? 1.655   19.651  -19.666 1.00 24.99 ? 48  TRP B CD1 1 
ATOM   840  C CD2 . TRP B 1 48 ? 1.569   18.700  -17.615 1.00 19.28 ? 48  TRP B CD2 1 
ATOM   841  N NE1 . TRP B 1 48 ? 1.610   18.280  -19.851 1.00 22.00 ? 48  TRP B NE1 1 
ATOM   842  C CE2 . TRP B 1 48 ? 1.543   17.671  -18.616 1.00 20.33 ? 48  TRP B CE2 1 
ATOM   843  C CE3 . TRP B 1 48 ? 1.556   18.322  -16.268 1.00 18.84 ? 48  TRP B CE3 1 
ATOM   844  C CZ2 . TRP B 1 48 ? 1.490   16.332  -18.292 1.00 20.55 ? 48  TRP B CZ2 1 
ATOM   845  C CZ3 . TRP B 1 48 ? 1.460   16.959  -15.940 1.00 20.72 ? 48  TRP B CZ3 1 
ATOM   846  C CH2 . TRP B 1 48 ? 1.474   15.980  -16.959 1.00 21.89 ? 48  TRP B CH2 1 
ATOM   847  N N   . ASP B 1 49 ? 3.503   21.221  -14.984 1.00 19.86 ? 49  ASP B N   1 
ATOM   848  C CA  . ASP B 1 49 ? 3.742   20.317  -13.767 1.00 19.27 ? 49  ASP B CA  1 
ATOM   849  C C   . ASP B 1 49 ? 2.464   20.081  -13.026 1.00 18.85 ? 49  ASP B C   1 
ATOM   850  O O   . ASP B 1 49 ? 1.553   20.938  -12.914 1.00 17.79 ? 49  ASP B O   1 
ATOM   851  C CB  . ASP B 1 49 ? 4.767   20.919  -12.743 1.00 24.95 ? 49  ASP B CB  1 
ATOM   852  C CG  . ASP B 1 49 ? 6.225   20.756  -13.139 1.00 28.92 ? 49  ASP B CG  1 
ATOM   853  O OD1 . ASP B 1 49 ? 6.665   19.907  -13.959 1.00 30.28 ? 49  ASP B OD1 1 
ATOM   854  O OD2 . ASP B 1 49 ? 7.050   21.628  -12.732 1.00 30.73 ? 49  ASP B OD2 1 
ATOM   855  N N   . LYS B 1 50 ? 2.272   18.860  -12.473 1.00 18.52 ? 50  LYS B N   1 
ATOM   856  C CA  . LYS B 1 50 ? 1.170   18.594  -11.579 1.00 17.87 ? 50  LYS B CA  1 
ATOM   857  C C   . LYS B 1 50 ? 1.662   17.790  -10.331 1.00 17.92 ? 50  LYS B C   1 
ATOM   858  O O   . LYS B 1 50 ? 2.431   16.823  -10.472 1.00 20.84 ? 50  LYS B O   1 
ATOM   859  C CB  . LYS B 1 50 ? -0.018  17.754  -12.194 1.00 21.49 ? 50  LYS B CB  1 
ATOM   860  C CG  . LYS B 1 50 ? -0.931  18.526  -13.127 1.00 26.27 ? 50  LYS B CG  1 
ATOM   861  C CD  . LYS B 1 50 ? -1.875  17.539  -13.904 1.00 25.52 ? 50  LYS B CD  1 
ATOM   862  C CE  . LYS B 1 50 ? -2.529  18.368  -14.960 1.00 33.45 ? 50  LYS B CE  1 
ATOM   863  N NZ  . LYS B 1 50 ? -3.617  19.109  -14.388 1.00 35.21 ? 50  LYS B NZ  1 
ATOM   864  N N   . LEU B 1 51 ? 1.226   18.228  -9.160  1.00 18.86 ? 51  LEU B N   1 
ATOM   865  C CA  . LEU B 1 51 ? 1.563   17.514  -7.853  1.00 18.12 ? 51  LEU B CA  1 
ATOM   866  C C   . LEU B 1 51 ? 0.280   16.869  -7.365  1.00 16.58 ? 51  LEU B C   1 
ATOM   867  O O   . LEU B 1 51 ? -0.742  17.506  -7.193  1.00 18.82 ? 51  LEU B O   1 
ATOM   868  C CB  . LEU B 1 51 ? 2.086   18.523  -6.787  1.00 19.99 ? 51  LEU B CB  1 
ATOM   869  C CG  . LEU B 1 51 ? 2.518   17.940  -5.423  1.00 21.12 ? 51  LEU B CG  1 
ATOM   870  C CD1 . LEU B 1 51 ? 3.764   17.104  -5.634  1.00 22.88 ? 51  LEU B CD1 1 
ATOM   871  C CD2 . LEU B 1 51 ? 2.622   19.082  -4.387  1.00 27.18 ? 51  LEU B CD2 1 
ATOM   872  N N   . VAL B 1 52 ? 0.340   15.539  -7.196  1.00 15.81 ? 52  VAL B N   1 
ATOM   873  C CA  . VAL B 1 52 ? -0.766  14.706  -6.870  1.00 16.44 ? 52  VAL B CA  1 
ATOM   874  C C   . VAL B 1 52 ? -0.367  13.767  -5.683  1.00 18.64 ? 52  VAL B C   1 
ATOM   875  O O   . VAL B 1 52 ? 0.731   13.143  -5.742  1.00 17.80 ? 52  VAL B O   1 
ATOM   876  C CB  . VAL B 1 52 ? -1.165  13.776  -8.073  1.00 18.07 ? 52  VAL B CB  1 
ATOM   877  C CG1 . VAL B 1 52 ? -2.376  12.884  -7.746  1.00 19.46 ? 52  VAL B CG1 1 
ATOM   878  C CG2 . VAL B 1 52 ? -1.369  14.629  -9.366  1.00 19.45 ? 52  VAL B CG2 1 
ATOM   879  N N   . THR B 1 53 ? -1.286  13.598  -4.728  1.00 20.76 ? 53  THR B N   1 
ATOM   880  C CA  . THR B 1 53 ? -1.107  12.588  -3.670  1.00 23.00 ? 53  THR B CA  1 
ATOM   881  C C   . THR B 1 53 ? -1.875  11.285  -3.938  1.00 23.08 ? 53  THR B C   1 
ATOM   882  O O   . THR B 1 53 ? -3.038  11.327  -4.396  1.00 20.76 ? 53  THR B O   1 
ATOM   883  C CB  . THR B 1 53 ? -1.426  13.166  -2.225  1.00 20.26 ? 53  THR B CB  1 
ATOM   884  O OG1 . THR B 1 53 ? -2.773  13.588  -2.098  1.00 22.47 ? 53  THR B OG1 1 
ATOM   885  C CG2 . THR B 1 53 ? -0.503  14.249  -1.831  1.00 23.83 ? 53  THR B CG2 1 
ATOM   886  N N   . PHE B 1 54 ? -1.233  10.130  -3.651  1.00 19.08 ? 54  PHE B N   1 
ATOM   887  C CA  . PHE B 1 54 ? -1.776  8.800   -3.865  1.00 17.45 ? 54  PHE B CA  1 
ATOM   888  C C   . PHE B 1 54 ? -1.691  7.933   -2.577  1.00 22.17 ? 54  PHE B C   1 
ATOM   889  O O   . PHE B 1 54 ? -0.729  8.107   -1.802  1.00 21.28 ? 54  PHE B O   1 
ATOM   890  C CB  . PHE B 1 54 ? -0.993  8.032   -4.916  1.00 18.75 ? 54  PHE B CB  1 
ATOM   891  C CG  . PHE B 1 54 ? -1.051  8.645   -6.309  1.00 17.90 ? 54  PHE B CG  1 
ATOM   892  C CD1 . PHE B 1 54 ? -2.078  8.268   -7.170  1.00 19.22 ? 54  PHE B CD1 1 
ATOM   893  C CD2 . PHE B 1 54 ? -0.101  9.596   -6.720  1.00 18.23 ? 54  PHE B CD2 1 
ATOM   894  C CE1 . PHE B 1 54 ? -2.128  8.795   -8.475  1.00 19.00 ? 54  PHE B CE1 1 
ATOM   895  C CE2 . PHE B 1 54 ? -0.137  10.129  -8.048  1.00 16.85 ? 54  PHE B CE2 1 
ATOM   896  C CZ  . PHE B 1 54 ? -1.150  9.693   -8.889  1.00 19.34 ? 54  PHE B CZ  1 
ATOM   897  N N   . GLN B 1 55 ? -2.554  6.934   -2.473  1.00 19.71 ? 55  GLN B N   1 
ATOM   898  C CA  . GLN B 1 55 ? -2.198  5.698   -1.704  1.00 20.43 ? 55  GLN B CA  1 
ATOM   899  C C   . GLN B 1 55 ? -1.163  4.852   -2.457  1.00 21.66 ? 55  GLN B C   1 
ATOM   900  O O   . GLN B 1 55 ? -1.180  4.711   -3.703  1.00 18.89 ? 55  GLN B O   1 
ATOM   901  C CB  . GLN B 1 55 ? -3.480  4.909   -1.375  1.00 20.97 ? 55  GLN B CB  1 
ATOM   902  C CG  . GLN B 1 55 ? -4.420  5.620   -0.452  1.00 23.13 ? 55  GLN B CG  1 
ATOM   903  C CD  . GLN B 1 55 ? -5.588  4.782   0.063   1.00 27.06 ? 55  GLN B CD  1 
ATOM   904  O OE1 . GLN B 1 55 ? -6.053  3.885   -0.575  1.00 24.13 ? 55  GLN B OE1 1 
ATOM   905  N NE2 . GLN B 1 55 ? -5.946  5.014   1.292   1.00 31.27 ? 55  GLN B NE2 1 
ATOM   906  N N   . ALA B 1 56 ? -0.211  4.220   -1.726  1.00 17.74 ? 56  ALA B N   1 
ATOM   907  C CA  . ALA B 1 56 ? 0.749   3.368   -2.327  1.00 18.88 ? 56  ALA B CA  1 
ATOM   908  C C   . ALA B 1 56 ? 0.238   2.257   -3.261  1.00 17.83 ? 56  ALA B C   1 
ATOM   909  O O   . ALA B 1 56 ? 0.929   1.882   -4.204  1.00 16.83 ? 56  ALA B O   1 
ATOM   910  C CB  . ALA B 1 56 ? 1.716   2.769   -1.240  1.00 21.19 ? 56  ALA B CB  1 
ATOM   911  N N   . SER B 1 57 ? -0.955  1.731   -2.966  1.00 19.48 ? 57  SER B N   1 
ATOM   912  C CA  . SER B 1 57 ? -1.540  0.694   -3.793  1.00 20.60 ? 57  SER B CA  1 
ATOM   913  C C   . SER B 1 57 ? -1.762  1.067   -5.287  1.00 20.50 ? 57  SER B C   1 
ATOM   914  O O   . SER B 1 57 ? -1.846  0.184   -6.107  1.00 22.99 ? 57  SER B O   1 
ATOM   915  C CB  . SER B 1 57 ? -2.887  0.205   -3.233  1.00 23.89 ? 57  SER B CB  1 
ATOM   916  O OG  . SER B 1 57 ? -2.846  -0.396  -1.954  1.00 24.52 ? 57  SER B OG  1 
ATOM   917  N N   . GLU B 1 58 ? -1.827  2.361   -5.581  1.00 18.44 ? 58  GLU B N   1 
ATOM   918  C CA  . GLU B 1 58 ? -1.938  2.858   -6.999  1.00 20.36 ? 58  GLU B CA  1 
ATOM   919  C C   . GLU B 1 58 ? -0.638  2.869   -7.801  1.00 21.81 ? 58  GLU B C   1 
ATOM   920  O O   . GLU B 1 58 ? -0.683  3.078   -9.030  1.00 20.63 ? 58  GLU B O   1 
ATOM   921  C CB  . GLU B 1 58 ? -2.496  4.299   -6.974  1.00 23.01 ? 58  GLU B CB  1 
ATOM   922  C CG  . GLU B 1 58 ? -3.980  4.384   -7.168  1.00 25.97 ? 58  GLU B CG  1 
ATOM   923  C CD  . GLU B 1 58 ? -4.770  3.582   -6.169  1.00 24.07 ? 58  GLU B CD  1 
ATOM   924  O OE1 . GLU B 1 58 ? -5.056  4.052   -5.039  1.00 28.40 ? 58  GLU B OE1 1 
ATOM   925  O OE2 . GLU B 1 58 ? -5.232  2.481   -6.583  1.00 28.00 ? 58  GLU B OE2 1 
ATOM   926  N N   . LEU B 1 59 ? 0.519   2.605   -7.135  1.00 20.39 ? 59  LEU B N   1 
ATOM   927  C CA  . LEU B 1 59 ? 1.841   2.856   -7.686  1.00 19.47 ? 59  LEU B CA  1 
ATOM   928  C C   . LEU B 1 59 ? 2.750   1.646   -7.754  1.00 19.99 ? 59  LEU B C   1 
ATOM   929  O O   . LEU B 1 59 ? 2.608   0.660   -6.975  1.00 21.55 ? 59  LEU B O   1 
ATOM   930  C CB  . LEU B 1 59 ? 2.529   3.948   -6.788  1.00 18.24 ? 59  LEU B CB  1 
ATOM   931  C CG  . LEU B 1 59 ? 1.845   5.255   -6.520  1.00 21.47 ? 59  LEU B CG  1 
ATOM   932  C CD1 . LEU B 1 59 ? 2.728   6.149   -5.677  1.00 21.17 ? 59  LEU B CD1 1 
ATOM   933  C CD2 . LEU B 1 59 ? 1.569   6.033   -7.844  1.00 20.90 ? 59  LEU B CD2 1 
ATOM   934  N N   . GLU B 1 60 ? 3.681   1.688   -8.702  1.00 20.62 ? 60  GLU B N   1 
ATOM   935  C CA  . GLU B 1 60 ? 4.820   0.787   -8.724  1.00 26.32 ? 60  GLU B CA  1 
ATOM   936  C C   . GLU B 1 60 ? 6.126   1.500   -9.078  1.00 27.95 ? 60  GLU B C   1 
ATOM   937  O O   . GLU B 1 60 ? 6.152   2.339   -9.976  1.00 23.48 ? 60  GLU B O   1 
ATOM   938  C CB  . GLU B 1 60 ? 4.519   -0.302  -9.769  1.00 30.24 ? 60  GLU B CB  1 
ATOM   939  C CG  . GLU B 1 60 ? 5.562   -1.337  -9.993  1.00 43.09 ? 60  GLU B CG  1 
ATOM   940  C CD  . GLU B 1 60 ? 5.024   -2.459  -10.916 1.00 53.56 ? 60  GLU B CD  1 
ATOM   941  O OE1 . GLU B 1 60 ? 3.924   -3.030  -10.639 1.00 47.65 ? 60  GLU B OE1 1 
ATOM   942  O OE2 . GLU B 1 60 ? 5.697   -2.747  -11.915 1.00 67.05 ? 60  GLU B OE2 1 
ATOM   943  N N   . PRO B 1 61 ? 7.233   1.140   -8.391  1.00 26.16 ? 61  PRO B N   1 
ATOM   944  C CA  . PRO B 1 61 ? 8.567   1.666   -8.838  1.00 27.68 ? 61  PRO B CA  1 
ATOM   945  C C   . PRO B 1 61 ? 8.978   1.220   -10.209 1.00 27.74 ? 61  PRO B C   1 
ATOM   946  O O   . PRO B 1 61 ? 8.674   0.085   -10.614 1.00 32.15 ? 61  PRO B O   1 
ATOM   947  C CB  . PRO B 1 61 ? 9.557   1.061   -7.788  1.00 32.42 ? 61  PRO B CB  1 
ATOM   948  C CG  . PRO B 1 61 ? 8.727   0.642   -6.631  1.00 32.53 ? 61  PRO B CG  1 
ATOM   949  C CD  . PRO B 1 61 ? 7.385   0.225   -7.226  1.00 31.70 ? 61  PRO B CD  1 
ATOM   950  N N   . VAL B 1 62 ? 9.610   2.122   -10.957 1.00 26.09 ? 62  VAL B N   1 
ATOM   951  C CA  . VAL B 1 62 ? 10.103  1.912   -12.305 1.00 31.98 ? 62  VAL B CA  1 
ATOM   952  C C   . VAL B 1 62 ? 11.632  2.000   -12.076 1.00 42.49 ? 62  VAL B C   1 
ATOM   953  O O   . VAL B 1 62 ? 12.339  1.229   -12.686 1.00 50.96 ? 62  VAL B O   1 
ATOM   954  C CB  . VAL B 1 62 ? 9.820   3.095   -13.277 1.00 34.80 ? 62  VAL B CB  1 
ATOM   955  C CG1 . VAL B 1 62 ? 10.296  2.771   -14.700 1.00 43.90 ? 62  VAL B CG1 1 
ATOM   956  C CG2 . VAL B 1 62 ? 8.373   3.556   -13.253 1.00 37.31 ? 62  VAL B CG2 1 
HETATM 957  C C   . ACY C 2 .  ? -3.982  -13.239 18.759  1.00 23.19 ? 101 ACY A C   1 
HETATM 958  O O   . ACY C 2 .  ? -4.763  -14.097 18.414  1.00 40.24 ? 101 ACY A O   1 
HETATM 959  O OXT . ACY C 2 .  ? -4.429  -12.351 19.390  1.00 28.96 ? 101 ACY A OXT 1 
HETATM 960  C CH3 . ACY C 2 .  ? -2.517  -13.300 18.474  1.00 36.32 ? 101 ACY A CH3 1 
HETATM 961  C C   . ACY D 2 .  ? 1.326   14.719  9.846   1.00 43.84 ? 101 ACY B C   1 
HETATM 962  O O   . ACY D 2 .  ? 1.630   13.823  10.644  1.00 54.87 ? 101 ACY B O   1 
HETATM 963  O OXT . ACY D 2 .  ? 0.158   15.116  9.725   1.00 48.74 ? 101 ACY B OXT 1 
HETATM 964  C CH3 . ACY D 2 .  ? 2.398   15.322  9.032   1.00 50.60 ? 101 ACY B CH3 1 
HETATM 965  O O   . HOH E 3 .  ? 3.261   -15.165 4.390   1.00 10.98 ? 201 HOH A O   1 
HETATM 966  O O   . HOH E 3 .  ? 0.368   -1.138  15.824  1.00 76.14 ? 202 HOH A O   1 
HETATM 967  O O   . HOH E 3 .  ? 0.328   -12.687 -0.502  1.00 62.75 ? 203 HOH A O   1 
HETATM 968  O O   . HOH E 3 .  ? 2.049   -15.660 2.603   1.00 30.62 ? 204 HOH A O   1 
HETATM 969  O O   . HOH E 3 .  ? -6.462  1.286   12.396  1.00 46.12 ? 205 HOH A O   1 
HETATM 970  O O   . HOH E 3 .  ? -6.625  -13.495 1.122   1.00 48.05 ? 206 HOH A O   1 
HETATM 971  O O   . HOH E 3 .  ? -5.375  -15.250 11.588  1.00 57.29 ? 207 HOH A O   1 
HETATM 972  O O   . HOH E 3 .  ? 6.250   9.963   6.844   1.00 65.69 ? 208 HOH A O   1 
HETATM 973  O O   . HOH E 3 .  ? -6.188  -17.198 3.318   1.00 33.38 ? 209 HOH A O   1 
HETATM 974  O O   . HOH E 3 .  ? -27.323 -23.106 14.755  1.00 53.27 ? 210 HOH A O   1 
HETATM 975  O O   . HOH E 3 .  ? 7.116   4.310   11.868  1.00 41.77 ? 211 HOH A O   1 
HETATM 976  O O   . HOH E 3 .  ? -8.385  -1.794  13.850  1.00 40.10 ? 212 HOH A O   1 
HETATM 977  O O   . HOH E 3 .  ? 4.680   -1.738  12.983  1.00 29.65 ? 213 HOH A O   1 
HETATM 978  O O   . HOH E 3 .  ? 3.385   -20.098 5.891   1.00 64.72 ? 214 HOH A O   1 
HETATM 979  O O   . HOH E 3 .  ? 11.862  -4.838  1.649   1.00 30.45 ? 215 HOH A O   1 
HETATM 980  O O   . HOH E 3 .  ? -2.044  -17.340 10.634  1.00 49.80 ? 216 HOH A O   1 
HETATM 981  O O   . HOH E 3 .  ? -21.451 -15.435 14.368  1.00 32.36 ? 217 HOH A O   1 
HETATM 982  O O   . HOH E 3 .  ? -13.552 -9.171  13.123  1.00 30.21 ? 218 HOH A O   1 
HETATM 983  O O   . HOH E 3 .  ? 4.599   -3.829  14.998  1.00 25.19 ? 219 HOH A O   1 
HETATM 984  O O   . HOH E 3 .  ? 8.059   -14.380 5.103   1.00 42.97 ? 220 HOH A O   1 
HETATM 985  O O   . HOH E 3 .  ? -25.879 -21.006 13.415  1.00 43.76 ? 221 HOH A O   1 
HETATM 986  O O   . HOH E 3 .  ? -10.298 -2.463  -0.737  1.00 25.95 ? 222 HOH A O   1 
HETATM 987  O O   . HOH E 3 .  ? -19.570 -14.559 15.881  1.00 69.86 ? 223 HOH A O   1 
HETATM 988  O O   . HOH E 3 .  ? 6.562   -10.895 4.803   1.00 64.29 ? 224 HOH A O   1 
HETATM 989  O O   . HOH E 3 .  ? 13.226  6.919   8.068   1.00 56.00 ? 225 HOH A O   1 
HETATM 990  O O   . HOH E 3 .  ? -16.167 -9.318  12.636  1.00 47.86 ? 226 HOH A O   1 
HETATM 991  O O   . HOH E 3 .  ? 11.194  5.978   10.423  1.00 51.54 ? 227 HOH A O   1 
HETATM 992  O O   . HOH E 3 .  ? 2.428   1.938   9.959   1.00 26.13 ? 228 HOH A O   1 
HETATM 993  O O   . HOH E 3 .  ? 1.676   -14.119 1.138   1.00 56.21 ? 229 HOH A O   1 
HETATM 994  O O   . HOH E 3 .  ? 2.203   -23.593 10.555  1.00 70.00 ? 230 HOH A O   1 
HETATM 995  O O   . HOH E 3 .  ? -3.929  3.292   4.351   1.00 44.44 ? 231 HOH A O   1 
HETATM 996  O O   . HOH E 3 .  ? -1.574  1.626   14.040  1.00 60.53 ? 232 HOH A O   1 
HETATM 997  O O   . HOH E 3 .  ? 9.857   15.380  4.988   1.00 68.94 ? 233 HOH A O   1 
HETATM 998  O O   . HOH E 3 .  ? -0.022  5.538   8.314   1.00 44.27 ? 234 HOH A O   1 
HETATM 999  O O   . HOH E 3 .  ? -11.219 1.444   11.565  1.00 48.93 ? 235 HOH A O   1 
HETATM 1000 O O   . HOH E 3 .  ? -6.073  3.296   4.866   1.00 49.93 ? 236 HOH A O   1 
HETATM 1001 O O   . HOH E 3 .  ? 5.158   0.629   10.838  1.00 27.61 ? 237 HOH A O   1 
HETATM 1002 O O   . HOH E 3 .  ? 9.236   -13.374 3.328   1.00 58.04 ? 238 HOH A O   1 
HETATM 1003 O O   . HOH E 3 .  ? -13.254 -7.048  13.693  1.00 59.87 ? 239 HOH A O   1 
HETATM 1004 O O   . HOH E 3 .  ? -12.382 0.823   9.921   1.00 51.87 ? 240 HOH A O   1 
HETATM 1005 O O   . HOH E 3 .  ? 12.374  12.040  8.008   1.00 59.91 ? 241 HOH A O   1 
HETATM 1006 O O   . HOH E 3 .  ? -9.752  3.384   -4.386  1.00 52.56 ? 242 HOH A O   1 
HETATM 1007 O O   . HOH E 3 .  ? 0.528   0.266   14.261  1.00 60.51 ? 243 HOH A O   1 
HETATM 1008 O O   . HOH E 3 .  ? 0.790   3.735   8.869   1.00 28.11 ? 244 HOH A O   1 
HETATM 1009 O O   . HOH E 3 .  ? -9.230  -15.442 15.676  1.00 62.26 ? 245 HOH A O   1 
HETATM 1010 O O   . HOH E 3 .  ? 3.835   -2.942  17.577  1.00 45.18 ? 246 HOH A O   1 
HETATM 1011 O O   . HOH E 3 .  ? -8.149  -16.373 12.886  1.00 62.02 ? 247 HOH A O   1 
HETATM 1012 O O   . HOH E 3 .  ? 12.271  11.212  10.448  1.00 69.54 ? 248 HOH A O   1 
HETATM 1013 O O   . HOH F 3 .  ? 9.336   21.254  -13.046 1.00 42.24 ? 201 HOH B O   1 
HETATM 1014 O O   . HOH F 3 .  ? 14.622  1.757   -13.356 1.00 61.48 ? 202 HOH B O   1 
HETATM 1015 O O   . HOH F 3 .  ? 0.880   -0.919  -17.568 1.00 55.62 ? 203 HOH B O   1 
HETATM 1016 O O   . HOH F 3 .  ? 4.024   -5.338  -11.564 1.00 45.17 ? 204 HOH B O   1 
HETATM 1017 O O   . HOH F 3 .  ? -4.773  11.535  -1.385  1.00 32.86 ? 205 HOH B O   1 
HETATM 1018 O O   . HOH F 3 .  ? 4.015   -11.904 3.239   1.00 53.37 ? 206 HOH B O   1 
HETATM 1019 O O   . HOH F 3 .  ? -4.528  6.609   -4.637  1.00 18.94 ? 207 HOH B O   1 
HETATM 1020 O O   . HOH F 3 .  ? 11.229  -3.663  -1.012  1.00 27.63 ? 208 HOH B O   1 
HETATM 1021 O O   . HOH F 3 .  ? 0.725   -2.179  -8.871  1.00 53.99 ? 209 HOH B O   1 
HETATM 1022 O O   . HOH F 3 .  ? 5.320   12.958  -15.880 1.00 33.27 ? 210 HOH B O   1 
HETATM 1023 O O   . HOH F 3 .  ? 0.201   5.080   1.066   1.00 19.48 ? 211 HOH B O   1 
HETATM 1024 O O   . HOH F 3 .  ? -3.433  5.710   3.276   1.00 40.32 ? 212 HOH B O   1 
HETATM 1025 O O   . HOH F 3 .  ? 10.824  5.043   -17.603 1.00 73.70 ? 213 HOH B O   1 
HETATM 1026 O O   . HOH F 3 .  ? 0.498   -1.269  -6.536  1.00 40.41 ? 214 HOH B O   1 
HETATM 1027 O O   . HOH F 3 .  ? 0.632   24.637  -20.824 1.00 53.52 ? 215 HOH B O   1 
HETATM 1028 O O   . HOH F 3 .  ? 13.434  4.917   -9.348  1.00 40.93 ? 216 HOH B O   1 
HETATM 1029 O O   . HOH F 3 .  ? 15.323  8.868   -0.533  1.00 48.03 ? 217 HOH B O   1 
HETATM 1030 O O   . HOH F 3 .  ? -4.605  8.140   -17.548 1.00 30.81 ? 218 HOH B O   1 
HETATM 1031 O O   . HOH F 3 .  ? 14.301  8.244   -10.199 1.00 34.37 ? 219 HOH B O   1 
HETATM 1032 O O   . HOH F 3 .  ? -2.738  -0.217  -8.870  1.00 31.06 ? 220 HOH B O   1 
HETATM 1033 O O   . HOH F 3 .  ? 11.126  14.623  1.158   1.00 36.13 ? 221 HOH B O   1 
HETATM 1034 O O   . HOH F 3 .  ? 11.471  -0.377  -4.436  1.00 53.14 ? 222 HOH B O   1 
HETATM 1035 O O   . HOH F 3 .  ? -5.638  20.833  -15.507 1.00 56.74 ? 223 HOH B O   1 
HETATM 1036 O O   . HOH F 3 .  ? -8.329  8.923   -9.791  1.00 33.06 ? 224 HOH B O   1 
HETATM 1037 O O   . HOH F 3 .  ? -8.079  2.658   -18.378 1.00 50.47 ? 225 HOH B O   1 
HETATM 1038 O O   . HOH F 3 .  ? 9.228   19.292  -19.596 1.00 57.34 ? 226 HOH B O   1 
HETATM 1039 O O   . HOH F 3 .  ? 10.201  -2.158  -4.022  1.00 39.23 ? 227 HOH B O   1 
HETATM 1040 O O   . HOH F 3 .  ? 11.739  16.094  -8.353  1.00 34.78 ? 228 HOH B O   1 
HETATM 1041 O O   . HOH F 3 .  ? -10.943 2.675   -16.697 1.00 55.16 ? 229 HOH B O   1 
HETATM 1042 O O   . HOH F 3 .  ? 13.594  1.369   -15.418 1.00 59.60 ? 230 HOH B O   1 
HETATM 1043 O O   . HOH F 3 .  ? 4.641   9.613   -18.204 1.00 29.93 ? 231 HOH B O   1 
HETATM 1044 O O   . HOH F 3 .  ? -7.777  14.606  -10.309 1.00 53.36 ? 232 HOH B O   1 
HETATM 1045 O O   . HOH F 3 .  ? -3.124  12.362  3.940   1.00 84.92 ? 233 HOH B O   1 
HETATM 1046 O O   . HOH F 3 .  ? -3.851  20.938  -17.090 1.00 41.80 ? 234 HOH B O   1 
HETATM 1047 O O   . HOH F 3 .  ? -4.372  8.215   4.404   1.00 71.87 ? 235 HOH B O   1 
HETATM 1048 O O   . HOH F 3 .  ? 6.981   -11.005 2.424   1.00 81.27 ? 236 HOH B O   1 
HETATM 1049 O O   . HOH F 3 .  ? -6.973  19.367  -14.183 1.00 66.97 ? 237 HOH B O   1 
HETATM 1050 O O   . HOH F 3 .  ? -8.606  12.608  -9.453  1.00 56.48 ? 238 HOH B O   1 
HETATM 1051 O O   . HOH F 3 .  ? -2.760  -3.167  -4.361  1.00 58.98 ? 239 HOH B O   1 
HETATM 1052 O O   . HOH F 3 .  ? 14.690  13.339  -3.241  1.00 57.19 ? 240 HOH B O   1 
HETATM 1053 O O   . HOH F 3 .  ? -4.004  -3.540  -11.424 1.00 62.34 ? 241 HOH B O   1 
HETATM 1054 O O   . HOH F 3 .  ? 16.418  7.181   -5.880  1.00 56.49 ? 242 HOH B O   1 
HETATM 1055 O O   . HOH F 3 .  ? 9.909   15.659  -18.851 1.00 65.19 ? 243 HOH B O   1 
HETATM 1056 O O   . HOH F 3 .  ? -2.104  18.353  -18.757 1.00 40.19 ? 244 HOH B O   1 
HETATM 1057 O O   . HOH F 3 .  ? 11.936  15.635  -17.174 1.00 68.00 ? 245 HOH B O   1 
HETATM 1058 O O   . HOH F 3 .  ? 5.431   26.323  -22.703 1.00 48.49 ? 246 HOH B O   1 
HETATM 1059 O O   . HOH F 3 .  ? -2.430  20.071  -18.101 1.00 44.81 ? 247 HOH B O   1 
HETATM 1060 O O   . HOH F 3 .  ? 2.021   9.528   -19.745 1.00 40.57 ? 248 HOH B O   1 
HETATM 1061 O O   . HOH F 3 .  ? 16.324  6.489   -4.094  1.00 55.74 ? 249 HOH B O   1 
HETATM 1062 O O   . HOH F 3 .  ? -1.184  8.684   -20.515 1.00 45.36 ? 250 HOH B O   1 
HETATM 1063 O O   . HOH F 3 .  ? 9.422   12.491  -14.293 1.00 45.51 ? 251 HOH B O   1 
HETATM 1064 O O   . HOH F 3 .  ? -1.642  23.975  -21.446 1.00 54.73 ? 252 HOH B O   1 
HETATM 1065 O O   . HOH F 3 .  ? -4.570  -1.929  -9.529  1.00 51.89 ? 253 HOH B O   1 
HETATM 1066 O O   . HOH F 3 .  ? 13.258  14.963  -4.324  1.00 59.90 ? 254 HOH B O   1 
HETATM 1067 O O   . HOH F 3 .  ? 10.287  10.736  -15.201 1.00 51.56 ? 255 HOH B O   1 
HETATM 1068 O O   . HOH F 3 .  ? -3.100  -4.916  -13.640 1.00 84.85 ? 256 HOH B O   1 
HETATM 1069 O O   . HOH F 3 .  ? -1.862  -4.704  -4.609  1.00 54.84 ? 257 HOH B O   1 
HETATM 1070 O O   . HOH F 3 .  ? -3.109  16.395  -18.891 1.00 58.22 ? 258 HOH B O   1 
# 
loop_
_pdbx_poly_seq_scheme.asym_id 
_pdbx_poly_seq_scheme.entity_id 
_pdbx_poly_seq_scheme.seq_id 
_pdbx_poly_seq_scheme.mon_id 
_pdbx_poly_seq_scheme.ndb_seq_num 
_pdbx_poly_seq_scheme.pdb_seq_num 
_pdbx_poly_seq_scheme.auth_seq_num 
_pdbx_poly_seq_scheme.pdb_mon_id 
_pdbx_poly_seq_scheme.auth_mon_id 
_pdbx_poly_seq_scheme.pdb_strand_id 
_pdbx_poly_seq_scheme.pdb_ins_code 
_pdbx_poly_seq_scheme.hetero 
A 1 1  MET 1  1  1  MET MET A . n 
A 1 2  ALA 2  2  2  ALA ALA A . n 
A 1 3  THR 3  3  3  THR THR A . n 
A 1 4  ASP 4  4  4  ASP ASP A . n 
A 1 5  LEU 5  5  5  LEU LEU A . n 
A 1 6  ILE 6  6  6  ILE ILE A . n 
A 1 7  MET 7  7  7  MET MET A . n 
A 1 8  THR 8  8  8  THR THR A . n 
A 1 9  ILE 9  9  9  ILE ILE A . n 
A 1 10 LEU 10 10 10 LEU LEU A . n 
A 1 11 PRO 11 11 11 PRO PRO A . n 
A 1 12 GLY 12 12 12 GLY GLY A . n 
A 1 13 MET 13 13 13 MET MET A . n 
A 1 14 THR 14 14 14 THR THR A . n 
A 1 15 VAL 15 15 15 VAL VAL A . n 
A 1 16 LYS 16 16 16 LYS LYS A . n 
A 1 17 VAL 17 17 17 VAL VAL A . n 
A 1 18 THR 18 18 18 THR THR A . n 
A 1 19 ASN 19 19 19 ASN ASN A . n 
A 1 20 PRO 20 20 20 PRO PRO A . n 
A 1 21 ASN 21 21 21 ASN ASN A . n 
A 1 22 ASP 22 22 22 ASP ASP A . n 
A 1 23 THR 23 23 23 THR THR A . n 
A 1 24 TYR 24 24 24 TYR TYR A . n 
A 1 25 TYR 25 25 25 TYR TYR A . n 
A 1 26 GLN 26 26 26 GLN GLN A . n 
A 1 27 PHE 27 27 27 PHE PHE A . n 
A 1 28 GLN 28 28 28 GLN GLN A . n 
A 1 29 GLY 29 29 29 GLY GLY A . n 
A 1 30 ILE 30 30 30 ILE ILE A . n 
A 1 31 VAL 31 31 31 VAL VAL A . n 
A 1 32 GLN 32 32 32 GLN GLN A . n 
A 1 33 ARG 33 33 33 ARG ARG A . n 
A 1 34 ILE 34 34 34 ILE ILE A . n 
A 1 35 THR 35 35 35 THR THR A . n 
A 1 36 ASP 36 36 36 ASP ASP A . n 
A 1 37 GLY 37 37 37 GLY GLY A . n 
A 1 38 LYS 38 38 38 LYS LYS A . n 
A 1 39 VAL 39 39 39 VAL VAL A . n 
A 1 40 ALA 40 40 40 ALA ALA A . n 
A 1 41 VAL 41 41 41 VAL VAL A . n 
A 1 42 LEU 42 42 42 LEU LEU A . n 
A 1 43 PHE 43 43 43 PHE PHE A . n 
A 1 44 GLU 44 44 44 GLU GLU A . n 
A 1 45 GLY 45 45 45 GLY GLY A . n 
A 1 46 GLY 46 46 46 GLY GLY A . n 
A 1 47 ASN 47 47 47 ASN ASN A . n 
A 1 48 TRP 48 48 48 TRP TRP A . n 
A 1 49 ASP 49 49 49 ASP ASP A . n 
A 1 50 LYS 50 50 50 LYS LYS A . n 
A 1 51 LEU 51 51 51 LEU LEU A . n 
A 1 52 VAL 52 52 52 VAL VAL A . n 
A 1 53 THR 53 53 53 THR THR A . n 
A 1 54 PHE 54 54 54 PHE PHE A . n 
A 1 55 GLN 55 55 55 GLN GLN A . n 
A 1 56 ALA 56 56 56 ALA ALA A . n 
A 1 57 SER 57 57 57 SER SER A . n 
A 1 58 GLU 58 58 58 GLU GLU A . n 
A 1 59 LEU 59 59 59 LEU LEU A . n 
A 1 60 GLU 60 60 60 GLU GLU A . n 
A 1 61 PRO 61 61 61 PRO PRO A . n 
A 1 62 VAL 62 62 62 VAL VAL A . n 
A 1 63 VAL 63 63 ?  ?   ?   A . n 
A 1 64 VAL 64 64 ?  ?   ?   A . n 
A 1 65 THR 65 65 ?  ?   ?   A . n 
A 1 66 PRO 66 66 ?  ?   ?   A . n 
A 1 67 LYS 67 67 ?  ?   ?   A . n 
A 1 68 GLU 68 68 ?  ?   ?   A . n 
A 1 69 LYS 69 69 ?  ?   ?   A . n 
A 1 70 ALA 70 70 ?  ?   ?   A . n 
A 1 71 LYS 71 71 ?  ?   ?   A . n 
A 1 72 ALA 72 72 ?  ?   ?   A . n 
A 1 73 LYS 73 73 ?  ?   ?   A . n 
A 1 74 LYS 74 74 ?  ?   ?   A . n 
B 1 1  MET 1  1  ?  ?   ?   B . n 
B 1 2  ALA 2  2  ?  ?   ?   B . n 
B 1 3  THR 3  3  ?  ?   ?   B . n 
B 1 4  ASP 4  4  4  ASP ASP B . n 
B 1 5  LEU 5  5  5  LEU LEU B . n 
B 1 6  ILE 6  6  6  ILE ILE B . n 
B 1 7  MET 7  7  7  MET MET B . n 
B 1 8  THR 8  8  8  THR THR B . n 
B 1 9  ILE 9  9  9  ILE ILE B . n 
B 1 10 LEU 10 10 10 LEU LEU B . n 
B 1 11 PRO 11 11 11 PRO PRO B . n 
B 1 12 GLY 12 12 12 GLY GLY B . n 
B 1 13 MET 13 13 13 MET MET B . n 
B 1 14 THR 14 14 14 THR THR B . n 
B 1 15 VAL 15 15 15 VAL VAL B . n 
B 1 16 LYS 16 16 16 LYS LYS B . n 
B 1 17 VAL 17 17 17 VAL VAL B . n 
B 1 18 THR 18 18 18 THR THR B . n 
B 1 19 ASN 19 19 19 ASN ASN B . n 
B 1 20 PRO 20 20 20 PRO PRO B . n 
B 1 21 ASN 21 21 21 ASN ASN B . n 
B 1 22 ASP 22 22 22 ASP ASP B . n 
B 1 23 THR 23 23 23 THR THR B . n 
B 1 24 TYR 24 24 24 TYR TYR B . n 
B 1 25 TYR 25 25 25 TYR TYR B . n 
B 1 26 GLN 26 26 26 GLN GLN B . n 
B 1 27 PHE 27 27 27 PHE PHE B . n 
B 1 28 GLN 28 28 28 GLN GLN B . n 
B 1 29 GLY 29 29 29 GLY GLY B . n 
B 1 30 ILE 30 30 30 ILE ILE B . n 
B 1 31 VAL 31 31 31 VAL VAL B . n 
B 1 32 GLN 32 32 32 GLN GLN B . n 
B 1 33 ARG 33 33 33 ARG ARG B . n 
B 1 34 ILE 34 34 34 ILE ILE B . n 
B 1 35 THR 35 35 35 THR THR B . n 
B 1 36 ASP 36 36 36 ASP ASP B . n 
B 1 37 GLY 37 37 37 GLY GLY B . n 
B 1 38 LYS 38 38 38 LYS LYS B . n 
B 1 39 VAL 39 39 39 VAL VAL B . n 
B 1 40 ALA 40 40 40 ALA ALA B . n 
B 1 41 VAL 41 41 41 VAL VAL B . n 
B 1 42 LEU 42 42 42 LEU LEU B . n 
B 1 43 PHE 43 43 43 PHE PHE B . n 
B 1 44 GLU 44 44 44 GLU GLU B . n 
B 1 45 GLY 45 45 45 GLY GLY B . n 
B 1 46 GLY 46 46 46 GLY GLY B . n 
B 1 47 ASN 47 47 47 ASN ASN B . n 
B 1 48 TRP 48 48 48 TRP TRP B . n 
B 1 49 ASP 49 49 49 ASP ASP B . n 
B 1 50 LYS 50 50 50 LYS LYS B . n 
B 1 51 LEU 51 51 51 LEU LEU B . n 
B 1 52 VAL 52 52 52 VAL VAL B . n 
B 1 53 THR 53 53 53 THR THR B . n 
B 1 54 PHE 54 54 54 PHE PHE B . n 
B 1 55 GLN 55 55 55 GLN GLN B . n 
B 1 56 ALA 56 56 56 ALA ALA B . n 
B 1 57 SER 57 57 57 SER SER B . n 
B 1 58 GLU 58 58 58 GLU GLU B . n 
B 1 59 LEU 59 59 59 LEU LEU B . n 
B 1 60 GLU 60 60 60 GLU GLU B . n 
B 1 61 PRO 61 61 61 PRO PRO B . n 
B 1 62 VAL 62 62 62 VAL VAL B . n 
B 1 63 VAL 63 63 ?  ?   ?   B . n 
B 1 64 VAL 64 64 ?  ?   ?   B . n 
B 1 65 THR 65 65 ?  ?   ?   B . n 
B 1 66 PRO 66 66 ?  ?   ?   B . n 
B 1 67 LYS 67 67 ?  ?   ?   B . n 
B 1 68 GLU 68 68 ?  ?   ?   B . n 
B 1 69 LYS 69 69 ?  ?   ?   B . n 
B 1 70 ALA 70 70 ?  ?   ?   B . n 
B 1 71 LYS 71 71 ?  ?   ?   B . n 
B 1 72 ALA 72 72 ?  ?   ?   B . n 
B 1 73 LYS 73 73 ?  ?   ?   B . n 
B 1 74 LYS 74 74 ?  ?   ?   B . n 
# 
loop_
_pdbx_nonpoly_scheme.asym_id 
_pdbx_nonpoly_scheme.entity_id 
_pdbx_nonpoly_scheme.mon_id 
_pdbx_nonpoly_scheme.ndb_seq_num 
_pdbx_nonpoly_scheme.pdb_seq_num 
_pdbx_nonpoly_scheme.auth_seq_num 
_pdbx_nonpoly_scheme.pdb_mon_id 
_pdbx_nonpoly_scheme.auth_mon_id 
_pdbx_nonpoly_scheme.pdb_strand_id 
_pdbx_nonpoly_scheme.pdb_ins_code 
C 2 ACY 1  101 1   ACY ACY A . 
D 2 ACY 1  101 2   ACY ACY B . 
E 3 HOH 1  201 68  HOH HOH A . 
E 3 HOH 2  202 90  HOH HOH A . 
E 3 HOH 3  203 89  HOH HOH A . 
E 3 HOH 4  204 69  HOH HOH A . 
E 3 HOH 5  205 26  HOH HOH A . 
E 3 HOH 6  206 35  HOH HOH A . 
E 3 HOH 7  207 45  HOH HOH A . 
E 3 HOH 8  208 103 HOH HOH A . 
E 3 HOH 9  209 7   HOH HOH A . 
E 3 HOH 10 210 43  HOH HOH A . 
E 3 HOH 11 211 46  HOH HOH A . 
E 3 HOH 12 212 28  HOH HOH A . 
E 3 HOH 13 213 20  HOH HOH A . 
E 3 HOH 14 214 47  HOH HOH A . 
E 3 HOH 15 215 39  HOH HOH A . 
E 3 HOH 16 216 108 HOH HOH A . 
E 3 HOH 17 217 16  HOH HOH A . 
E 3 HOH 18 218 14  HOH HOH A . 
E 3 HOH 19 219 5   HOH HOH A . 
E 3 HOH 20 220 41  HOH HOH A . 
E 3 HOH 21 221 24  HOH HOH A . 
E 3 HOH 22 222 37  HOH HOH A . 
E 3 HOH 23 223 84  HOH HOH A . 
E 3 HOH 24 224 48  HOH HOH A . 
E 3 HOH 25 225 86  HOH HOH A . 
E 3 HOH 26 226 36  HOH HOH A . 
E 3 HOH 27 227 27  HOH HOH A . 
E 3 HOH 28 228 3   HOH HOH A . 
E 3 HOH 29 229 75  HOH HOH A . 
E 3 HOH 30 230 109 HOH HOH A . 
E 3 HOH 31 231 99  HOH HOH A . 
E 3 HOH 32 232 60  HOH HOH A . 
E 3 HOH 33 233 105 HOH HOH A . 
E 3 HOH 34 234 15  HOH HOH A . 
E 3 HOH 35 235 106 HOH HOH A . 
E 3 HOH 36 236 25  HOH HOH A . 
E 3 HOH 37 237 55  HOH HOH A . 
E 3 HOH 38 238 87  HOH HOH A . 
E 3 HOH 39 239 51  HOH HOH A . 
E 3 HOH 40 240 98  HOH HOH A . 
E 3 HOH 41 241 63  HOH HOH A . 
E 3 HOH 42 242 101 HOH HOH A . 
E 3 HOH 43 243 64  HOH HOH A . 
E 3 HOH 44 244 9   HOH HOH A . 
E 3 HOH 45 245 93  HOH HOH A . 
E 3 HOH 46 246 33  HOH HOH A . 
E 3 HOH 47 247 80  HOH HOH A . 
E 3 HOH 48 248 94  HOH HOH A . 
F 3 HOH 1  201 23  HOH HOH B . 
F 3 HOH 2  202 78  HOH HOH B . 
F 3 HOH 3  203 56  HOH HOH B . 
F 3 HOH 4  204 70  HOH HOH B . 
F 3 HOH 5  205 6   HOH HOH B . 
F 3 HOH 6  206 49  HOH HOH B . 
F 3 HOH 7  207 1   HOH HOH B . 
F 3 HOH 8  208 8   HOH HOH B . 
F 3 HOH 9  209 42  HOH HOH B . 
F 3 HOH 10 210 21  HOH HOH B . 
F 3 HOH 11 211 2   HOH HOH B . 
F 3 HOH 12 212 17  HOH HOH B . 
F 3 HOH 13 213 88  HOH HOH B . 
F 3 HOH 14 214 31  HOH HOH B . 
F 3 HOH 15 215 54  HOH HOH B . 
F 3 HOH 16 216 12  HOH HOH B . 
F 3 HOH 17 217 29  HOH HOH B . 
F 3 HOH 18 218 4   HOH HOH B . 
F 3 HOH 19 219 19  HOH HOH B . 
F 3 HOH 20 220 18  HOH HOH B . 
F 3 HOH 21 221 22  HOH HOH B . 
F 3 HOH 22 222 85  HOH HOH B . 
F 3 HOH 23 223 79  HOH HOH B . 
F 3 HOH 24 224 10  HOH HOH B . 
F 3 HOH 25 225 52  HOH HOH B . 
F 3 HOH 26 226 100 HOH HOH B . 
F 3 HOH 27 227 72  HOH HOH B . 
F 3 HOH 28 228 13  HOH HOH B . 
F 3 HOH 29 229 97  HOH HOH B . 
F 3 HOH 30 230 92  HOH HOH B . 
F 3 HOH 31 231 38  HOH HOH B . 
F 3 HOH 32 232 50  HOH HOH B . 
F 3 HOH 33 233 83  HOH HOH B . 
F 3 HOH 34 234 59  HOH HOH B . 
F 3 HOH 35 235 102 HOH HOH B . 
F 3 HOH 36 236 104 HOH HOH B . 
F 3 HOH 37 237 66  HOH HOH B . 
F 3 HOH 38 238 53  HOH HOH B . 
F 3 HOH 39 239 65  HOH HOH B . 
F 3 HOH 40 240 32  HOH HOH B . 
F 3 HOH 41 241 81  HOH HOH B . 
F 3 HOH 42 242 91  HOH HOH B . 
F 3 HOH 43 243 62  HOH HOH B . 
F 3 HOH 44 244 74  HOH HOH B . 
F 3 HOH 45 245 76  HOH HOH B . 
F 3 HOH 46 246 40  HOH HOH B . 
F 3 HOH 47 247 58  HOH HOH B . 
F 3 HOH 48 248 11  HOH HOH B . 
F 3 HOH 49 249 71  HOH HOH B . 
F 3 HOH 50 250 30  HOH HOH B . 
F 3 HOH 51 251 73  HOH HOH B . 
F 3 HOH 52 252 57  HOH HOH B . 
F 3 HOH 53 253 44  HOH HOH B . 
F 3 HOH 54 254 34  HOH HOH B . 
F 3 HOH 55 255 77  HOH HOH B . 
F 3 HOH 56 256 107 HOH HOH B . 
F 3 HOH 57 257 61  HOH HOH B . 
F 3 HOH 58 258 82  HOH HOH B . 
# 
loop_
_pdbx_struct_assembly.id 
_pdbx_struct_assembly.details 
_pdbx_struct_assembly.method_details 
_pdbx_struct_assembly.oligomeric_details 
_pdbx_struct_assembly.oligomeric_count 
1 author_defined_assembly              ?    monomeric 1 
2 author_defined_assembly              ?    monomeric 1 
3 author_and_software_defined_assembly PISA dimeric   2 
# 
loop_
_pdbx_struct_assembly_gen.assembly_id 
_pdbx_struct_assembly_gen.oper_expression 
_pdbx_struct_assembly_gen.asym_id_list 
1 1 A,C,E       
2 1 B,D,F       
3 1 A,B,C,D,E,F 
# 
loop_
_pdbx_struct_assembly_prop.biol_id 
_pdbx_struct_assembly_prop.type 
_pdbx_struct_assembly_prop.value 
_pdbx_struct_assembly_prop.details 
3 'ABSA (A^2)' 1370 ? 
3 MORE         -0   ? 
3 'SSA (A^2)'  7630 ? 
# 
_pdbx_struct_oper_list.id                   1 
_pdbx_struct_oper_list.type                 'identity operation' 
_pdbx_struct_oper_list.name                 1_555 
_pdbx_struct_oper_list.symmetry_operation   x,y,z 
_pdbx_struct_oper_list.matrix[1][1]         1.0000000000 
_pdbx_struct_oper_list.matrix[1][2]         0.0000000000 
_pdbx_struct_oper_list.matrix[1][3]         0.0000000000 
_pdbx_struct_oper_list.vector[1]            0.0000000000 
_pdbx_struct_oper_list.matrix[2][1]         0.0000000000 
_pdbx_struct_oper_list.matrix[2][2]         1.0000000000 
_pdbx_struct_oper_list.matrix[2][3]         0.0000000000 
_pdbx_struct_oper_list.vector[2]            0.0000000000 
_pdbx_struct_oper_list.matrix[3][1]         0.0000000000 
_pdbx_struct_oper_list.matrix[3][2]         0.0000000000 
_pdbx_struct_oper_list.matrix[3][3]         1.0000000000 
_pdbx_struct_oper_list.vector[3]            0.0000000000 
# 
loop_
_pdbx_audit_revision_history.ordinal 
_pdbx_audit_revision_history.data_content_type 
_pdbx_audit_revision_history.major_revision 
_pdbx_audit_revision_history.minor_revision 
_pdbx_audit_revision_history.revision_date 
1 'Structure model' 1 0 2019-01-16 
2 'Structure model' 1 1 2019-01-30 
3 'Structure model' 1 2 2023-11-22 
# 
_pdbx_audit_revision_details.ordinal             1 
_pdbx_audit_revision_details.revision_ordinal    1 
_pdbx_audit_revision_details.data_content_type   'Structure model' 
_pdbx_audit_revision_details.provider            repository 
_pdbx_audit_revision_details.type                'Initial release' 
_pdbx_audit_revision_details.description         ? 
_pdbx_audit_revision_details.details             ? 
# 
loop_
_pdbx_audit_revision_group.ordinal 
_pdbx_audit_revision_group.revision_ordinal 
_pdbx_audit_revision_group.data_content_type 
_pdbx_audit_revision_group.group 
1 2 'Structure model' 'Data collection'        
2 2 'Structure model' 'Database references'    
3 3 'Structure model' 'Data collection'        
4 3 'Structure model' 'Database references'    
5 3 'Structure model' 'Refinement description' 
# 
loop_
_pdbx_audit_revision_category.ordinal 
_pdbx_audit_revision_category.revision_ordinal 
_pdbx_audit_revision_category.data_content_type 
_pdbx_audit_revision_category.category 
1 2 'Structure model' citation                      
2 3 'Structure model' chem_comp_atom                
3 3 'Structure model' chem_comp_bond                
4 3 'Structure model' database_2                    
5 3 'Structure model' pdbx_initial_refinement_model 
6 3 'Structure model' struct_ncs_dom_lim            
# 
loop_
_pdbx_audit_revision_item.ordinal 
_pdbx_audit_revision_item.revision_ordinal 
_pdbx_audit_revision_item.data_content_type 
_pdbx_audit_revision_item.item 
1  2 'Structure model' '_citation.journal_volume'              
2  2 'Structure model' '_citation.page_first'                  
3  2 'Structure model' '_citation.page_last'                   
4  2 'Structure model' '_citation.year'                        
5  3 'Structure model' '_database_2.pdbx_DOI'                  
6  3 'Structure model' '_database_2.pdbx_database_accession'   
7  3 'Structure model' '_struct_ncs_dom_lim.beg_auth_comp_id'  
8  3 'Structure model' '_struct_ncs_dom_lim.beg_label_asym_id' 
9  3 'Structure model' '_struct_ncs_dom_lim.beg_label_comp_id' 
10 3 'Structure model' '_struct_ncs_dom_lim.beg_label_seq_id'  
11 3 'Structure model' '_struct_ncs_dom_lim.end_auth_comp_id'  
12 3 'Structure model' '_struct_ncs_dom_lim.end_label_asym_id' 
13 3 'Structure model' '_struct_ncs_dom_lim.end_label_comp_id' 
14 3 'Structure model' '_struct_ncs_dom_lim.end_label_seq_id'  
# 
loop_
_software.citation_id 
_software.classification 
_software.compiler_name 
_software.compiler_version 
_software.contact_author 
_software.contact_author_email 
_software.date 
_software.description 
_software.dependencies 
_software.hardware 
_software.language 
_software.location 
_software.mods 
_software.name 
_software.os 
_software.os_version 
_software.type 
_software.version 
_software.pdbx_ordinal 
? refinement       ? ? ? ? ? ? ? ? ? ? ? REFMAC ? ? ? 5.8.0189               1 
? 'data reduction' ? ? ? ? ? ? ? ? ? ? ? XDS    ? ? ? 'VERSION Jan 26, 2018' 2 
? 'data scaling'   ? ? ? ? ? ? ? ? ? ? ? XDS    ? ? ? 'VERSION Jan 26, 2018' 3 
? phasing          ? ? ? ? ? ? ? ? ? ? ? PHASER ? ? ? 2.8.2                  4 
# 
loop_
_pdbx_validate_close_contact.id 
_pdbx_validate_close_contact.PDB_model_num 
_pdbx_validate_close_contact.auth_atom_id_1 
_pdbx_validate_close_contact.auth_asym_id_1 
_pdbx_validate_close_contact.auth_comp_id_1 
_pdbx_validate_close_contact.auth_seq_id_1 
_pdbx_validate_close_contact.PDB_ins_code_1 
_pdbx_validate_close_contact.label_alt_id_1 
_pdbx_validate_close_contact.auth_atom_id_2 
_pdbx_validate_close_contact.auth_asym_id_2 
_pdbx_validate_close_contact.auth_comp_id_2 
_pdbx_validate_close_contact.auth_seq_id_2 
_pdbx_validate_close_contact.PDB_ins_code_2 
_pdbx_validate_close_contact.label_alt_id_2 
_pdbx_validate_close_contact.dist 
1  1 O   B HOH 239 ? ? O B HOH 257 ? ? 1.80 
2  1 O   B HOH 244 ? ? O B HOH 247 ? ? 1.87 
3  1 O   B HOH 242 ? ? O B HOH 249 ? ? 1.92 
4  1 O   B HOH 234 ? ? O B HOH 247 ? ? 1.95 
5  1 O   A HOH 234 ? ? O A HOH 244 ? ? 2.05 
6  1 O   A HOH 235 ? ? O A HOH 240 ? ? 2.11 
7  1 O   A HOH 202 ? ? O A HOH 243 ? ? 2.11 
8  1 OE1 A GLU 58  ? ? O A HOH 201 ? ? 2.14 
9  1 O   B HOH 251 ? ? O B HOH 255 ? ? 2.16 
10 1 O   A HOH 204 ? ? O A HOH 229 ? ? 2.16 
# 
loop_
_pdbx_validate_symm_contact.id 
_pdbx_validate_symm_contact.PDB_model_num 
_pdbx_validate_symm_contact.auth_atom_id_1 
_pdbx_validate_symm_contact.auth_asym_id_1 
_pdbx_validate_symm_contact.auth_comp_id_1 
_pdbx_validate_symm_contact.auth_seq_id_1 
_pdbx_validate_symm_contact.PDB_ins_code_1 
_pdbx_validate_symm_contact.label_alt_id_1 
_pdbx_validate_symm_contact.site_symmetry_1 
_pdbx_validate_symm_contact.auth_atom_id_2 
_pdbx_validate_symm_contact.auth_asym_id_2 
_pdbx_validate_symm_contact.auth_comp_id_2 
_pdbx_validate_symm_contact.auth_seq_id_2 
_pdbx_validate_symm_contact.PDB_ins_code_2 
_pdbx_validate_symm_contact.label_alt_id_2 
_pdbx_validate_symm_contact.site_symmetry_2 
_pdbx_validate_symm_contact.dist 
1 1 O B HOH 248 ? ? 1_555 O B HOH 248 ? ? 9_555 1.63 
2 1 O B HOH 248 ? ? 1_555 O B HOH 250 ? ? 9_555 1.94 
3 1 O A HOH 222 ? ? 1_555 O B HOH 246 ? ? 6_554 2.14 
# 
_pdbx_validate_rmsd_angle.id                         1 
_pdbx_validate_rmsd_angle.PDB_model_num              1 
_pdbx_validate_rmsd_angle.auth_atom_id_1             CB 
_pdbx_validate_rmsd_angle.auth_asym_id_1             B 
_pdbx_validate_rmsd_angle.auth_comp_id_1             ASP 
_pdbx_validate_rmsd_angle.auth_seq_id_1              49 
_pdbx_validate_rmsd_angle.PDB_ins_code_1             ? 
_pdbx_validate_rmsd_angle.label_alt_id_1             ? 
_pdbx_validate_rmsd_angle.auth_atom_id_2             CG 
_pdbx_validate_rmsd_angle.auth_asym_id_2             B 
_pdbx_validate_rmsd_angle.auth_comp_id_2             ASP 
_pdbx_validate_rmsd_angle.auth_seq_id_2              49 
_pdbx_validate_rmsd_angle.PDB_ins_code_2             ? 
_pdbx_validate_rmsd_angle.label_alt_id_2             ? 
_pdbx_validate_rmsd_angle.auth_atom_id_3             OD1 
_pdbx_validate_rmsd_angle.auth_asym_id_3             B 
_pdbx_validate_rmsd_angle.auth_comp_id_3             ASP 
_pdbx_validate_rmsd_angle.auth_seq_id_3              49 
_pdbx_validate_rmsd_angle.PDB_ins_code_3             ? 
_pdbx_validate_rmsd_angle.label_alt_id_3             ? 
_pdbx_validate_rmsd_angle.angle_value                125.21 
_pdbx_validate_rmsd_angle.angle_target_value         118.30 
_pdbx_validate_rmsd_angle.angle_deviation            6.91 
_pdbx_validate_rmsd_angle.angle_standard_deviation   0.90 
_pdbx_validate_rmsd_angle.linker_flag                N 
# 
loop_
_pdbx_validate_torsion.id 
_pdbx_validate_torsion.PDB_model_num 
_pdbx_validate_torsion.auth_comp_id 
_pdbx_validate_torsion.auth_asym_id 
_pdbx_validate_torsion.auth_seq_id 
_pdbx_validate_torsion.PDB_ins_code 
_pdbx_validate_torsion.label_alt_id 
_pdbx_validate_torsion.phi 
_pdbx_validate_torsion.psi 
1 1 GLN A 26 ? ? 78.68 -18.11 
2 1 GLN B 26 ? ? 75.12 -10.44 
# 
loop_
_pdbx_unobs_or_zero_occ_residues.id 
_pdbx_unobs_or_zero_occ_residues.PDB_model_num 
_pdbx_unobs_or_zero_occ_residues.polymer_flag 
_pdbx_unobs_or_zero_occ_residues.occupancy_flag 
_pdbx_unobs_or_zero_occ_residues.auth_asym_id 
_pdbx_unobs_or_zero_occ_residues.auth_comp_id 
_pdbx_unobs_or_zero_occ_residues.auth_seq_id 
_pdbx_unobs_or_zero_occ_residues.PDB_ins_code 
_pdbx_unobs_or_zero_occ_residues.label_asym_id 
_pdbx_unobs_or_zero_occ_residues.label_comp_id 
_pdbx_unobs_or_zero_occ_residues.label_seq_id 
1  1 Y 1 A VAL 63 ? A VAL 63 
2  1 Y 1 A VAL 64 ? A VAL 64 
3  1 Y 1 A THR 65 ? A THR 65 
4  1 Y 1 A PRO 66 ? A PRO 66 
5  1 Y 1 A LYS 67 ? A LYS 67 
6  1 Y 1 A GLU 68 ? A GLU 68 
7  1 Y 1 A LYS 69 ? A LYS 69 
8  1 Y 1 A ALA 70 ? A ALA 70 
9  1 Y 1 A LYS 71 ? A LYS 71 
10 1 Y 1 A ALA 72 ? A ALA 72 
11 1 Y 1 A LYS 73 ? A LYS 73 
12 1 Y 1 A LYS 74 ? A LYS 74 
13 1 Y 1 B MET 1  ? B MET 1  
14 1 Y 1 B ALA 2  ? B ALA 2  
15 1 Y 1 B THR 3  ? B THR 3  
16 1 Y 1 B VAL 63 ? B VAL 63 
17 1 Y 1 B VAL 64 ? B VAL 64 
18 1 Y 1 B THR 65 ? B THR 65 
19 1 Y 1 B PRO 66 ? B PRO 66 
20 1 Y 1 B LYS 67 ? B LYS 67 
21 1 Y 1 B GLU 68 ? B GLU 68 
22 1 Y 1 B LYS 69 ? B LYS 69 
23 1 Y 1 B ALA 70 ? B ALA 70 
24 1 Y 1 B LYS 71 ? B LYS 71 
25 1 Y 1 B ALA 72 ? B ALA 72 
26 1 Y 1 B LYS 73 ? B LYS 73 
27 1 Y 1 B LYS 74 ? B LYS 74 
# 
loop_
_chem_comp_atom.comp_id 
_chem_comp_atom.atom_id 
_chem_comp_atom.type_symbol 
_chem_comp_atom.pdbx_aromatic_flag 
_chem_comp_atom.pdbx_stereo_config 
_chem_comp_atom.pdbx_ordinal 
ACY C    C N N 1   
ACY O    O N N 2   
ACY OXT  O N N 3   
ACY CH3  C N N 4   
ACY HXT  H N N 5   
ACY H1   H N N 6   
ACY H2   H N N 7   
ACY H3   H N N 8   
ALA N    N N N 9   
ALA CA   C N S 10  
ALA C    C N N 11  
ALA O    O N N 12  
ALA CB   C N N 13  
ALA OXT  O N N 14  
ALA H    H N N 15  
ALA H2   H N N 16  
ALA HA   H N N 17  
ALA HB1  H N N 18  
ALA HB2  H N N 19  
ALA HB3  H N N 20  
ALA HXT  H N N 21  
ARG N    N N N 22  
ARG CA   C N S 23  
ARG C    C N N 24  
ARG O    O N N 25  
ARG CB   C N N 26  
ARG CG   C N N 27  
ARG CD   C N N 28  
ARG NE   N N N 29  
ARG CZ   C N N 30  
ARG NH1  N N N 31  
ARG NH2  N N N 32  
ARG OXT  O N N 33  
ARG H    H N N 34  
ARG H2   H N N 35  
ARG HA   H N N 36  
ARG HB2  H N N 37  
ARG HB3  H N N 38  
ARG HG2  H N N 39  
ARG HG3  H N N 40  
ARG HD2  H N N 41  
ARG HD3  H N N 42  
ARG HE   H N N 43  
ARG HH11 H N N 44  
ARG HH12 H N N 45  
ARG HH21 H N N 46  
ARG HH22 H N N 47  
ARG HXT  H N N 48  
ASN N    N N N 49  
ASN CA   C N S 50  
ASN C    C N N 51  
ASN O    O N N 52  
ASN CB   C N N 53  
ASN CG   C N N 54  
ASN OD1  O N N 55  
ASN ND2  N N N 56  
ASN OXT  O N N 57  
ASN H    H N N 58  
ASN H2   H N N 59  
ASN HA   H N N 60  
ASN HB2  H N N 61  
ASN HB3  H N N 62  
ASN HD21 H N N 63  
ASN HD22 H N N 64  
ASN HXT  H N N 65  
ASP N    N N N 66  
ASP CA   C N S 67  
ASP C    C N N 68  
ASP O    O N N 69  
ASP CB   C N N 70  
ASP CG   C N N 71  
ASP OD1  O N N 72  
ASP OD2  O N N 73  
ASP OXT  O N N 74  
ASP H    H N N 75  
ASP H2   H N N 76  
ASP HA   H N N 77  
ASP HB2  H N N 78  
ASP HB3  H N N 79  
ASP HD2  H N N 80  
ASP HXT  H N N 81  
GLN N    N N N 82  
GLN CA   C N S 83  
GLN C    C N N 84  
GLN O    O N N 85  
GLN CB   C N N 86  
GLN CG   C N N 87  
GLN CD   C N N 88  
GLN OE1  O N N 89  
GLN NE2  N N N 90  
GLN OXT  O N N 91  
GLN H    H N N 92  
GLN H2   H N N 93  
GLN HA   H N N 94  
GLN HB2  H N N 95  
GLN HB3  H N N 96  
GLN HG2  H N N 97  
GLN HG3  H N N 98  
GLN HE21 H N N 99  
GLN HE22 H N N 100 
GLN HXT  H N N 101 
GLU N    N N N 102 
GLU CA   C N S 103 
GLU C    C N N 104 
GLU O    O N N 105 
GLU CB   C N N 106 
GLU CG   C N N 107 
GLU CD   C N N 108 
GLU OE1  O N N 109 
GLU OE2  O N N 110 
GLU OXT  O N N 111 
GLU H    H N N 112 
GLU H2   H N N 113 
GLU HA   H N N 114 
GLU HB2  H N N 115 
GLU HB3  H N N 116 
GLU HG2  H N N 117 
GLU HG3  H N N 118 
GLU HE2  H N N 119 
GLU HXT  H N N 120 
GLY N    N N N 121 
GLY CA   C N N 122 
GLY C    C N N 123 
GLY O    O N N 124 
GLY OXT  O N N 125 
GLY H    H N N 126 
GLY H2   H N N 127 
GLY HA2  H N N 128 
GLY HA3  H N N 129 
GLY HXT  H N N 130 
HOH O    O N N 131 
HOH H1   H N N 132 
HOH H2   H N N 133 
ILE N    N N N 134 
ILE CA   C N S 135 
ILE C    C N N 136 
ILE O    O N N 137 
ILE CB   C N S 138 
ILE CG1  C N N 139 
ILE CG2  C N N 140 
ILE CD1  C N N 141 
ILE OXT  O N N 142 
ILE H    H N N 143 
ILE H2   H N N 144 
ILE HA   H N N 145 
ILE HB   H N N 146 
ILE HG12 H N N 147 
ILE HG13 H N N 148 
ILE HG21 H N N 149 
ILE HG22 H N N 150 
ILE HG23 H N N 151 
ILE HD11 H N N 152 
ILE HD12 H N N 153 
ILE HD13 H N N 154 
ILE HXT  H N N 155 
LEU N    N N N 156 
LEU CA   C N S 157 
LEU C    C N N 158 
LEU O    O N N 159 
LEU CB   C N N 160 
LEU CG   C N N 161 
LEU CD1  C N N 162 
LEU CD2  C N N 163 
LEU OXT  O N N 164 
LEU H    H N N 165 
LEU H2   H N N 166 
LEU HA   H N N 167 
LEU HB2  H N N 168 
LEU HB3  H N N 169 
LEU HG   H N N 170 
LEU HD11 H N N 171 
LEU HD12 H N N 172 
LEU HD13 H N N 173 
LEU HD21 H N N 174 
LEU HD22 H N N 175 
LEU HD23 H N N 176 
LEU HXT  H N N 177 
LYS N    N N N 178 
LYS CA   C N S 179 
LYS C    C N N 180 
LYS O    O N N 181 
LYS CB   C N N 182 
LYS CG   C N N 183 
LYS CD   C N N 184 
LYS CE   C N N 185 
LYS NZ   N N N 186 
LYS OXT  O N N 187 
LYS H    H N N 188 
LYS H2   H N N 189 
LYS HA   H N N 190 
LYS HB2  H N N 191 
LYS HB3  H N N 192 
LYS HG2  H N N 193 
LYS HG3  H N N 194 
LYS HD2  H N N 195 
LYS HD3  H N N 196 
LYS HE2  H N N 197 
LYS HE3  H N N 198 
LYS HZ1  H N N 199 
LYS HZ2  H N N 200 
LYS HZ3  H N N 201 
LYS HXT  H N N 202 
MET N    N N N 203 
MET CA   C N S 204 
MET C    C N N 205 
MET O    O N N 206 
MET CB   C N N 207 
MET CG   C N N 208 
MET SD   S N N 209 
MET CE   C N N 210 
MET OXT  O N N 211 
MET H    H N N 212 
MET H2   H N N 213 
MET HA   H N N 214 
MET HB2  H N N 215 
MET HB3  H N N 216 
MET HG2  H N N 217 
MET HG3  H N N 218 
MET HE1  H N N 219 
MET HE2  H N N 220 
MET HE3  H N N 221 
MET HXT  H N N 222 
PHE N    N N N 223 
PHE CA   C N S 224 
PHE C    C N N 225 
PHE O    O N N 226 
PHE CB   C N N 227 
PHE CG   C Y N 228 
PHE CD1  C Y N 229 
PHE CD2  C Y N 230 
PHE CE1  C Y N 231 
PHE CE2  C Y N 232 
PHE CZ   C Y N 233 
PHE OXT  O N N 234 
PHE H    H N N 235 
PHE H2   H N N 236 
PHE HA   H N N 237 
PHE HB2  H N N 238 
PHE HB3  H N N 239 
PHE HD1  H N N 240 
PHE HD2  H N N 241 
PHE HE1  H N N 242 
PHE HE2  H N N 243 
PHE HZ   H N N 244 
PHE HXT  H N N 245 
PRO N    N N N 246 
PRO CA   C N S 247 
PRO C    C N N 248 
PRO O    O N N 249 
PRO CB   C N N 250 
PRO CG   C N N 251 
PRO CD   C N N 252 
PRO OXT  O N N 253 
PRO H    H N N 254 
PRO HA   H N N 255 
PRO HB2  H N N 256 
PRO HB3  H N N 257 
PRO HG2  H N N 258 
PRO HG3  H N N 259 
PRO HD2  H N N 260 
PRO HD3  H N N 261 
PRO HXT  H N N 262 
SER N    N N N 263 
SER CA   C N S 264 
SER C    C N N 265 
SER O    O N N 266 
SER CB   C N N 267 
SER OG   O N N 268 
SER OXT  O N N 269 
SER H    H N N 270 
SER H2   H N N 271 
SER HA   H N N 272 
SER HB2  H N N 273 
SER HB3  H N N 274 
SER HG   H N N 275 
SER HXT  H N N 276 
THR N    N N N 277 
THR CA   C N S 278 
THR C    C N N 279 
THR O    O N N 280 
THR CB   C N R 281 
THR OG1  O N N 282 
THR CG2  C N N 283 
THR OXT  O N N 284 
THR H    H N N 285 
THR H2   H N N 286 
THR HA   H N N 287 
THR HB   H N N 288 
THR HG1  H N N 289 
THR HG21 H N N 290 
THR HG22 H N N 291 
THR HG23 H N N 292 
THR HXT  H N N 293 
TRP N    N N N 294 
TRP CA   C N S 295 
TRP C    C N N 296 
TRP O    O N N 297 
TRP CB   C N N 298 
TRP CG   C Y N 299 
TRP CD1  C Y N 300 
TRP CD2  C Y N 301 
TRP NE1  N Y N 302 
TRP CE2  C Y N 303 
TRP CE3  C Y N 304 
TRP CZ2  C Y N 305 
TRP CZ3  C Y N 306 
TRP CH2  C Y N 307 
TRP OXT  O N N 308 
TRP H    H N N 309 
TRP H2   H N N 310 
TRP HA   H N N 311 
TRP HB2  H N N 312 
TRP HB3  H N N 313 
TRP HD1  H N N 314 
TRP HE1  H N N 315 
TRP HE3  H N N 316 
TRP HZ2  H N N 317 
TRP HZ3  H N N 318 
TRP HH2  H N N 319 
TRP HXT  H N N 320 
TYR N    N N N 321 
TYR CA   C N S 322 
TYR C    C N N 323 
TYR O    O N N 324 
TYR CB   C N N 325 
TYR CG   C Y N 326 
TYR CD1  C Y N 327 
TYR CD2  C Y N 328 
TYR CE1  C Y N 329 
TYR CE2  C Y N 330 
TYR CZ   C Y N 331 
TYR OH   O N N 332 
TYR OXT  O N N 333 
TYR H    H N N 334 
TYR H2   H N N 335 
TYR HA   H N N 336 
TYR HB2  H N N 337 
TYR HB3  H N N 338 
TYR HD1  H N N 339 
TYR HD2  H N N 340 
TYR HE1  H N N 341 
TYR HE2  H N N 342 
TYR HH   H N N 343 
TYR HXT  H N N 344 
VAL N    N N N 345 
VAL CA   C N S 346 
VAL C    C N N 347 
VAL O    O N N 348 
VAL CB   C N N 349 
VAL CG1  C N N 350 
VAL CG2  C N N 351 
VAL OXT  O N N 352 
VAL H    H N N 353 
VAL H2   H N N 354 
VAL HA   H N N 355 
VAL HB   H N N 356 
VAL HG11 H N N 357 
VAL HG12 H N N 358 
VAL HG13 H N N 359 
VAL HG21 H N N 360 
VAL HG22 H N N 361 
VAL HG23 H N N 362 
VAL HXT  H N N 363 
# 
loop_
_chem_comp_bond.comp_id 
_chem_comp_bond.atom_id_1 
_chem_comp_bond.atom_id_2 
_chem_comp_bond.value_order 
_chem_comp_bond.pdbx_aromatic_flag 
_chem_comp_bond.pdbx_stereo_config 
_chem_comp_bond.pdbx_ordinal 
ACY C   O    doub N N 1   
ACY C   OXT  sing N N 2   
ACY C   CH3  sing N N 3   
ACY OXT HXT  sing N N 4   
ACY CH3 H1   sing N N 5   
ACY CH3 H2   sing N N 6   
ACY CH3 H3   sing N N 7   
ALA N   CA   sing N N 8   
ALA N   H    sing N N 9   
ALA N   H2   sing N N 10  
ALA CA  C    sing N N 11  
ALA CA  CB   sing N N 12  
ALA CA  HA   sing N N 13  
ALA C   O    doub N N 14  
ALA C   OXT  sing N N 15  
ALA CB  HB1  sing N N 16  
ALA CB  HB2  sing N N 17  
ALA CB  HB3  sing N N 18  
ALA OXT HXT  sing N N 19  
ARG N   CA   sing N N 20  
ARG N   H    sing N N 21  
ARG N   H2   sing N N 22  
ARG CA  C    sing N N 23  
ARG CA  CB   sing N N 24  
ARG CA  HA   sing N N 25  
ARG C   O    doub N N 26  
ARG C   OXT  sing N N 27  
ARG CB  CG   sing N N 28  
ARG CB  HB2  sing N N 29  
ARG CB  HB3  sing N N 30  
ARG CG  CD   sing N N 31  
ARG CG  HG2  sing N N 32  
ARG CG  HG3  sing N N 33  
ARG CD  NE   sing N N 34  
ARG CD  HD2  sing N N 35  
ARG CD  HD3  sing N N 36  
ARG NE  CZ   sing N N 37  
ARG NE  HE   sing N N 38  
ARG CZ  NH1  sing N N 39  
ARG CZ  NH2  doub N N 40  
ARG NH1 HH11 sing N N 41  
ARG NH1 HH12 sing N N 42  
ARG NH2 HH21 sing N N 43  
ARG NH2 HH22 sing N N 44  
ARG OXT HXT  sing N N 45  
ASN N   CA   sing N N 46  
ASN N   H    sing N N 47  
ASN N   H2   sing N N 48  
ASN CA  C    sing N N 49  
ASN CA  CB   sing N N 50  
ASN CA  HA   sing N N 51  
ASN C   O    doub N N 52  
ASN C   OXT  sing N N 53  
ASN CB  CG   sing N N 54  
ASN CB  HB2  sing N N 55  
ASN CB  HB3  sing N N 56  
ASN CG  OD1  doub N N 57  
ASN CG  ND2  sing N N 58  
ASN ND2 HD21 sing N N 59  
ASN ND2 HD22 sing N N 60  
ASN OXT HXT  sing N N 61  
ASP N   CA   sing N N 62  
ASP N   H    sing N N 63  
ASP N   H2   sing N N 64  
ASP CA  C    sing N N 65  
ASP CA  CB   sing N N 66  
ASP CA  HA   sing N N 67  
ASP C   O    doub N N 68  
ASP C   OXT  sing N N 69  
ASP CB  CG   sing N N 70  
ASP CB  HB2  sing N N 71  
ASP CB  HB3  sing N N 72  
ASP CG  OD1  doub N N 73  
ASP CG  OD2  sing N N 74  
ASP OD2 HD2  sing N N 75  
ASP OXT HXT  sing N N 76  
GLN N   CA   sing N N 77  
GLN N   H    sing N N 78  
GLN N   H2   sing N N 79  
GLN CA  C    sing N N 80  
GLN CA  CB   sing N N 81  
GLN CA  HA   sing N N 82  
GLN C   O    doub N N 83  
GLN C   OXT  sing N N 84  
GLN CB  CG   sing N N 85  
GLN CB  HB2  sing N N 86  
GLN CB  HB3  sing N N 87  
GLN CG  CD   sing N N 88  
GLN CG  HG2  sing N N 89  
GLN CG  HG3  sing N N 90  
GLN CD  OE1  doub N N 91  
GLN CD  NE2  sing N N 92  
GLN NE2 HE21 sing N N 93  
GLN NE2 HE22 sing N N 94  
GLN OXT HXT  sing N N 95  
GLU N   CA   sing N N 96  
GLU N   H    sing N N 97  
GLU N   H2   sing N N 98  
GLU CA  C    sing N N 99  
GLU CA  CB   sing N N 100 
GLU CA  HA   sing N N 101 
GLU C   O    doub N N 102 
GLU C   OXT  sing N N 103 
GLU CB  CG   sing N N 104 
GLU CB  HB2  sing N N 105 
GLU CB  HB3  sing N N 106 
GLU CG  CD   sing N N 107 
GLU CG  HG2  sing N N 108 
GLU CG  HG3  sing N N 109 
GLU CD  OE1  doub N N 110 
GLU CD  OE2  sing N N 111 
GLU OE2 HE2  sing N N 112 
GLU OXT HXT  sing N N 113 
GLY N   CA   sing N N 114 
GLY N   H    sing N N 115 
GLY N   H2   sing N N 116 
GLY CA  C    sing N N 117 
GLY CA  HA2  sing N N 118 
GLY CA  HA3  sing N N 119 
GLY C   O    doub N N 120 
GLY C   OXT  sing N N 121 
GLY OXT HXT  sing N N 122 
HOH O   H1   sing N N 123 
HOH O   H2   sing N N 124 
ILE N   CA   sing N N 125 
ILE N   H    sing N N 126 
ILE N   H2   sing N N 127 
ILE CA  C    sing N N 128 
ILE CA  CB   sing N N 129 
ILE CA  HA   sing N N 130 
ILE C   O    doub N N 131 
ILE C   OXT  sing N N 132 
ILE CB  CG1  sing N N 133 
ILE CB  CG2  sing N N 134 
ILE CB  HB   sing N N 135 
ILE CG1 CD1  sing N N 136 
ILE CG1 HG12 sing N N 137 
ILE CG1 HG13 sing N N 138 
ILE CG2 HG21 sing N N 139 
ILE CG2 HG22 sing N N 140 
ILE CG2 HG23 sing N N 141 
ILE CD1 HD11 sing N N 142 
ILE CD1 HD12 sing N N 143 
ILE CD1 HD13 sing N N 144 
ILE OXT HXT  sing N N 145 
LEU N   CA   sing N N 146 
LEU N   H    sing N N 147 
LEU N   H2   sing N N 148 
LEU CA  C    sing N N 149 
LEU CA  CB   sing N N 150 
LEU CA  HA   sing N N 151 
LEU C   O    doub N N 152 
LEU C   OXT  sing N N 153 
LEU CB  CG   sing N N 154 
LEU CB  HB2  sing N N 155 
LEU CB  HB3  sing N N 156 
LEU CG  CD1  sing N N 157 
LEU CG  CD2  sing N N 158 
LEU CG  HG   sing N N 159 
LEU CD1 HD11 sing N N 160 
LEU CD1 HD12 sing N N 161 
LEU CD1 HD13 sing N N 162 
LEU CD2 HD21 sing N N 163 
LEU CD2 HD22 sing N N 164 
LEU CD2 HD23 sing N N 165 
LEU OXT HXT  sing N N 166 
LYS N   CA   sing N N 167 
LYS N   H    sing N N 168 
LYS N   H2   sing N N 169 
LYS CA  C    sing N N 170 
LYS CA  CB   sing N N 171 
LYS CA  HA   sing N N 172 
LYS C   O    doub N N 173 
LYS C   OXT  sing N N 174 
LYS CB  CG   sing N N 175 
LYS CB  HB2  sing N N 176 
LYS CB  HB3  sing N N 177 
LYS CG  CD   sing N N 178 
LYS CG  HG2  sing N N 179 
LYS CG  HG3  sing N N 180 
LYS CD  CE   sing N N 181 
LYS CD  HD2  sing N N 182 
LYS CD  HD3  sing N N 183 
LYS CE  NZ   sing N N 184 
LYS CE  HE2  sing N N 185 
LYS CE  HE3  sing N N 186 
LYS NZ  HZ1  sing N N 187 
LYS NZ  HZ2  sing N N 188 
LYS NZ  HZ3  sing N N 189 
LYS OXT HXT  sing N N 190 
MET N   CA   sing N N 191 
MET N   H    sing N N 192 
MET N   H2   sing N N 193 
MET CA  C    sing N N 194 
MET CA  CB   sing N N 195 
MET CA  HA   sing N N 196 
MET C   O    doub N N 197 
MET C   OXT  sing N N 198 
MET CB  CG   sing N N 199 
MET CB  HB2  sing N N 200 
MET CB  HB3  sing N N 201 
MET CG  SD   sing N N 202 
MET CG  HG2  sing N N 203 
MET CG  HG3  sing N N 204 
MET SD  CE   sing N N 205 
MET CE  HE1  sing N N 206 
MET CE  HE2  sing N N 207 
MET CE  HE3  sing N N 208 
MET OXT HXT  sing N N 209 
PHE N   CA   sing N N 210 
PHE N   H    sing N N 211 
PHE N   H2   sing N N 212 
PHE CA  C    sing N N 213 
PHE CA  CB   sing N N 214 
PHE CA  HA   sing N N 215 
PHE C   O    doub N N 216 
PHE C   OXT  sing N N 217 
PHE CB  CG   sing N N 218 
PHE CB  HB2  sing N N 219 
PHE CB  HB3  sing N N 220 
PHE CG  CD1  doub Y N 221 
PHE CG  CD2  sing Y N 222 
PHE CD1 CE1  sing Y N 223 
PHE CD1 HD1  sing N N 224 
PHE CD2 CE2  doub Y N 225 
PHE CD2 HD2  sing N N 226 
PHE CE1 CZ   doub Y N 227 
PHE CE1 HE1  sing N N 228 
PHE CE2 CZ   sing Y N 229 
PHE CE2 HE2  sing N N 230 
PHE CZ  HZ   sing N N 231 
PHE OXT HXT  sing N N 232 
PRO N   CA   sing N N 233 
PRO N   CD   sing N N 234 
PRO N   H    sing N N 235 
PRO CA  C    sing N N 236 
PRO CA  CB   sing N N 237 
PRO CA  HA   sing N N 238 
PRO C   O    doub N N 239 
PRO C   OXT  sing N N 240 
PRO CB  CG   sing N N 241 
PRO CB  HB2  sing N N 242 
PRO CB  HB3  sing N N 243 
PRO CG  CD   sing N N 244 
PRO CG  HG2  sing N N 245 
PRO CG  HG3  sing N N 246 
PRO CD  HD2  sing N N 247 
PRO CD  HD3  sing N N 248 
PRO OXT HXT  sing N N 249 
SER N   CA   sing N N 250 
SER N   H    sing N N 251 
SER N   H2   sing N N 252 
SER CA  C    sing N N 253 
SER CA  CB   sing N N 254 
SER CA  HA   sing N N 255 
SER C   O    doub N N 256 
SER C   OXT  sing N N 257 
SER CB  OG   sing N N 258 
SER CB  HB2  sing N N 259 
SER CB  HB3  sing N N 260 
SER OG  HG   sing N N 261 
SER OXT HXT  sing N N 262 
THR N   CA   sing N N 263 
THR N   H    sing N N 264 
THR N   H2   sing N N 265 
THR CA  C    sing N N 266 
THR CA  CB   sing N N 267 
THR CA  HA   sing N N 268 
THR C   O    doub N N 269 
THR C   OXT  sing N N 270 
THR CB  OG1  sing N N 271 
THR CB  CG2  sing N N 272 
THR CB  HB   sing N N 273 
THR OG1 HG1  sing N N 274 
THR CG2 HG21 sing N N 275 
THR CG2 HG22 sing N N 276 
THR CG2 HG23 sing N N 277 
THR OXT HXT  sing N N 278 
TRP N   CA   sing N N 279 
TRP N   H    sing N N 280 
TRP N   H2   sing N N 281 
TRP CA  C    sing N N 282 
TRP CA  CB   sing N N 283 
TRP CA  HA   sing N N 284 
TRP C   O    doub N N 285 
TRP C   OXT  sing N N 286 
TRP CB  CG   sing N N 287 
TRP CB  HB2  sing N N 288 
TRP CB  HB3  sing N N 289 
TRP CG  CD1  doub Y N 290 
TRP CG  CD2  sing Y N 291 
TRP CD1 NE1  sing Y N 292 
TRP CD1 HD1  sing N N 293 
TRP CD2 CE2  doub Y N 294 
TRP CD2 CE3  sing Y N 295 
TRP NE1 CE2  sing Y N 296 
TRP NE1 HE1  sing N N 297 
TRP CE2 CZ2  sing Y N 298 
TRP CE3 CZ3  doub Y N 299 
TRP CE3 HE3  sing N N 300 
TRP CZ2 CH2  doub Y N 301 
TRP CZ2 HZ2  sing N N 302 
TRP CZ3 CH2  sing Y N 303 
TRP CZ3 HZ3  sing N N 304 
TRP CH2 HH2  sing N N 305 
TRP OXT HXT  sing N N 306 
TYR N   CA   sing N N 307 
TYR N   H    sing N N 308 
TYR N   H2   sing N N 309 
TYR CA  C    sing N N 310 
TYR CA  CB   sing N N 311 
TYR CA  HA   sing N N 312 
TYR C   O    doub N N 313 
TYR C   OXT  sing N N 314 
TYR CB  CG   sing N N 315 
TYR CB  HB2  sing N N 316 
TYR CB  HB3  sing N N 317 
TYR CG  CD1  doub Y N 318 
TYR CG  CD2  sing Y N 319 
TYR CD1 CE1  sing Y N 320 
TYR CD1 HD1  sing N N 321 
TYR CD2 CE2  doub Y N 322 
TYR CD2 HD2  sing N N 323 
TYR CE1 CZ   doub Y N 324 
TYR CE1 HE1  sing N N 325 
TYR CE2 CZ   sing Y N 326 
TYR CE2 HE2  sing N N 327 
TYR CZ  OH   sing N N 328 
TYR OH  HH   sing N N 329 
TYR OXT HXT  sing N N 330 
VAL N   CA   sing N N 331 
VAL N   H    sing N N 332 
VAL N   H2   sing N N 333 
VAL CA  C    sing N N 334 
VAL CA  CB   sing N N 335 
VAL CA  HA   sing N N 336 
VAL C   O    doub N N 337 
VAL C   OXT  sing N N 338 
VAL CB  CG1  sing N N 339 
VAL CB  CG2  sing N N 340 
VAL CB  HB   sing N N 341 
VAL CG1 HG11 sing N N 342 
VAL CG1 HG12 sing N N 343 
VAL CG1 HG13 sing N N 344 
VAL CG2 HG21 sing N N 345 
VAL CG2 HG22 sing N N 346 
VAL CG2 HG23 sing N N 347 
VAL OXT HXT  sing N N 348 
# 
_pdbx_audit_support.funding_organization   'Japan Science and Technology' 
_pdbx_audit_support.country                Japan 
_pdbx_audit_support.grant_number           ? 
_pdbx_audit_support.ordinal                1 
# 
loop_
_pdbx_entity_nonpoly.entity_id 
_pdbx_entity_nonpoly.name 
_pdbx_entity_nonpoly.comp_id 
2 'ACETIC ACID' ACY 
3 water         HOH 
# 
_pdbx_initial_refinement_model.id               1 
_pdbx_initial_refinement_model.entity_id_list   ? 
_pdbx_initial_refinement_model.type             'experimental model' 
_pdbx_initial_refinement_model.source_name      PDB 
_pdbx_initial_refinement_model.accession_code   3C4S 
_pdbx_initial_refinement_model.details          ? 
# 
_pdbx_struct_assembly_auth_evidence.id                     1 
_pdbx_struct_assembly_auth_evidence.assembly_id            1 
_pdbx_struct_assembly_auth_evidence.experimental_support   'gel filtration' 
_pdbx_struct_assembly_auth_evidence.details                'Purified NdhS sample is a monomer' 
# 
